data_7Z12
#
_entry.id   7Z12
#
_cell.length_a   1.00
_cell.length_b   1.00
_cell.length_c   1.00
_cell.angle_alpha   90.00
_cell.angle_beta   90.00
_cell.angle_gamma   90.00
#
_symmetry.space_group_name_H-M   'P 1'
#
loop_
_entity.id
_entity.type
_entity.pdbx_description
1 polymer 'PAM1.4, Heavy Chain'
2 polymer 'PAM1.4, light Chain'
3 polymer VAR2CSA
#
loop_
_entity_poly.entity_id
_entity_poly.type
_entity_poly.pdbx_seq_one_letter_code
_entity_poly.pdbx_strand_id
1 'polypeptide(L)'
;MGWSCIILFLVATATGVHSEVRLVEYGGRVVRPGGSLRLSCAAGGFDFDDYGMSWVRQAPGKGLEWVAGINWNALDKKYA
DSVKGRFTISRDNPKSSVYLQMTSLTAEDTALYYCARDLRNSIFATGALGNWGQGTLVIVSSASTKGPSVFPLAPSSKST
SGGTAALGCLVKDYFPEPVTVSWNSGALTSGVHTFPAVLQSSGLYSLSSVVTVPSSSLGTQTYICNVNHKPSNTKVDKKV
EPKSCDKTHTCPPCPAPELLGGPSVFLFPPKPKDTLMISRTPEVTCVVVDVSHEDPEVKFNWYVDGVEVHNAKTKPREEQ
YNSTYRVVSVLTVLHQDWLNGKEYKCKVSNKALPAPIEKTISKAKGQPREPQVYTLPPSRDELTKNQVSLTCLVKGFYPS
DIAVEWESNGQPENNYKTTPPVLDSDGSFFLYSKLTVDKSRWQQGNVFSCSVMHEALHNHYTQKSLSLSPGK
;
B
2 'polypeptide(L)'
;MGWSCIILFLVATATGVHCDIQMTQSPSSLSASIGDRVTITCRASQDIANYLAWYQQKPGTVPKLLIYAASTLLSGVPSR
FSGRQSGTHFTLTISSLQPEDVATYYCQKYNNAPAAFGQGTRLEIKRTVAAPSVFIFPPSDEQLKSGTASVVCLLNNFYP
REAKVQWKVDNALQSGNSQESVTEQDSKDSTYSLSSTLTLSKADYEKHKVYACEVTHQGLSSPVTKSFNRGEC
;
C
3 'polypeptide(L)'
;MDSTSTIANKIEEYLGAKSDDSKIDELLKADPSEVEYYRSGGDGDYLKNNICKITVNHSDSGKYDPCEKKLPPYDDNDQW
KCQQNSSDGSGKPENICVPPRRERLCTYNLENLKFDKIRDNNAFLADVLLTARNEGEKIVQNHPDTNSSNVCNALERSFA
DLADIIRGTDQWKGTNSNLEKNLKQMFAKIRENDKVLQDKYPKDQKYTKLREAWWNANRQKVWEVITCGARSNDLLIKRG
WRTSGKSDRKKNFELCRKCGHYEKEVPTKLDYVPQFLRWLTEWIEDFYREKQNLIDDMERHREECTREDHKSKEGTSYCS
TCKDKCKKYCECVKKWKTEWENQENKYKDLYEQNKNKTSQKNTSRYDDYVKDFFEKLEANYSSLENYIKGDPYFAEYATK
LSFILNPSDANNPSGETANHNDEACNCNESGISSVGQAQTSGPSSNKTCITHSSIKTNKKKECKDVKLGVRENDKDLKIC
VIEDTSLSGVDNCCCQDLLGILQENCSDNKRGSSSNDSCDNKNQDECQKKLEKVFASLTNGYKCDKCKSGTSRSKKKWIW
KKSSGNEEGLQEEYANTIGLPPRTQSLYLGNLPKLENVCEDVKDINFDTKEKFLAGCLIVSFHEGKNLKKRYPQNKNSGN
KENLCKALEYSFADYGDLIKGTSIWDNEYTKDLELNLQNNFGKLFGKYIKKNNTAEQDTSYSSLDELRESWWNTNKKYIW
TAMKHGAEMNITTCNADGSVTGSGSSCDDIPTIDLIPQYLRFLQEWVENFCEQRQAKVKDVITNCKSCKESGNKCKTECK
TKCKDECEKYKKFIEACGTAGGGIGTAGSPWSKRWDQIYKRYSKHIEDAKRNRKAGTKNCGTSSTTNAAASTDENKCVQS
DIDSFFKHLIDIGLTTPSSYLSNVLDDNICGADKAPWTTYTTYTTTEKCNKERDKSKSQSSDTLVVVNVPSPLGNTPYRY
KYACQCKIPTNEETCDDRKEYMNQWSCGSARTMKRGYKNDNYELCKYNGVDVKPTTVRSNSSKLDGNDVTFFNLFEQWNK
EIQYQIEQYMTNANISCIDEKEVLDSVSDEGTPKVRGGYEDGRNNNTDQGTNCKEKCKCYKLWIEKINDQWGKQKDNYNK
FRSKQIYDANKGSQNKKVVSLSNFLFFSCWEEYIQKYFNGDWSKIKNIGSDTFEFLIKKCGNNSAHGEEIFSEKLKNAEK
KCKENESTDTNINKSETSCDLNATNYIRGCQSKTYDGKIFPGKGGEKQWICKDTIIHGDTNGACIPPRTQNLCVGELWDK
SYGGRSNIKNDTKELLKEKIKNAIHKETELLYEYHDTGTAIISKNDKKGQKGKNDPNGLPKGFCHAVQRSFIDYKNMILG
TSVNIYEHIGKLQEDIKKIIEKGTPQQKDKIGGVGSSTENVNAWWKGIEREMWDAVRCAITKINKKNNNSIFNGDECGVS
PPTGNDEDQSVSWFKEWGEQFCIERLRYEQNIREACTINGKNEKKCINSKSGQGDKIQGACKRKCEKYKKYISEKKQEWD
KQKTKYENKYVGKSASDLLKENYPECISANFDFIFNDNIEYKTYYPYGDYSSICSCEQVKYYKYNNAEKKNNKSLCYEKD
NDMTWSKKYIKKLENGRSLEGVYVPPRRQQLCLYELFPIIIKNEEGMEKAKEELLETLQIVAEREAYYLWKQYNPTGKGI
DDANKKACCAIRGSFYDLEDIIKGNDLVHDEYTKYIDSKLNEIFGSSNTNDIDTKRARTDWWENETITNGTDRKTIRQLV
WDAMQSGVRYAVEEKNENFPLCMGVEHIGIAKPQFIRWLEEWTNEFCEKYTKYFEDMKSKCDPPKRADTCGDNSNIECKK
ACANYTNWLNPKRIEWNGMSNYYNKIYRKSNKESEDGKDYSMIMAPTVIDYLNKRCHGEINGNYICCSCKNIGAYNTTSG
TVNKKLQKKETECEEEKGPLDLMNEVLNKMDKKYSAHKMKCTEVYLEHVEEQLNEIDNAIKDYKLYPLDRCFDDQTKMKV
CDLIADAIGCKDKTKLDELDEWNDMDLRGTYNKHKGVLIP
;
A
#
# COMPACT_ATOMS: atom_id res chain seq x y z
N VAL A 21 -13.15 -14.29 19.36
CA VAL A 21 -13.65 -15.32 20.30
C VAL A 21 -13.81 -14.70 21.69
N ARG A 22 -13.27 -13.50 21.90
CA ARG A 22 -13.53 -12.84 23.20
C ARG A 22 -13.28 -11.35 23.06
N LEU A 23 -14.34 -10.55 23.00
CA LEU A 23 -14.19 -9.08 22.88
C LEU A 23 -14.84 -8.42 24.08
N VAL A 24 -14.13 -7.54 24.77
CA VAL A 24 -14.62 -6.78 25.92
C VAL A 24 -14.34 -5.31 25.69
N GLU A 25 -15.28 -4.46 26.06
CA GLU A 25 -15.11 -3.03 25.90
C GLU A 25 -14.94 -2.35 27.25
N TYR A 26 -14.21 -1.25 27.23
CA TYR A 26 -13.95 -0.42 28.40
C TYR A 26 -14.26 1.03 28.03
N GLY A 27 -14.60 1.81 29.05
CA GLY A 27 -14.83 3.23 28.87
C GLY A 27 -16.27 3.67 29.02
N GLY A 28 -17.21 2.76 29.27
CA GLY A 28 -18.57 3.17 29.48
C GLY A 28 -18.72 4.08 30.68
N ARG A 29 -19.24 5.27 30.46
CA ARG A 29 -19.24 6.27 31.52
C ARG A 29 -20.32 7.30 31.25
N VAL A 30 -20.70 8.03 32.29
CA VAL A 30 -21.64 9.13 32.14
C VAL A 30 -20.83 10.41 31.89
N VAL A 31 -21.07 11.05 30.75
CA VAL A 31 -20.30 12.22 30.34
C VAL A 31 -21.23 13.40 30.16
N ARG A 32 -20.69 14.59 30.41
CA ARG A 32 -21.44 15.81 30.16
C ARG A 32 -21.69 15.96 28.66
N PRO A 33 -22.80 16.59 28.28
CA PRO A 33 -23.04 16.83 26.85
C PRO A 33 -21.91 17.67 26.26
N GLY A 34 -21.53 17.33 25.03
CA GLY A 34 -20.44 18.00 24.36
C GLY A 34 -19.06 17.56 24.81
N GLY A 35 -18.97 16.63 25.76
CA GLY A 35 -17.69 16.17 26.25
C GLY A 35 -17.03 15.19 25.30
N SER A 36 -16.11 14.40 25.85
CA SER A 36 -15.38 13.42 25.08
C SER A 36 -15.24 12.14 25.88
N LEU A 37 -15.00 11.04 25.17
CA LEU A 37 -14.90 9.74 25.81
C LEU A 37 -14.22 8.76 24.87
N ARG A 38 -13.39 7.89 25.41
CA ARG A 38 -12.61 6.95 24.59
C ARG A 38 -12.99 5.53 24.99
N LEU A 39 -13.65 4.82 24.08
CA LEU A 39 -13.97 3.43 24.30
C LEU A 39 -12.86 2.54 23.74
N SER A 40 -12.66 1.40 24.38
CA SER A 40 -11.65 0.45 23.97
C SER A 40 -12.24 -0.94 23.86
N CYS A 41 -11.67 -1.76 22.99
CA CYS A 41 -12.14 -3.12 22.77
C CYS A 41 -10.93 -4.04 22.66
N ALA A 42 -10.89 -5.08 23.49
CA ALA A 42 -9.79 -6.02 23.52
C ALA A 42 -10.05 -7.16 22.54
N ALA A 43 -9.25 -8.23 22.62
CA ALA A 43 -9.45 -9.39 21.77
C ALA A 43 -8.76 -10.60 22.40
N GLY A 44 -9.39 -11.75 22.23
CA GLY A 44 -8.91 -12.98 22.85
C GLY A 44 -8.11 -13.90 21.95
N GLY A 45 -8.47 -15.19 21.94
CA GLY A 45 -7.78 -16.15 21.09
C GLY A 45 -7.81 -15.74 19.63
N PHE A 46 -8.83 -14.98 19.25
CA PHE A 46 -8.85 -14.19 18.03
C PHE A 46 -7.49 -13.60 17.67
N ASP A 47 -7.08 -13.84 16.42
CA ASP A 47 -5.85 -13.28 15.84
C ASP A 47 -6.20 -11.87 15.36
N PHE A 48 -6.04 -10.90 16.25
CA PHE A 48 -6.52 -9.55 15.98
C PHE A 48 -5.50 -8.77 15.15
N ASP A 49 -5.20 -9.30 13.98
CA ASP A 49 -4.22 -8.63 13.12
C ASP A 49 -4.64 -8.52 11.67
N ASP A 50 -5.53 -9.38 11.17
CA ASP A 50 -5.96 -9.31 9.79
C ASP A 50 -7.48 -9.34 9.67
N TYR A 51 -8.19 -9.01 10.73
CA TYR A 51 -9.64 -8.92 10.74
C TYR A 51 -10.08 -7.47 10.92
N GLY A 52 -11.03 -7.04 10.11
CA GLY A 52 -11.61 -5.73 10.30
C GLY A 52 -12.46 -5.66 11.55
N MET A 53 -12.58 -4.45 12.09
CA MET A 53 -13.37 -4.24 13.30
C MET A 53 -14.43 -3.20 13.03
N SER A 54 -15.48 -3.22 13.85
CA SER A 54 -16.56 -2.27 13.72
C SER A 54 -17.10 -1.92 15.10
N TRP A 55 -17.71 -0.76 15.19
CA TRP A 55 -18.41 -0.30 16.39
C TRP A 55 -19.86 -0.05 16.02
N VAL A 56 -20.76 -0.65 16.79
CA VAL A 56 -22.20 -0.58 16.54
C VAL A 56 -22.89 -0.17 17.83
N ARG A 57 -23.73 0.85 17.77
CA ARG A 57 -24.40 1.33 18.96
C ARG A 57 -25.88 1.02 18.90
N GLN A 58 -26.47 0.76 20.06
CA GLN A 58 -27.90 0.51 20.17
C GLN A 58 -28.46 1.41 21.26
N ALA A 59 -29.25 2.40 20.87
CA ALA A 59 -29.91 3.23 21.85
C ALA A 59 -30.91 2.39 22.64
N PRO A 60 -31.21 2.78 23.88
CA PRO A 60 -32.08 1.93 24.72
C PRO A 60 -33.44 1.72 24.06
N GLY A 61 -33.77 0.44 23.85
CA GLY A 61 -35.05 0.09 23.25
C GLY A 61 -35.23 0.56 21.83
N LYS A 62 -34.16 0.54 21.03
CA LYS A 62 -34.20 0.98 19.65
C LYS A 62 -33.47 -0.07 18.81
N GLY A 63 -33.24 0.26 17.55
CA GLY A 63 -32.55 -0.62 16.64
C GLY A 63 -31.07 -0.33 16.58
N LEU A 64 -30.30 -1.37 16.24
CA LEU A 64 -28.86 -1.21 16.14
C LEU A 64 -28.52 -0.23 15.03
N GLU A 65 -27.35 0.38 15.15
CA GLU A 65 -26.89 1.37 14.18
C GLU A 65 -25.38 1.25 14.07
N TRP A 66 -24.90 0.99 12.85
CA TRP A 66 -23.48 1.00 12.59
C TRP A 66 -22.92 2.38 12.90
N VAL A 67 -21.74 2.43 13.48
CA VAL A 67 -21.12 3.69 13.90
C VAL A 67 -19.76 3.88 13.25
N ALA A 68 -18.87 2.91 13.40
CA ALA A 68 -17.55 3.05 12.83
C ALA A 68 -17.03 1.72 12.33
N GLY A 69 -16.05 1.78 11.45
CA GLY A 69 -15.42 0.56 10.97
C GLY A 69 -13.99 0.81 10.55
N ILE A 70 -13.09 -0.09 10.90
CA ILE A 70 -11.68 0.09 10.60
C ILE A 70 -11.12 -1.18 9.97
N ASN A 71 -10.23 -0.98 9.00
CA ASN A 71 -9.65 -2.06 8.23
C ASN A 71 -8.70 -2.88 9.08
N TRP A 72 -8.09 -3.89 8.46
CA TRP A 72 -7.15 -4.73 9.18
C TRP A 72 -5.85 -3.97 9.49
N ASN A 73 -5.36 -3.18 8.53
CA ASN A 73 -4.15 -2.41 8.73
C ASN A 73 -4.42 -0.95 9.07
N ALA A 74 -5.68 -0.60 9.32
CA ALA A 74 -6.08 0.75 9.71
C ALA A 74 -5.81 1.78 8.62
N LEU A 75 -5.68 1.35 7.36
CA LEU A 75 -5.58 2.27 6.25
C LEU A 75 -6.93 2.66 5.69
N ASP A 76 -8.01 2.11 6.22
CA ASP A 76 -9.35 2.35 5.68
C ASP A 76 -10.29 2.47 6.88
N LYS A 77 -10.72 3.69 7.18
CA LYS A 77 -11.59 3.97 8.31
C LYS A 77 -12.85 4.63 7.80
N LYS A 78 -14.00 4.02 8.06
CA LYS A 78 -15.28 4.52 7.60
C LYS A 78 -16.16 4.84 8.79
N TYR A 79 -17.02 5.84 8.64
CA TYR A 79 -17.85 6.31 9.72
C TYR A 79 -19.28 6.46 9.24
N ALA A 80 -20.22 6.31 10.17
CA ALA A 80 -21.61 6.61 9.85
C ALA A 80 -21.77 8.10 9.60
N ASP A 81 -22.76 8.45 8.78
CA ASP A 81 -22.92 9.84 8.39
C ASP A 81 -23.18 10.73 9.59
N SER A 82 -24.01 10.27 10.52
CA SER A 82 -24.31 11.08 11.71
C SER A 82 -23.06 11.30 12.56
N VAL A 83 -22.38 10.21 12.91
CA VAL A 83 -21.16 10.31 13.71
C VAL A 83 -19.99 10.38 12.72
N LYS A 84 -19.72 11.59 12.23
CA LYS A 84 -18.60 11.80 11.34
C LYS A 84 -17.91 13.09 11.75
N GLY A 85 -16.59 13.04 11.86
CA GLY A 85 -15.85 14.17 12.38
C GLY A 85 -15.84 14.19 13.88
N ARG A 86 -16.96 13.80 14.49
CA ARG A 86 -17.07 13.67 15.93
C ARG A 86 -16.53 12.35 16.45
N PHE A 87 -16.32 11.38 15.58
CA PHE A 87 -15.88 10.05 15.99
C PHE A 87 -14.62 9.70 15.24
N THR A 88 -13.69 9.07 15.94
CA THR A 88 -12.44 8.60 15.35
C THR A 88 -12.22 7.17 15.79
N ILE A 89 -11.78 6.32 14.87
CA ILE A 89 -11.52 4.92 15.18
C ILE A 89 -10.05 4.64 14.93
N SER A 90 -9.48 3.74 15.72
CA SER A 90 -8.08 3.43 15.57
C SER A 90 -7.81 2.01 16.08
N ARG A 91 -6.73 1.42 15.57
CA ARG A 91 -6.29 0.12 16.05
C ARG A 91 -4.96 0.26 16.78
N ASP A 92 -4.61 -0.80 17.49
CA ASP A 92 -3.24 -0.99 17.98
C ASP A 92 -3.06 -2.51 18.05
N ASN A 93 -2.48 -3.05 16.99
CA ASN A 93 -2.40 -4.51 16.86
C ASN A 93 -1.48 -5.16 17.89
N PRO A 94 -0.28 -4.65 18.17
CA PRO A 94 0.52 -5.28 19.23
C PRO A 94 -0.17 -5.32 20.57
N LYS A 95 -0.86 -4.25 20.95
CA LYS A 95 -1.69 -4.27 22.14
C LYS A 95 -2.98 -5.04 21.92
N SER A 96 -3.29 -5.38 20.68
CA SER A 96 -4.51 -6.08 20.32
C SER A 96 -5.74 -5.36 20.86
N SER A 97 -5.87 -4.09 20.48
CA SER A 97 -7.01 -3.30 20.90
C SER A 97 -7.51 -2.46 19.74
N VAL A 98 -8.78 -2.06 19.84
CA VAL A 98 -9.36 -1.09 18.91
C VAL A 98 -10.10 -0.03 19.72
N TYR A 99 -9.85 1.23 19.42
CA TYR A 99 -10.36 2.35 20.21
C TYR A 99 -11.26 3.23 19.37
N LEU A 100 -12.25 3.82 20.04
CA LEU A 100 -13.14 4.80 19.45
C LEU A 100 -13.09 6.06 20.31
N GLN A 101 -12.54 7.13 19.76
CA GLN A 101 -12.49 8.42 20.41
C GLN A 101 -13.73 9.19 20.00
N MET A 102 -14.46 9.72 20.97
CA MET A 102 -15.74 10.35 20.75
C MET A 102 -15.65 11.77 21.28
N THR A 103 -16.07 12.75 20.49
CA THR A 103 -16.03 14.14 20.90
C THR A 103 -17.32 14.83 20.49
N SER A 104 -17.62 15.93 21.20
CA SER A 104 -18.83 16.69 20.99
C SER A 104 -20.07 15.82 21.12
N LEU A 105 -20.07 14.96 22.14
CA LEU A 105 -21.19 14.05 22.35
C LEU A 105 -22.47 14.82 22.64
N THR A 106 -23.53 14.44 21.96
CA THR A 106 -24.84 15.02 22.18
C THR A 106 -25.66 14.12 23.09
N ALA A 107 -26.83 14.60 23.48
CA ALA A 107 -27.73 13.81 24.31
C ALA A 107 -28.32 12.62 23.58
N GLU A 108 -28.18 12.56 22.27
CA GLU A 108 -28.76 11.49 21.47
C GLU A 108 -27.80 10.32 21.30
N ASP A 109 -26.51 10.50 21.58
CA ASP A 109 -25.56 9.42 21.44
C ASP A 109 -25.58 8.45 22.61
N THR A 110 -26.47 8.64 23.58
CA THR A 110 -26.61 7.69 24.68
C THR A 110 -26.98 6.33 24.15
N ALA A 111 -26.08 5.35 24.26
CA ALA A 111 -26.35 4.06 23.66
C ALA A 111 -25.46 3.00 24.30
N LEU A 112 -25.83 1.74 24.06
CA LEU A 112 -24.96 0.62 24.38
C LEU A 112 -24.06 0.35 23.18
N TYR A 113 -22.76 0.52 23.37
CA TYR A 113 -21.80 0.41 22.27
C TYR A 113 -21.15 -0.97 22.30
N TYR A 114 -21.27 -1.69 21.19
CA TYR A 114 -20.64 -2.98 20.99
C TYR A 114 -19.47 -2.82 20.03
N CYS A 115 -18.40 -3.56 20.29
CA CYS A 115 -17.35 -3.76 19.32
C CYS A 115 -17.51 -5.14 18.71
N ALA A 116 -17.36 -5.23 17.40
CA ALA A 116 -17.58 -6.46 16.68
C ALA A 116 -16.48 -6.68 15.68
N ARG A 117 -16.26 -7.93 15.32
CA ARG A 117 -15.26 -8.29 14.33
C ARG A 117 -15.94 -8.76 13.06
N ASP A 118 -15.32 -8.56 11.89
CA ASP A 118 -15.73 -9.36 10.75
C ASP A 118 -15.56 -10.82 11.10
N LEU A 119 -16.42 -11.67 10.54
CA LEU A 119 -16.12 -13.09 10.69
C LEU A 119 -15.20 -13.59 9.60
N ARG A 120 -14.75 -12.72 8.70
CA ARG A 120 -13.87 -13.09 7.61
C ARG A 120 -12.71 -12.13 7.59
N ASN A 121 -11.48 -12.65 7.65
CA ASN A 121 -10.34 -11.79 7.43
C ASN A 121 -10.33 -11.28 6.00
N SER A 122 -10.16 -9.98 5.85
CA SER A 122 -10.25 -9.36 4.54
C SER A 122 -9.57 -8.00 4.61
N ILE A 123 -9.67 -7.26 3.51
CA ILE A 123 -9.00 -5.98 3.37
C ILE A 123 -9.97 -4.81 3.46
N PHE A 124 -11.18 -5.04 3.97
CA PHE A 124 -12.20 -4.01 4.01
C PHE A 124 -12.56 -3.68 5.45
N ALA A 125 -13.02 -2.44 5.64
CA ALA A 125 -13.46 -2.01 6.96
C ALA A 125 -14.78 -2.66 7.34
N THR A 126 -15.75 -2.65 6.44
CA THR A 126 -17.08 -3.12 6.75
C THR A 126 -17.27 -4.56 6.31
N GLY A 127 -17.94 -5.35 7.15
CA GLY A 127 -18.24 -6.73 6.82
C GLY A 127 -19.22 -7.31 7.82
N ALA A 128 -19.54 -8.58 7.61
CA ALA A 128 -20.49 -9.26 8.48
C ALA A 128 -19.90 -9.41 9.87
N LEU A 129 -20.57 -8.86 10.87
CA LEU A 129 -20.05 -8.88 12.23
C LEU A 129 -20.34 -10.22 12.90
N GLY A 130 -19.34 -11.09 12.95
CA GLY A 130 -19.55 -12.42 13.45
C GLY A 130 -19.50 -12.53 14.96
N ASN A 131 -18.51 -11.91 15.59
CA ASN A 131 -18.36 -11.96 17.04
C ASN A 131 -18.52 -10.57 17.62
N TRP A 132 -19.34 -10.46 18.67
CA TRP A 132 -19.68 -9.19 19.29
C TRP A 132 -19.22 -9.18 20.74
N GLY A 133 -18.99 -7.98 21.25
CA GLY A 133 -18.67 -7.84 22.65
C GLY A 133 -19.92 -7.65 23.49
N GLN A 134 -19.72 -7.63 24.80
CA GLN A 134 -20.86 -7.41 25.70
C GLN A 134 -21.38 -5.99 25.59
N GLY A 135 -20.53 -5.05 25.24
CA GLY A 135 -20.98 -3.68 25.07
C GLY A 135 -20.89 -2.88 26.37
N THR A 136 -20.80 -1.57 26.21
CA THR A 136 -20.72 -0.65 27.34
C THR A 136 -21.72 0.47 27.18
N LEU A 137 -22.41 0.82 28.27
CA LEU A 137 -23.33 1.94 28.25
C LEU A 137 -22.55 3.24 28.20
N VAL A 138 -23.01 4.18 27.36
CA VAL A 138 -22.31 5.45 27.20
C VAL A 138 -23.28 6.58 27.51
N ILE A 139 -24.13 6.39 28.52
CA ILE A 139 -25.18 7.35 28.87
C ILE A 139 -24.63 8.76 28.88
N VAL A 140 -25.25 9.65 28.11
CA VAL A 140 -24.84 11.04 27.98
C VAL A 140 -25.96 11.92 28.51
N SER A 141 -25.66 12.71 29.53
CA SER A 141 -26.65 13.60 30.10
C SER A 141 -25.92 14.62 30.99
N SER A 142 -26.68 15.55 31.53
CA SER A 142 -26.17 16.55 32.46
C SER A 142 -26.75 16.34 33.84
N ALA A 143 -27.09 15.10 34.16
CA ALA A 143 -27.71 14.79 35.44
C ALA A 143 -26.63 14.69 36.52
N SER A 144 -26.99 14.21 37.70
CA SER A 144 -26.06 14.25 38.83
C SER A 144 -26.05 12.97 39.65
N THR A 145 -26.48 11.85 39.10
CA THR A 145 -26.49 10.56 39.80
C THR A 145 -27.27 10.69 41.11
N LYS A 146 -28.46 11.26 41.00
CA LYS A 146 -29.29 11.45 42.18
C LYS A 146 -30.07 10.18 42.48
N GLY A 147 -30.20 9.90 43.76
CA GLY A 147 -30.81 8.66 44.21
C GLY A 147 -32.30 8.60 43.90
N PRO A 148 -32.87 7.40 44.02
CA PRO A 148 -34.28 7.23 43.69
C PRO A 148 -35.19 7.80 44.76
N SER A 149 -36.44 8.04 44.36
CA SER A 149 -37.49 8.40 45.29
C SER A 149 -38.67 7.45 45.06
N VAL A 150 -39.08 6.75 46.11
CA VAL A 150 -40.12 5.74 46.01
C VAL A 150 -41.44 6.38 46.37
N PHE A 151 -42.48 6.10 45.59
CA PHE A 151 -43.81 6.60 45.87
C PHE A 151 -44.78 5.43 45.78
N PRO A 152 -45.66 5.25 46.76
CA PRO A 152 -46.61 4.13 46.70
C PRO A 152 -47.84 4.46 45.86
N LEU A 153 -48.54 3.41 45.42
CA LEU A 153 -49.77 3.54 44.64
C LEU A 153 -50.84 2.75 45.38
N ALA A 154 -51.64 3.46 46.18
CA ALA A 154 -52.65 2.79 46.97
C ALA A 154 -53.73 2.21 46.06
N PRO A 155 -54.27 1.05 46.39
CA PRO A 155 -55.42 0.51 45.66
C PRO A 155 -56.71 1.11 46.21
N SER A 156 -57.82 0.61 45.72
CA SER A 156 -59.13 1.09 46.15
C SER A 156 -60.13 -0.04 46.03
N SER A 157 -61.30 0.15 46.62
CA SER A 157 -62.41 -0.77 46.37
C SER A 157 -62.80 -0.79 44.90
N LYS A 158 -62.51 0.29 44.19
CA LYS A 158 -62.74 0.32 42.74
C LYS A 158 -61.76 -0.60 42.03
N SER A 159 -60.51 -0.64 42.48
CA SER A 159 -59.48 -1.47 41.85
C SER A 159 -59.75 -2.95 42.07
N THR A 160 -60.67 -3.31 42.96
CA THR A 160 -61.03 -4.72 43.18
C THR A 160 -61.89 -5.16 42.00
N SER A 161 -61.23 -5.38 40.87
CA SER A 161 -61.89 -5.70 39.62
C SER A 161 -61.79 -7.19 39.35
N GLY A 162 -62.93 -7.86 39.28
CA GLY A 162 -62.95 -9.31 39.07
C GLY A 162 -62.28 -10.08 40.19
N GLY A 163 -62.50 -9.67 41.43
CA GLY A 163 -61.82 -10.31 42.55
C GLY A 163 -60.32 -10.14 42.53
N THR A 164 -59.84 -9.10 41.85
CA THR A 164 -58.40 -8.90 41.69
C THR A 164 -58.08 -7.41 41.70
N ALA A 165 -57.23 -7.01 42.64
CA ALA A 165 -56.74 -5.65 42.71
C ALA A 165 -55.27 -5.64 42.31
N ALA A 166 -54.66 -4.46 42.37
CA ALA A 166 -53.26 -4.30 42.02
C ALA A 166 -52.58 -3.36 43.02
N LEU A 167 -51.33 -3.68 43.34
CA LEU A 167 -50.53 -2.89 44.26
C LEU A 167 -49.24 -2.51 43.56
N GLY A 168 -48.78 -1.29 43.76
CA GLY A 168 -47.56 -0.91 43.07
C GLY A 168 -46.83 0.22 43.77
N CYS A 169 -45.57 0.37 43.42
CA CYS A 169 -44.80 1.55 43.76
C CYS A 169 -44.07 2.02 42.52
N LEU A 170 -43.96 3.33 42.37
CA LEU A 170 -43.20 3.90 41.27
C LEU A 170 -41.91 4.50 41.82
N VAL A 171 -40.80 4.15 41.19
CA VAL A 171 -39.53 4.79 41.46
C VAL A 171 -39.41 6.00 40.53
N LYS A 172 -39.08 7.14 41.11
CA LYS A 172 -39.00 8.37 40.35
C LYS A 172 -37.63 9.02 40.53
N ASP A 173 -37.10 9.52 39.42
CA ASP A 173 -35.91 10.38 39.42
C ASP A 173 -34.70 9.67 40.03
N TYR A 174 -34.27 8.59 39.37
CA TYR A 174 -33.23 7.74 39.93
C TYR A 174 -32.04 7.59 39.01
N PHE A 175 -31.76 8.59 38.19
CA PHE A 175 -30.63 8.51 37.27
C PHE A 175 -29.37 8.12 38.04
N PRO A 176 -28.45 7.35 37.43
CA PRO A 176 -28.47 6.65 36.14
C PRO A 176 -28.67 5.16 36.30
N GLU A 177 -28.49 4.41 35.20
CA GLU A 177 -28.29 2.96 35.27
C GLU A 177 -29.41 2.26 36.02
N PRO A 178 -30.53 2.02 35.35
CA PRO A 178 -31.78 1.68 36.05
C PRO A 178 -31.65 0.55 37.07
N VAL A 179 -32.68 0.44 37.90
CA VAL A 179 -32.61 -0.16 39.23
C VAL A 179 -33.30 -1.51 39.20
N THR A 180 -32.88 -2.39 40.11
CA THR A 180 -33.64 -3.60 40.37
C THR A 180 -34.73 -3.31 41.39
N VAL A 181 -35.94 -3.79 41.09
CA VAL A 181 -37.08 -3.64 41.99
C VAL A 181 -37.70 -5.02 42.18
N SER A 182 -37.87 -5.43 43.42
CA SER A 182 -38.49 -6.69 43.78
C SER A 182 -39.67 -6.43 44.71
N TRP A 183 -40.43 -7.48 45.01
CA TRP A 183 -41.60 -7.36 45.86
C TRP A 183 -41.50 -8.39 46.98
N ASN A 184 -41.63 -7.92 48.22
CA ASN A 184 -41.55 -8.76 49.41
C ASN A 184 -40.29 -9.62 49.40
N SER A 185 -39.16 -8.95 49.16
CA SER A 185 -37.85 -9.61 49.09
C SER A 185 -37.85 -10.71 48.04
N GLY A 186 -38.55 -10.48 46.94
CA GLY A 186 -38.65 -11.45 45.88
C GLY A 186 -39.61 -12.59 46.13
N ALA A 187 -40.43 -12.50 47.17
CA ALA A 187 -41.41 -13.56 47.42
C ALA A 187 -42.46 -13.59 46.32
N LEU A 188 -42.97 -12.43 45.92
CA LEU A 188 -43.99 -12.36 44.89
C LEU A 188 -43.34 -12.41 43.52
N THR A 189 -43.79 -13.33 42.67
CA THR A 189 -43.34 -13.42 41.29
C THR A 189 -44.47 -13.28 40.30
N SER A 190 -45.62 -13.90 40.55
CA SER A 190 -46.72 -13.84 39.62
C SER A 190 -47.36 -12.46 39.60
N GLY A 191 -47.61 -11.94 38.42
CA GLY A 191 -48.28 -10.66 38.26
C GLY A 191 -47.39 -9.45 38.37
N VAL A 192 -46.10 -9.62 38.66
CA VAL A 192 -45.19 -8.49 38.84
C VAL A 192 -44.85 -7.96 37.45
N HIS A 193 -45.43 -6.83 37.08
CA HIS A 193 -45.15 -6.19 35.79
C HIS A 193 -44.35 -4.93 36.06
N THR A 194 -43.04 -5.10 36.18
CA THR A 194 -42.14 -3.97 36.38
C THR A 194 -41.88 -3.35 35.01
N PHE A 195 -42.38 -2.13 34.81
CA PHE A 195 -42.29 -1.53 33.50
C PHE A 195 -40.88 -1.00 33.24
N PRO A 196 -40.47 -0.96 31.98
CA PRO A 196 -39.14 -0.44 31.65
C PRO A 196 -38.98 1.00 32.05
N ALA A 197 -37.73 1.40 32.22
CA ALA A 197 -37.41 2.78 32.56
C ALA A 197 -37.89 3.73 31.47
N VAL A 198 -37.94 5.01 31.81
CA VAL A 198 -38.28 6.04 30.85
C VAL A 198 -37.59 7.33 31.25
N LEU A 199 -37.09 8.05 30.26
CA LEU A 199 -36.34 9.29 30.48
C LEU A 199 -37.31 10.45 30.32
N GLN A 200 -37.77 10.99 31.45
CA GLN A 200 -38.68 12.12 31.37
C GLN A 200 -37.91 13.42 31.12
N SER A 201 -38.66 14.52 31.00
CA SER A 201 -38.08 15.78 30.54
C SER A 201 -36.98 16.27 31.47
N SER A 202 -37.05 15.96 32.76
CA SER A 202 -36.07 16.50 33.71
C SER A 202 -34.69 15.90 33.52
N GLY A 203 -34.55 14.87 32.71
CA GLY A 203 -33.31 14.15 32.59
C GLY A 203 -33.11 13.06 33.62
N LEU A 204 -34.19 12.61 34.26
CA LEU A 204 -34.14 11.61 35.32
C LEU A 204 -35.02 10.44 34.93
N TYR A 205 -34.54 9.23 35.15
CA TYR A 205 -35.34 8.06 34.81
C TYR A 205 -36.47 7.86 35.82
N SER A 206 -37.48 7.11 35.41
CA SER A 206 -38.58 6.77 36.29
C SER A 206 -39.26 5.51 35.78
N LEU A 207 -39.93 4.80 36.67
CA LEU A 207 -40.67 3.60 36.30
C LEU A 207 -41.66 3.27 37.40
N SER A 208 -42.46 2.23 37.15
CA SER A 208 -43.38 1.69 38.13
C SER A 208 -43.24 0.17 38.14
N SER A 209 -43.64 -0.43 39.26
CA SER A 209 -43.46 -1.87 39.45
C SER A 209 -44.74 -2.50 39.97
N VAL A 210 -45.86 -2.22 39.31
CA VAL A 210 -47.14 -2.74 39.77
C VAL A 210 -47.15 -4.27 39.76
N VAL A 211 -48.09 -4.84 40.51
CA VAL A 211 -48.28 -6.28 40.58
C VAL A 211 -49.74 -6.55 40.87
N THR A 212 -50.30 -7.56 40.21
CA THR A 212 -51.71 -7.89 40.34
C THR A 212 -51.88 -9.01 41.34
N VAL A 213 -52.79 -8.82 42.30
CA VAL A 213 -53.03 -9.80 43.36
C VAL A 213 -54.53 -9.96 43.51
N PRO A 214 -54.97 -11.08 44.07
CA PRO A 214 -56.41 -11.24 44.33
C PRO A 214 -56.91 -10.17 45.29
N SER A 215 -58.03 -9.54 44.91
CA SER A 215 -58.58 -8.47 45.74
C SER A 215 -59.03 -8.98 47.10
N SER A 216 -59.35 -10.27 47.20
CA SER A 216 -59.64 -10.86 48.50
C SER A 216 -58.42 -10.81 49.42
N SER A 217 -57.22 -11.02 48.85
CA SER A 217 -55.99 -10.98 49.63
C SER A 217 -55.64 -9.57 50.08
N LEU A 218 -56.32 -8.55 49.57
CA LEU A 218 -56.05 -7.18 49.98
C LEU A 218 -56.30 -7.01 51.47
N GLY A 219 -55.34 -6.41 52.16
CA GLY A 219 -55.42 -6.22 53.59
C GLY A 219 -55.14 -7.46 54.41
N THR A 220 -54.92 -8.61 53.77
CA THR A 220 -54.67 -9.84 54.51
C THR A 220 -53.18 -10.01 54.79
N GLN A 221 -52.37 -10.07 53.74
CA GLN A 221 -50.93 -10.13 53.90
C GLN A 221 -50.34 -8.73 53.68
N THR A 222 -49.02 -8.62 53.81
CA THR A 222 -48.32 -7.36 53.70
C THR A 222 -47.51 -7.34 52.41
N TYR A 223 -47.44 -6.17 51.78
CA TYR A 223 -46.69 -5.98 50.55
C TYR A 223 -45.63 -4.91 50.76
N ILE A 224 -44.38 -5.25 50.48
CA ILE A 224 -43.28 -4.30 50.50
C ILE A 224 -42.53 -4.41 49.18
N CYS A 225 -42.23 -3.27 48.57
CA CYS A 225 -41.43 -3.24 47.37
C CYS A 225 -40.04 -2.73 47.70
N ASN A 226 -39.03 -3.38 47.12
CA ASN A 226 -37.65 -3.22 47.50
C ASN A 226 -36.88 -2.72 46.28
N VAL A 227 -36.26 -1.54 46.39
CA VAL A 227 -35.56 -0.95 45.26
C VAL A 227 -34.08 -0.87 45.59
N ASN A 228 -33.25 -1.10 44.57
CA ASN A 228 -31.79 -1.17 44.77
C ASN A 228 -31.13 -0.31 43.70
N HIS A 229 -30.88 0.96 44.03
CA HIS A 229 -30.17 1.84 43.11
C HIS A 229 -28.69 1.70 43.38
N LYS A 230 -28.05 0.78 42.65
CA LYS A 230 -26.62 0.55 42.78
C LYS A 230 -25.77 1.80 42.59
N PRO A 231 -25.97 2.62 41.55
CA PRO A 231 -25.07 3.78 41.36
C PRO A 231 -25.03 4.71 42.56
N SER A 232 -26.17 4.92 43.22
CA SER A 232 -26.20 5.73 44.43
C SER A 232 -26.15 4.90 45.70
N ASN A 233 -26.03 3.57 45.58
CA ASN A 233 -26.00 2.67 46.73
C ASN A 233 -27.20 2.91 47.64
N THR A 234 -28.36 3.13 47.04
CA THR A 234 -29.57 3.45 47.78
C THR A 234 -30.46 2.22 47.89
N LYS A 235 -30.90 1.92 49.10
CA LYS A 235 -31.74 0.77 49.38
C LYS A 235 -32.98 1.24 50.11
N VAL A 236 -34.11 1.22 49.43
CA VAL A 236 -35.38 1.66 50.00
C VAL A 236 -36.36 0.50 49.97
N ASP A 237 -36.98 0.23 51.11
CA ASP A 237 -37.82 -0.94 51.29
C ASP A 237 -39.16 -0.46 51.83
N LYS A 238 -40.11 -0.19 50.93
CA LYS A 238 -41.33 0.51 51.31
C LYS A 238 -42.50 -0.45 51.44
N LYS A 239 -43.17 -0.41 52.59
CA LYS A 239 -44.43 -1.11 52.78
C LYS A 239 -45.56 -0.29 52.19
N VAL A 240 -46.45 -0.94 51.44
CA VAL A 240 -47.58 -0.28 50.80
C VAL A 240 -48.87 -0.87 51.35
N GLU A 241 -49.80 0.01 51.71
CA GLU A 241 -51.16 -0.41 52.06
C GLU A 241 -51.96 -0.65 50.79
N ILE B 21 -26.59 4.90 2.97
CA ILE B 21 -27.58 4.19 2.17
C ILE B 21 -28.57 3.47 3.06
N GLN B 22 -29.86 3.69 2.78
CA GLN B 22 -30.92 3.17 3.61
C GLN B 22 -31.10 1.67 3.40
N MET B 23 -31.81 1.05 4.34
CA MET B 23 -32.21 -0.36 4.24
C MET B 23 -33.60 -0.46 4.83
N THR B 24 -34.62 -0.44 3.97
CA THR B 24 -35.99 -0.43 4.44
C THR B 24 -36.42 -1.86 4.75
N GLN B 25 -36.63 -2.15 6.02
CA GLN B 25 -37.01 -3.47 6.47
C GLN B 25 -38.45 -3.44 6.95
N SER B 26 -39.26 -4.38 6.48
CA SER B 26 -40.67 -4.41 6.81
C SER B 26 -41.20 -5.83 6.67
N PRO B 27 -42.24 -6.22 7.42
CA PRO B 27 -42.99 -5.41 8.38
C PRO B 27 -42.20 -5.19 9.65
N SER B 28 -42.66 -4.28 10.50
CA SER B 28 -41.89 -3.87 11.68
C SER B 28 -42.33 -4.61 12.93
N SER B 29 -43.52 -5.23 12.92
CA SER B 29 -44.01 -5.89 14.12
C SER B 29 -44.69 -7.21 13.80
N LEU B 30 -44.21 -7.92 12.78
CA LEU B 30 -44.83 -9.16 12.31
C LEU B 30 -45.22 -10.10 13.45
N SER B 31 -46.46 -10.55 13.44
CA SER B 31 -46.95 -11.52 14.41
C SER B 31 -47.11 -12.89 13.76
N ALA B 32 -46.99 -13.93 14.57
CA ALA B 32 -47.14 -15.29 14.08
C ALA B 32 -47.30 -16.21 15.28
N SER B 33 -47.55 -17.49 15.00
CA SER B 33 -47.69 -18.51 16.02
C SER B 33 -46.75 -19.66 15.70
N ILE B 34 -46.43 -20.43 16.74
CA ILE B 34 -45.48 -21.54 16.60
C ILE B 34 -45.99 -22.49 15.52
N GLY B 35 -45.09 -22.86 14.61
CA GLY B 35 -45.43 -23.72 13.50
C GLY B 35 -45.67 -23.01 12.19
N ASP B 36 -45.78 -21.69 12.21
CA ASP B 36 -46.03 -20.91 11.00
C ASP B 36 -44.74 -20.66 10.24
N ARG B 37 -44.89 -20.16 9.02
CA ARG B 37 -43.77 -19.66 8.23
C ARG B 37 -43.72 -18.15 8.40
N VAL B 38 -42.54 -17.63 8.66
CA VAL B 38 -42.33 -16.21 8.88
C VAL B 38 -41.39 -15.69 7.82
N THR B 39 -41.79 -14.59 7.16
CA THR B 39 -40.99 -14.01 6.10
C THR B 39 -40.72 -12.55 6.42
N ILE B 40 -39.46 -12.14 6.31
CA ILE B 40 -39.04 -10.78 6.59
C ILE B 40 -38.35 -10.23 5.36
N THR B 41 -38.67 -8.99 4.99
CA THR B 41 -38.13 -8.37 3.79
C THR B 41 -37.23 -7.19 4.16
N CYS B 42 -36.16 -7.02 3.39
CA CYS B 42 -35.15 -6.02 3.71
C CYS B 42 -34.72 -5.22 2.49
N ARG B 43 -35.67 -4.59 1.81
CA ARG B 43 -35.38 -3.92 0.56
C ARG B 43 -34.22 -2.95 0.71
N ALA B 44 -33.27 -3.04 -0.21
CA ALA B 44 -32.09 -2.18 -0.24
C ALA B 44 -32.25 -1.20 -1.39
N SER B 45 -32.02 0.09 -1.11
CA SER B 45 -32.21 1.10 -2.14
C SER B 45 -31.25 0.90 -3.32
N GLN B 46 -29.96 0.79 -3.03
CA GLN B 46 -28.97 0.63 -4.09
C GLN B 46 -28.70 -0.83 -4.37
N ASP B 47 -27.65 -1.12 -5.13
CA ASP B 47 -27.24 -2.48 -5.44
C ASP B 47 -26.15 -2.89 -4.45
N ILE B 48 -26.38 -4.00 -3.75
CA ILE B 48 -25.48 -4.57 -2.76
C ILE B 48 -25.24 -6.04 -3.03
N ALA B 49 -25.10 -6.43 -4.30
CA ALA B 49 -25.74 -7.62 -4.85
C ALA B 49 -26.04 -8.72 -3.83
N ASN B 50 -25.05 -9.20 -3.09
CA ASN B 50 -25.38 -10.13 -2.03
C ASN B 50 -24.62 -9.90 -0.73
N TYR B 51 -24.13 -8.68 -0.51
CA TYR B 51 -23.44 -8.38 0.73
C TYR B 51 -24.44 -8.02 1.82
N LEU B 52 -25.28 -8.97 2.21
CA LEU B 52 -26.25 -8.73 3.26
C LEU B 52 -26.19 -9.86 4.27
N ALA B 53 -26.26 -9.51 5.54
CA ALA B 53 -26.26 -10.48 6.62
C ALA B 53 -27.48 -10.24 7.50
N TRP B 54 -27.97 -11.31 8.11
CA TRP B 54 -29.13 -11.24 8.97
C TRP B 54 -28.71 -11.45 10.41
N TYR B 55 -29.22 -10.64 11.32
CA TYR B 55 -28.89 -10.72 12.73
C TYR B 55 -30.16 -10.92 13.53
N GLN B 56 -30.07 -11.82 14.52
CA GLN B 56 -31.15 -12.06 15.47
C GLN B 56 -30.72 -11.57 16.84
N GLN B 57 -31.59 -10.80 17.49
CA GLN B 57 -31.32 -10.32 18.83
C GLN B 57 -32.51 -10.61 19.72
N LYS B 58 -32.30 -11.42 20.73
CA LYS B 58 -33.26 -11.59 21.79
C LYS B 58 -33.12 -10.43 22.77
N PRO B 59 -34.14 -10.14 23.56
CA PRO B 59 -34.04 -9.03 24.51
C PRO B 59 -32.90 -9.23 25.49
N GLY B 60 -32.11 -8.19 25.68
CA GLY B 60 -31.07 -8.19 26.68
C GLY B 60 -29.84 -9.01 26.37
N THR B 61 -29.58 -9.29 25.10
CA THR B 61 -28.36 -10.01 24.72
C THR B 61 -27.72 -9.34 23.51
N VAL B 62 -26.53 -9.83 23.17
CA VAL B 62 -25.81 -9.35 22.00
C VAL B 62 -26.47 -9.93 20.75
N PRO B 63 -26.36 -9.30 19.60
CA PRO B 63 -26.91 -9.90 18.39
C PRO B 63 -26.13 -11.14 17.99
N LYS B 64 -26.77 -11.98 17.21
CA LYS B 64 -26.18 -13.21 16.70
C LYS B 64 -26.35 -13.23 15.20
N LEU B 65 -25.25 -13.39 14.47
CA LEU B 65 -25.31 -13.42 13.02
C LEU B 65 -25.83 -14.78 12.58
N LEU B 66 -26.95 -14.79 11.86
CA LEU B 66 -27.55 -16.03 11.38
C LEU B 66 -27.08 -16.35 9.96
N ILE B 67 -27.21 -15.41 9.04
CA ILE B 67 -26.94 -15.63 7.64
C ILE B 67 -26.03 -14.53 7.15
N TYR B 68 -25.05 -14.89 6.33
CA TYR B 68 -24.25 -13.92 5.61
C TYR B 68 -24.23 -14.29 4.14
N ALA B 69 -23.71 -13.41 3.31
CA ALA B 69 -23.78 -13.52 1.86
C ALA B 69 -25.20 -13.66 1.36
N ALA B 70 -26.16 -13.31 2.22
CA ALA B 70 -27.58 -13.24 1.93
C ALA B 70 -28.22 -14.62 1.81
N SER B 71 -27.42 -15.66 1.72
CA SER B 71 -27.98 -17.00 1.73
C SER B 71 -27.21 -17.96 2.63
N THR B 72 -25.91 -17.77 2.77
CA THR B 72 -25.06 -18.76 3.43
C THR B 72 -25.37 -18.78 4.91
N LEU B 73 -26.05 -19.84 5.35
CA LEU B 73 -26.34 -19.99 6.77
C LEU B 73 -25.05 -20.20 7.56
N LEU B 74 -24.91 -19.42 8.63
CA LEU B 74 -23.74 -19.57 9.50
C LEU B 74 -23.82 -20.88 10.25
N SER B 75 -22.66 -21.50 10.47
CA SER B 75 -22.61 -22.79 11.14
C SER B 75 -23.13 -22.70 12.56
N GLY B 76 -23.92 -23.69 12.96
CA GLY B 76 -24.53 -23.73 14.26
C GLY B 76 -25.94 -23.17 14.30
N VAL B 77 -26.31 -22.37 13.31
CA VAL B 77 -27.67 -21.84 13.22
C VAL B 77 -28.61 -22.98 12.86
N PRO B 78 -29.78 -23.09 13.48
CA PRO B 78 -30.73 -24.13 13.10
C PRO B 78 -31.10 -24.02 11.63
N SER B 79 -31.26 -25.18 10.99
CA SER B 79 -31.49 -25.21 9.56
C SER B 79 -32.87 -24.71 9.16
N ARG B 80 -33.76 -24.48 10.12
CA ARG B 80 -35.08 -23.95 9.78
C ARG B 80 -35.03 -22.53 9.25
N PHE B 81 -33.93 -21.82 9.46
CA PHE B 81 -33.75 -20.51 8.84
C PHE B 81 -33.31 -20.67 7.39
N SER B 82 -33.65 -19.68 6.58
CA SER B 82 -33.13 -19.62 5.22
C SER B 82 -33.14 -18.17 4.78
N GLY B 83 -32.29 -17.85 3.82
CA GLY B 83 -32.25 -16.51 3.26
C GLY B 83 -32.13 -16.57 1.76
N ARG B 84 -32.94 -15.77 1.08
CA ARG B 84 -32.87 -15.71 -0.36
C ARG B 84 -32.95 -14.27 -0.81
N GLN B 85 -32.65 -14.04 -2.09
CA GLN B 85 -32.51 -12.71 -2.63
C GLN B 85 -33.11 -12.65 -4.02
N SER B 86 -33.80 -11.55 -4.31
CA SER B 86 -34.32 -11.27 -5.65
C SER B 86 -33.98 -9.81 -5.95
N GLY B 87 -32.96 -9.61 -6.78
CA GLY B 87 -32.52 -8.27 -7.09
C GLY B 87 -32.01 -7.55 -5.86
N THR B 88 -32.79 -6.60 -5.36
CA THR B 88 -32.49 -5.93 -4.10
C THR B 88 -33.54 -6.21 -3.05
N HIS B 89 -34.33 -7.26 -3.21
CA HIS B 89 -35.24 -7.73 -2.18
C HIS B 89 -34.62 -8.95 -1.52
N PHE B 90 -34.28 -8.84 -0.24
CA PHE B 90 -33.73 -9.93 0.53
C PHE B 90 -34.78 -10.39 1.52
N THR B 91 -35.02 -11.69 1.58
CA THR B 91 -36.04 -12.23 2.48
C THR B 91 -35.42 -13.30 3.36
N LEU B 92 -35.66 -13.18 4.65
CA LEU B 92 -35.34 -14.20 5.63
C LEU B 92 -36.60 -15.00 5.95
N THR B 93 -36.50 -16.31 5.89
CA THR B 93 -37.66 -17.19 6.04
C THR B 93 -37.39 -18.17 7.16
N ILE B 94 -38.25 -18.17 8.16
CA ILE B 94 -38.27 -19.21 9.18
C ILE B 94 -39.39 -20.17 8.82
N SER B 95 -39.03 -21.40 8.46
CA SER B 95 -40.02 -22.36 7.98
C SER B 95 -40.96 -22.77 9.11
N SER B 96 -40.41 -23.12 10.26
CA SER B 96 -41.20 -23.59 11.41
C SER B 96 -40.83 -22.73 12.61
N LEU B 97 -41.63 -21.70 12.86
CA LEU B 97 -41.35 -20.80 13.98
C LEU B 97 -41.37 -21.56 15.30
N GLN B 98 -40.32 -21.37 16.10
CA GLN B 98 -40.16 -22.02 17.38
C GLN B 98 -40.15 -20.98 18.48
N PRO B 99 -40.54 -21.35 19.71
CA PRO B 99 -40.62 -20.35 20.78
C PRO B 99 -39.28 -19.72 21.11
N GLU B 100 -38.17 -20.31 20.71
CA GLU B 100 -36.86 -19.72 20.91
C GLU B 100 -36.41 -18.87 19.74
N ASP B 101 -37.28 -18.65 18.76
CA ASP B 101 -36.99 -17.78 17.63
C ASP B 101 -37.67 -16.42 17.75
N VAL B 102 -38.35 -16.16 18.87
CA VAL B 102 -39.01 -14.89 19.08
C VAL B 102 -37.94 -13.85 19.43
N ALA B 103 -37.68 -12.94 18.52
CA ALA B 103 -36.60 -11.96 18.67
C ALA B 103 -36.80 -10.88 17.63
N THR B 104 -35.78 -10.02 17.47
CA THR B 104 -35.76 -9.01 16.44
C THR B 104 -34.72 -9.37 15.40
N TYR B 105 -35.02 -9.15 14.13
CA TYR B 105 -34.13 -9.48 13.04
C TYR B 105 -33.80 -8.22 12.25
N TYR B 106 -32.54 -8.08 11.86
CA TYR B 106 -32.02 -6.76 11.55
C TYR B 106 -31.50 -6.56 10.13
N CYS B 107 -30.99 -7.59 9.45
CA CYS B 107 -30.62 -7.50 8.03
C CYS B 107 -29.70 -6.30 7.75
N GLN B 108 -28.50 -6.40 8.29
CA GLN B 108 -27.45 -5.41 8.09
C GLN B 108 -26.72 -5.70 6.78
N LYS B 109 -26.59 -4.68 5.93
CA LYS B 109 -25.84 -4.85 4.69
C LYS B 109 -24.43 -4.35 4.92
N TYR B 110 -23.47 -4.98 4.24
CA TYR B 110 -22.08 -4.68 4.51
C TYR B 110 -21.27 -4.59 3.22
N ASN B 111 -21.85 -4.00 2.17
CA ASN B 111 -21.08 -3.97 0.93
C ASN B 111 -19.94 -2.96 1.02
N ASN B 112 -20.23 -1.66 1.05
CA ASN B 112 -19.10 -0.76 1.20
C ASN B 112 -19.14 0.28 2.31
N ALA B 113 -19.96 1.31 2.16
CA ALA B 113 -19.62 2.52 2.92
C ALA B 113 -20.26 2.60 4.30
N PRO B 114 -21.60 2.65 4.43
CA PRO B 114 -22.18 2.92 5.75
C PRO B 114 -22.64 1.67 6.46
N ALA B 115 -22.58 0.52 5.78
CA ALA B 115 -22.87 -0.78 6.38
C ALA B 115 -24.09 -0.75 7.32
N ALA B 116 -25.11 0.02 6.95
CA ALA B 116 -26.17 0.34 7.90
C ALA B 116 -27.08 -0.86 8.14
N PHE B 117 -27.60 -0.95 9.35
CA PHE B 117 -28.53 -2.01 9.71
C PHE B 117 -29.92 -1.68 9.18
N GLY B 118 -30.80 -2.67 9.24
CA GLY B 118 -32.18 -2.45 8.92
C GLY B 118 -32.93 -1.82 10.07
N GLN B 119 -34.20 -1.53 9.81
CA GLN B 119 -35.03 -0.93 10.86
C GLN B 119 -35.23 -1.90 12.01
N GLY B 120 -35.44 -3.18 11.71
CA GLY B 120 -35.61 -4.17 12.74
C GLY B 120 -37.03 -4.70 12.81
N THR B 121 -37.20 -6.00 12.58
CA THR B 121 -38.51 -6.64 12.63
C THR B 121 -38.61 -7.45 13.91
N ARG B 122 -39.66 -7.22 14.69
CA ARG B 122 -39.82 -7.83 16.00
C ARG B 122 -40.93 -8.86 15.92
N LEU B 123 -40.58 -10.14 16.04
CA LEU B 123 -41.61 -11.18 16.05
C LEU B 123 -42.28 -11.27 17.41
N GLU B 124 -43.55 -11.64 17.40
CA GLU B 124 -44.30 -11.85 18.63
C GLU B 124 -45.22 -13.05 18.47
N ILE B 125 -45.53 -13.68 19.59
CA ILE B 125 -46.46 -14.81 19.59
C ILE B 125 -47.87 -14.29 19.37
N LYS B 126 -48.59 -14.90 18.44
CA LYS B 126 -49.96 -14.50 18.15
C LYS B 126 -50.91 -15.37 18.97
N ARG B 127 -51.76 -14.73 19.76
CA ARG B 127 -52.69 -15.42 20.64
C ARG B 127 -54.09 -14.83 20.45
N THR B 128 -55.04 -15.35 21.20
CA THR B 128 -56.40 -14.86 21.14
C THR B 128 -56.47 -13.44 21.71
N VAL B 129 -57.44 -12.67 21.21
CA VAL B 129 -57.62 -11.31 21.69
C VAL B 129 -58.01 -11.32 23.16
N ALA B 130 -57.49 -10.34 23.90
CA ALA B 130 -57.81 -10.19 25.31
C ALA B 130 -58.25 -8.75 25.57
N ALA B 131 -58.45 -8.41 26.83
CA ALA B 131 -58.87 -7.09 27.22
C ALA B 131 -58.06 -6.59 28.40
N PRO B 132 -57.56 -5.36 28.34
CA PRO B 132 -56.78 -4.82 29.46
C PRO B 132 -57.65 -4.65 30.70
N SER B 133 -57.11 -5.07 31.84
CA SER B 133 -57.73 -4.78 33.13
C SER B 133 -57.30 -3.39 33.53
N VAL B 134 -58.14 -2.40 33.25
CA VAL B 134 -57.76 -1.00 33.39
C VAL B 134 -57.72 -0.62 34.86
N PHE B 135 -56.80 0.26 35.22
CA PHE B 135 -56.69 0.77 36.58
C PHE B 135 -56.36 2.26 36.53
N ILE B 136 -56.78 2.97 37.57
CA ILE B 136 -56.70 4.43 37.60
C ILE B 136 -55.92 4.91 38.84
N PHE B 137 -54.90 4.16 39.23
CA PHE B 137 -54.09 4.43 40.41
C PHE B 137 -53.84 5.93 40.60
N PRO B 138 -54.29 6.50 41.71
CA PRO B 138 -54.18 7.95 41.90
C PRO B 138 -52.89 8.30 42.61
N PRO B 139 -52.50 9.58 42.61
CA PRO B 139 -51.30 9.99 43.33
C PRO B 139 -51.44 9.76 44.83
N SER B 140 -50.30 9.76 45.51
CA SER B 140 -50.25 9.53 46.95
C SER B 140 -50.01 10.84 47.68
N ASP B 141 -50.45 10.87 48.94
CA ASP B 141 -50.38 12.10 49.73
C ASP B 141 -48.94 12.61 49.86
N GLU B 142 -48.00 11.71 50.14
CA GLU B 142 -46.61 12.15 50.25
C GLU B 142 -46.01 12.48 48.88
N GLN B 143 -46.58 11.96 47.80
CA GLN B 143 -46.17 12.46 46.48
C GLN B 143 -46.66 13.88 46.27
N LEU B 144 -47.86 14.19 46.77
CA LEU B 144 -48.31 15.58 46.81
C LEU B 144 -47.36 16.43 47.65
N LYS B 145 -46.93 15.90 48.79
CA LYS B 145 -45.91 16.57 49.59
C LYS B 145 -44.66 16.86 48.77
N SER B 146 -44.27 15.90 47.92
CA SER B 146 -43.17 16.15 47.00
C SER B 146 -43.48 17.31 46.07
N GLY B 147 -44.72 17.38 45.58
CA GLY B 147 -45.18 18.57 44.88
C GLY B 147 -45.58 18.37 43.43
N THR B 148 -45.36 17.20 42.86
CA THR B 148 -45.76 16.93 41.49
C THR B 148 -47.03 16.09 41.49
N ALA B 149 -47.43 15.63 40.30
CA ALA B 149 -48.54 14.70 40.17
C ALA B 149 -48.04 13.40 39.55
N SER B 150 -48.54 12.28 40.07
CA SER B 150 -48.12 10.97 39.62
C SER B 150 -49.34 10.12 39.27
N VAL B 151 -50.27 10.70 38.51
CA VAL B 151 -51.43 9.96 38.07
C VAL B 151 -50.98 8.85 37.12
N VAL B 152 -51.43 7.63 37.38
CA VAL B 152 -50.98 6.47 36.64
C VAL B 152 -52.22 5.65 36.26
N CYS B 153 -52.36 5.38 34.96
CA CYS B 153 -53.35 4.43 34.48
C CYS B 153 -52.64 3.19 34.01
N LEU B 154 -53.16 2.02 34.39
CA LEU B 154 -52.50 0.74 34.15
C LEU B 154 -53.36 -0.10 33.22
N LEU B 155 -52.72 -0.64 32.18
CA LEU B 155 -53.34 -1.61 31.28
C LEU B 155 -52.60 -2.92 31.45
N ASN B 156 -53.34 -3.98 31.75
CA ASN B 156 -52.74 -5.23 32.20
C ASN B 156 -53.15 -6.38 31.28
N ASN B 157 -52.17 -7.21 30.91
CA ASN B 157 -52.40 -8.51 30.29
C ASN B 157 -53.16 -8.41 28.98
N PHE B 158 -53.21 -7.22 28.39
CA PHE B 158 -53.97 -7.06 27.16
C PHE B 158 -53.22 -7.63 25.97
N TYR B 159 -53.93 -7.71 24.84
CA TYR B 159 -53.40 -8.18 23.56
C TYR B 159 -54.46 -7.89 22.52
N PRO B 160 -54.07 -7.48 21.30
CA PRO B 160 -52.73 -7.29 20.78
C PRO B 160 -52.02 -6.07 21.34
N ARG B 161 -50.78 -5.86 20.90
CA ARG B 161 -49.94 -4.81 21.46
C ARG B 161 -50.54 -3.42 21.29
N GLU B 162 -51.25 -3.20 20.19
CA GLU B 162 -51.78 -1.87 19.89
C GLU B 162 -52.88 -1.51 20.89
N ALA B 163 -52.69 -0.40 21.60
CA ALA B 163 -53.69 0.13 22.51
C ALA B 163 -53.42 1.61 22.72
N LYS B 164 -54.48 2.39 22.83
CA LYS B 164 -54.37 3.83 22.98
C LYS B 164 -54.84 4.24 24.37
N VAL B 165 -54.14 5.18 24.98
CA VAL B 165 -54.48 5.71 26.29
C VAL B 165 -54.64 7.22 26.16
N GLN B 166 -55.73 7.74 26.71
CA GLN B 166 -56.01 9.16 26.70
C GLN B 166 -56.27 9.62 28.13
N TRP B 167 -56.00 10.89 28.40
CA TRP B 167 -56.20 11.45 29.72
C TRP B 167 -57.21 12.59 29.66
N LYS B 168 -58.17 12.56 30.58
CA LYS B 168 -59.20 13.58 30.68
C LYS B 168 -59.12 14.20 32.07
N VAL B 169 -58.69 15.45 32.13
CA VAL B 169 -58.61 16.20 33.37
C VAL B 169 -59.89 17.02 33.46
N ASP B 170 -60.82 16.58 34.31
CA ASP B 170 -62.19 17.09 34.30
C ASP B 170 -62.77 17.04 32.89
N ASN B 171 -62.60 15.89 32.24
CA ASN B 171 -63.10 15.65 30.89
C ASN B 171 -62.49 16.63 29.89
N ALA B 172 -61.22 16.97 30.08
CA ALA B 172 -60.48 17.81 29.17
C ALA B 172 -59.28 17.05 28.63
N LEU B 173 -59.08 17.13 27.32
CA LEU B 173 -58.02 16.38 26.66
C LEU B 173 -56.65 16.79 27.19
N GLN B 174 -55.75 15.81 27.29
CA GLN B 174 -54.39 16.04 27.75
C GLN B 174 -53.41 15.55 26.69
N SER B 175 -52.31 16.30 26.53
CA SER B 175 -51.27 15.92 25.58
C SER B 175 -49.96 16.54 26.02
N GLY B 176 -48.88 15.81 25.84
CA GLY B 176 -47.56 16.29 26.22
C GLY B 176 -47.28 16.26 27.71
N ASN B 177 -48.18 15.69 28.51
CA ASN B 177 -48.02 15.64 29.95
C ASN B 177 -48.09 14.23 30.50
N SER B 178 -48.31 13.23 29.65
CA SER B 178 -48.29 11.84 30.04
C SER B 178 -47.15 11.13 29.32
N GLN B 179 -46.78 9.97 29.85
CA GLN B 179 -45.69 9.18 29.32
C GLN B 179 -46.12 7.72 29.28
N GLU B 180 -45.55 6.98 28.33
CA GLU B 180 -45.98 5.61 28.04
C GLU B 180 -44.83 4.64 28.28
N SER B 181 -45.15 3.50 28.89
CA SER B 181 -44.20 2.42 29.05
C SER B 181 -44.90 1.11 28.79
N VAL B 182 -44.22 0.18 28.12
CA VAL B 182 -44.80 -1.10 27.76
C VAL B 182 -43.84 -2.21 28.14
N THR B 183 -44.38 -3.28 28.72
CA THR B 183 -43.58 -4.48 28.92
C THR B 183 -43.48 -5.25 27.61
N GLU B 184 -42.43 -6.05 27.50
CA GLU B 184 -42.33 -6.94 26.35
C GLU B 184 -43.33 -8.07 26.50
N GLN B 185 -43.62 -8.73 25.37
CA GLN B 185 -44.60 -9.81 25.37
C GLN B 185 -44.24 -10.83 26.44
N ASP B 186 -45.09 -10.95 27.45
CA ASP B 186 -44.79 -11.83 28.56
C ASP B 186 -44.75 -13.28 28.09
N SER B 187 -43.77 -14.01 28.62
CA SER B 187 -43.47 -15.34 28.08
C SER B 187 -44.59 -16.33 28.36
N LYS B 188 -45.14 -16.33 29.57
CA LYS B 188 -46.05 -17.40 29.97
C LYS B 188 -47.40 -17.31 29.28
N ASP B 189 -47.87 -16.10 28.97
CA ASP B 189 -49.21 -15.92 28.42
C ASP B 189 -49.25 -15.08 27.15
N SER B 190 -48.11 -14.58 26.69
CA SER B 190 -48.04 -13.77 25.46
C SER B 190 -48.96 -12.56 25.53
N THR B 191 -49.02 -11.94 26.70
CA THR B 191 -49.83 -10.74 26.91
C THR B 191 -48.92 -9.54 27.17
N TYR B 192 -49.45 -8.36 26.91
CA TYR B 192 -48.73 -7.12 27.10
C TYR B 192 -49.30 -6.36 28.30
N SER B 193 -48.45 -5.56 28.93
CA SER B 193 -48.85 -4.66 29.98
C SER B 193 -48.37 -3.26 29.64
N LEU B 194 -49.22 -2.28 29.87
CA LEU B 194 -48.90 -0.89 29.55
C LEU B 194 -49.15 -0.03 30.77
N SER B 195 -48.32 1.01 30.91
CA SER B 195 -48.45 1.97 32.00
C SER B 195 -48.39 3.37 31.42
N SER B 196 -49.39 4.19 31.76
CA SER B 196 -49.42 5.58 31.38
C SER B 196 -49.27 6.42 32.64
N THR B 197 -48.24 7.25 32.69
CA THR B 197 -47.95 8.08 33.85
C THR B 197 -48.21 9.53 33.48
N LEU B 198 -49.17 10.14 34.15
CA LEU B 198 -49.54 11.53 33.88
C LEU B 198 -48.95 12.42 34.97
N THR B 199 -48.16 13.40 34.58
CA THR B 199 -47.45 14.25 35.51
C THR B 199 -47.94 15.69 35.38
N LEU B 200 -48.33 16.28 36.51
CA LEU B 200 -48.80 17.65 36.56
C LEU B 200 -48.20 18.34 37.78
N SER B 201 -48.23 19.67 37.76
CA SER B 201 -47.78 20.44 38.90
C SER B 201 -48.84 20.41 40.01
N LYS B 202 -48.45 20.91 41.17
CA LYS B 202 -49.40 21.04 42.27
C LYS B 202 -50.52 22.02 41.89
N ALA B 203 -50.15 23.15 41.28
CA ALA B 203 -51.13 24.16 40.93
C ALA B 203 -52.23 23.57 40.06
N ASP B 204 -51.88 23.09 38.89
CA ASP B 204 -52.87 22.48 38.01
C ASP B 204 -53.35 21.12 38.48
N TYR B 205 -52.77 20.58 39.56
CA TYR B 205 -53.34 19.38 40.16
C TYR B 205 -54.60 19.72 40.95
N GLU B 206 -54.47 20.58 41.96
CA GLU B 206 -55.67 21.02 42.66
C GLU B 206 -56.51 22.02 41.87
N LYS B 207 -56.07 22.46 40.70
CA LYS B 207 -56.94 23.29 39.87
C LYS B 207 -58.10 22.49 39.26
N HIS B 208 -58.12 21.18 39.43
CA HIS B 208 -59.13 20.33 38.80
C HIS B 208 -59.58 19.25 39.77
N LYS B 209 -60.73 18.65 39.45
CA LYS B 209 -61.40 17.72 40.35
C LYS B 209 -61.23 16.26 39.92
N VAL B 210 -61.63 15.93 38.70
CA VAL B 210 -61.79 14.55 38.25
C VAL B 210 -60.71 14.23 37.23
N TYR B 211 -60.00 13.13 37.45
CA TYR B 211 -58.99 12.62 36.54
C TYR B 211 -59.45 11.29 36.00
N ALA B 212 -59.40 11.13 34.69
CA ALA B 212 -59.86 9.91 34.04
C ALA B 212 -58.85 9.46 33.01
N CYS B 213 -58.69 8.15 32.88
CA CYS B 213 -57.96 7.55 31.78
C CYS B 213 -58.92 6.78 30.91
N GLU B 214 -58.82 7.03 29.60
CA GLU B 214 -59.65 6.42 28.58
C GLU B 214 -58.81 5.41 27.85
N VAL B 215 -59.27 4.16 27.83
CA VAL B 215 -58.57 3.07 27.18
C VAL B 215 -59.31 2.74 25.89
N THR B 216 -58.59 2.81 24.77
CA THR B 216 -59.11 2.47 23.46
C THR B 216 -58.35 1.24 22.97
N HIS B 217 -58.99 0.09 23.05
CA HIS B 217 -58.36 -1.17 22.69
C HIS B 217 -59.22 -1.92 21.69
N GLN B 218 -58.54 -2.59 20.75
CA GLN B 218 -59.25 -3.34 19.71
C GLN B 218 -60.13 -4.42 20.32
N GLY B 219 -59.72 -5.01 21.44
CA GLY B 219 -60.50 -6.01 22.12
C GLY B 219 -61.63 -5.48 22.98
N LEU B 220 -61.79 -4.17 23.06
CA LEU B 220 -62.89 -3.55 23.79
C LEU B 220 -63.94 -3.08 22.81
N SER B 221 -65.20 -3.38 23.12
CA SER B 221 -66.31 -2.94 22.26
C SER B 221 -66.35 -1.42 22.19
N SER B 222 -66.19 -0.75 23.33
CA SER B 222 -66.18 0.69 23.41
C SER B 222 -65.00 1.14 24.26
N PRO B 223 -64.56 2.39 24.09
CA PRO B 223 -63.53 2.93 24.99
C PRO B 223 -64.00 2.88 26.42
N VAL B 224 -63.09 2.52 27.32
CA VAL B 224 -63.42 2.32 28.73
C VAL B 224 -62.84 3.48 29.55
N THR B 225 -63.68 4.06 30.39
CA THR B 225 -63.29 5.18 31.23
C THR B 225 -63.04 4.69 32.64
N LYS B 226 -61.92 5.13 33.23
CA LYS B 226 -61.66 4.89 34.64
C LYS B 226 -61.25 6.22 35.26
N SER B 227 -62.06 6.71 36.19
CA SER B 227 -61.89 8.06 36.71
C SER B 227 -61.91 8.06 38.23
N PHE B 228 -61.55 9.21 38.79
CA PHE B 228 -61.66 9.45 40.22
C PHE B 228 -61.70 10.95 40.45
N ASN B 229 -62.10 11.33 41.66
CA ASN B 229 -62.04 12.71 42.11
C ASN B 229 -60.94 12.84 43.16
N ARG B 230 -60.27 13.99 43.19
CA ARG B 230 -59.17 14.18 44.13
C ARG B 230 -59.66 14.08 45.57
N GLY B 231 -60.90 14.45 45.84
CA GLY B 231 -61.45 14.27 47.16
C GLY B 231 -61.86 12.86 47.50
N GLU B 232 -61.90 11.98 46.51
CA GLU B 232 -62.28 10.59 46.73
C GLU B 232 -61.13 9.81 47.35
N MET C 1 7.63 -26.52 -63.61
CA MET C 1 8.22 -27.70 -64.23
C MET C 1 9.63 -27.41 -64.76
N ASP C 2 10.04 -28.13 -65.82
CA ASP C 2 11.41 -28.05 -66.29
C ASP C 2 11.73 -26.71 -66.95
N SER C 3 10.74 -25.87 -67.20
CA SER C 3 10.96 -24.56 -67.80
C SER C 3 11.17 -23.47 -66.74
N THR C 4 11.65 -23.84 -65.56
CA THR C 4 11.92 -22.86 -64.52
C THR C 4 13.12 -22.00 -64.91
N SER C 5 12.97 -20.68 -64.77
CA SER C 5 14.01 -19.73 -65.08
C SER C 5 14.02 -18.65 -64.00
N THR C 6 14.71 -17.56 -64.26
CA THR C 6 14.81 -16.46 -63.30
C THR C 6 14.08 -15.22 -63.80
N ILE C 7 13.12 -14.76 -63.02
CA ILE C 7 12.56 -13.43 -63.17
C ILE C 7 12.55 -12.79 -61.78
N ALA C 8 13.06 -13.52 -60.79
CA ALA C 8 13.26 -13.01 -59.45
C ALA C 8 11.98 -12.48 -58.80
N ASN C 9 10.94 -13.31 -58.76
CA ASN C 9 9.74 -13.03 -57.98
C ASN C 9 9.50 -14.02 -56.86
N LYS C 10 9.99 -15.25 -57.00
CA LYS C 10 9.77 -16.26 -55.97
C LYS C 10 11.04 -17.05 -55.65
N ILE C 11 12.07 -16.94 -56.49
CA ILE C 11 13.32 -17.66 -56.27
C ILE C 11 14.48 -16.70 -56.06
N GLU C 12 14.25 -15.40 -56.15
CA GLU C 12 15.28 -14.48 -55.68
C GLU C 12 15.54 -14.66 -54.20
N GLU C 13 14.48 -14.93 -53.43
CA GLU C 13 14.56 -15.30 -52.03
C GLU C 13 15.25 -16.64 -51.82
N TYR C 14 15.46 -17.41 -52.89
CA TYR C 14 16.17 -18.68 -52.81
C TYR C 14 17.64 -18.55 -53.19
N LEU C 15 17.96 -17.71 -54.19
CA LEU C 15 19.32 -17.57 -54.66
C LEU C 15 20.00 -16.31 -54.14
N GLY C 16 19.44 -15.14 -54.43
CA GLY C 16 20.04 -13.88 -54.06
C GLY C 16 19.59 -13.33 -52.72
N ALA C 17 18.88 -14.12 -51.92
CA ALA C 17 18.48 -13.69 -50.59
C ALA C 17 19.70 -13.66 -49.67
N LYS C 18 20.31 -12.49 -49.54
CA LYS C 18 21.54 -12.33 -48.78
C LYS C 18 21.25 -12.00 -47.31
N SER C 19 20.06 -12.31 -46.81
CA SER C 19 19.63 -11.77 -45.52
C SER C 19 20.51 -12.23 -44.37
N ASP C 20 20.38 -13.49 -43.97
CA ASP C 20 21.29 -14.09 -42.98
C ASP C 20 22.27 -15.05 -43.64
N ASP C 21 23.13 -14.56 -44.53
CA ASP C 21 24.07 -15.45 -45.21
C ASP C 21 25.41 -15.48 -44.47
N SER C 22 26.05 -14.34 -44.35
CA SER C 22 27.35 -14.24 -43.71
C SER C 22 27.23 -14.37 -42.20
N LYS C 23 28.05 -15.25 -41.62
CA LYS C 23 28.12 -15.33 -40.16
C LYS C 23 29.14 -14.36 -39.60
N ILE C 24 29.06 -13.12 -40.07
CA ILE C 24 29.61 -11.96 -39.36
C ILE C 24 28.47 -11.10 -38.84
N ASP C 25 27.23 -11.58 -38.96
CA ASP C 25 26.06 -10.78 -38.60
C ASP C 25 26.08 -10.38 -37.13
N GLU C 26 26.87 -11.07 -36.31
CA GLU C 26 27.00 -10.67 -34.91
C GLU C 26 27.49 -9.24 -34.80
N LEU C 27 28.20 -8.74 -35.82
CA LEU C 27 28.51 -7.33 -35.94
C LEU C 27 27.90 -6.67 -37.16
N LEU C 28 27.42 -7.46 -38.13
CA LEU C 28 26.81 -6.90 -39.32
C LEU C 28 25.36 -6.47 -39.10
N LYS C 29 24.53 -7.34 -38.54
CA LYS C 29 23.24 -6.89 -38.04
C LYS C 29 23.41 -6.45 -36.59
N ALA C 30 22.75 -5.35 -36.26
CA ALA C 30 23.01 -4.65 -35.02
C ALA C 30 21.89 -4.92 -34.02
N ASP C 31 22.29 -5.18 -32.78
CA ASP C 31 21.36 -5.12 -31.65
C ASP C 31 21.72 -3.90 -30.82
N PRO C 32 20.85 -2.90 -30.71
CA PRO C 32 21.26 -1.64 -30.07
C PRO C 32 21.58 -1.82 -28.60
N SER C 33 22.76 -2.38 -28.34
CA SER C 33 23.14 -2.96 -27.05
C SER C 33 24.35 -2.26 -26.46
N GLU C 34 24.30 -0.93 -26.43
CA GLU C 34 25.26 -0.14 -25.64
C GLU C 34 24.48 0.97 -24.95
N VAL C 35 25.16 1.70 -24.08
CA VAL C 35 24.52 2.63 -23.17
C VAL C 35 24.90 4.06 -23.54
N GLU C 36 23.96 4.99 -23.33
CA GLU C 36 24.22 6.43 -23.49
C GLU C 36 24.71 6.76 -24.90
N TYR C 37 23.75 6.73 -25.82
CA TYR C 37 24.03 6.96 -27.23
C TYR C 37 24.49 8.39 -27.47
N TYR C 38 24.62 8.76 -28.75
CA TYR C 38 25.71 9.58 -29.30
C TYR C 38 26.13 10.62 -28.26
N ARG C 39 25.32 11.63 -27.97
CA ARG C 39 25.51 12.51 -26.82
C ARG C 39 24.15 12.91 -26.26
N SER C 40 23.09 12.26 -26.71
CA SER C 40 21.74 12.75 -26.46
C SER C 40 21.09 12.13 -25.24
N GLY C 41 21.71 11.10 -24.65
CA GLY C 41 21.18 10.52 -23.45
C GLY C 41 20.26 9.34 -23.71
N GLY C 42 20.66 8.45 -24.59
CA GLY C 42 19.95 7.22 -24.82
C GLY C 42 20.22 6.23 -23.71
N ASP C 43 19.50 5.11 -23.74
CA ASP C 43 19.74 4.07 -22.75
C ASP C 43 19.39 2.73 -23.38
N GLY C 44 20.43 1.94 -23.66
CA GLY C 44 20.22 0.68 -24.34
C GLY C 44 19.32 -0.27 -23.57
N ASP C 45 19.43 -0.28 -22.24
CA ASP C 45 18.56 -1.15 -21.45
C ASP C 45 17.11 -0.80 -21.68
N TYR C 46 16.78 0.48 -21.61
CA TYR C 46 15.44 0.95 -21.93
C TYR C 46 15.03 0.53 -23.33
N LEU C 47 15.97 0.63 -24.27
CA LEU C 47 15.65 0.34 -25.66
C LEU C 47 15.29 -1.13 -25.87
N LYS C 48 16.12 -2.05 -25.37
CA LYS C 48 15.78 -3.47 -25.51
C LYS C 48 14.55 -3.84 -24.68
N ASN C 49 14.31 -3.13 -23.58
CA ASN C 49 13.08 -3.34 -22.85
C ASN C 49 11.88 -3.04 -23.74
N ASN C 50 11.94 -1.93 -24.49
CA ASN C 50 10.84 -1.55 -25.38
C ASN C 50 11.43 -0.83 -26.60
N ILE C 51 11.64 -1.59 -27.67
CA ILE C 51 12.12 -1.02 -28.92
C ILE C 51 11.04 -0.25 -29.65
N CYS C 52 9.77 -0.49 -29.29
CA CYS C 52 8.66 0.06 -30.06
C CYS C 52 8.51 1.57 -29.90
N LYS C 53 9.20 2.18 -28.95
CA LYS C 53 9.14 3.64 -28.81
C LYS C 53 10.53 4.21 -28.60
N ILE C 54 11.45 3.82 -29.49
CA ILE C 54 12.73 4.50 -29.62
C ILE C 54 12.49 5.98 -29.86
N THR C 55 13.37 6.82 -29.34
CA THR C 55 13.22 8.27 -29.41
C THR C 55 14.51 8.88 -29.93
N VAL C 56 14.42 10.16 -30.31
CA VAL C 56 15.55 10.85 -30.91
C VAL C 56 16.73 10.90 -29.97
N ASN C 57 16.49 10.86 -28.66
CA ASN C 57 17.59 10.88 -27.70
C ASN C 57 18.45 9.63 -27.80
N HIS C 58 17.98 8.60 -28.49
CA HIS C 58 18.78 7.41 -28.74
C HIS C 58 19.61 7.52 -30.01
N SER C 59 19.82 8.73 -30.51
CA SER C 59 20.74 8.95 -31.62
C SER C 59 21.28 10.37 -31.51
N ASP C 60 21.85 10.85 -32.61
CA ASP C 60 22.29 12.25 -32.67
C ASP C 60 21.08 13.18 -32.50
N SER C 61 21.33 14.33 -31.90
CA SER C 61 20.27 15.30 -31.65
C SER C 61 20.81 16.69 -31.91
N GLY C 62 20.02 17.70 -31.57
CA GLY C 62 20.37 19.08 -31.86
C GLY C 62 20.22 19.44 -33.32
N LYS C 63 20.88 18.67 -34.19
CA LYS C 63 20.73 18.80 -35.63
C LYS C 63 19.99 17.62 -36.24
N TYR C 64 19.82 16.52 -35.51
CA TYR C 64 19.14 15.33 -35.98
C TYR C 64 17.76 15.26 -35.34
N ASP C 65 16.73 15.19 -36.17
CA ASP C 65 15.34 15.26 -35.76
C ASP C 65 14.53 14.78 -36.96
N PRO C 66 13.60 13.83 -36.80
CA PRO C 66 12.82 13.39 -37.97
C PRO C 66 12.05 14.54 -38.58
N CYS C 67 11.96 14.52 -39.91
CA CYS C 67 11.59 15.69 -40.71
C CYS C 67 12.55 16.83 -40.44
N GLU C 68 13.85 16.52 -40.52
CA GLU C 68 14.88 17.53 -40.30
C GLU C 68 14.71 18.68 -41.27
N LYS C 69 14.27 18.40 -42.49
CA LYS C 69 13.68 19.45 -43.30
C LYS C 69 12.41 19.87 -42.58
N LYS C 70 12.45 21.03 -41.93
CA LYS C 70 11.39 21.43 -41.00
C LYS C 70 10.06 21.63 -41.71
N LEU C 71 10.08 21.56 -43.03
CA LEU C 71 8.84 21.52 -43.78
C LEU C 71 8.07 20.26 -43.37
N PRO C 72 6.82 20.38 -42.92
CA PRO C 72 6.07 19.18 -42.54
C PRO C 72 5.95 18.24 -43.73
N PRO C 73 6.05 16.95 -43.49
CA PRO C 73 6.10 15.99 -44.61
C PRO C 73 4.85 16.02 -45.47
N TYR C 74 3.69 15.74 -44.88
CA TYR C 74 2.47 15.47 -45.63
C TYR C 74 1.70 16.78 -45.80
N ASP C 75 2.09 17.57 -46.80
CA ASP C 75 1.42 18.82 -47.14
C ASP C 75 1.09 18.97 -48.60
N ASP C 76 1.64 18.14 -49.49
CA ASP C 76 1.64 18.41 -50.92
C ASP C 76 0.72 17.44 -51.66
N ASN C 77 0.07 17.95 -52.70
CA ASN C 77 -0.74 17.15 -53.62
C ASN C 77 -0.28 17.42 -55.04
N ASP C 78 -0.80 16.62 -55.97
CA ASP C 78 -0.57 16.82 -57.40
C ASP C 78 0.91 16.80 -57.74
N GLN C 79 1.56 15.66 -57.51
CA GLN C 79 2.99 15.51 -57.79
C GLN C 79 3.22 14.22 -58.57
N TRP C 80 4.07 14.28 -59.58
CA TRP C 80 4.45 13.15 -60.42
C TRP C 80 5.90 13.30 -60.83
N LYS C 81 6.61 12.18 -61.02
CA LYS C 81 8.03 12.21 -61.37
C LYS C 81 8.37 10.92 -62.13
N CYS C 82 8.54 10.98 -63.46
CA CYS C 82 9.41 9.95 -64.03
C CYS C 82 10.34 10.34 -65.17
N GLN C 83 9.86 11.08 -66.18
CA GLN C 83 10.71 11.18 -67.37
C GLN C 83 11.01 12.59 -67.87
N GLN C 84 9.99 13.41 -68.13
CA GLN C 84 10.24 14.59 -68.96
C GLN C 84 9.18 15.68 -68.76
N ASN C 85 9.59 16.77 -68.11
CA ASN C 85 9.06 18.12 -68.30
C ASN C 85 10.00 19.09 -67.59
N SER C 86 9.58 20.35 -67.46
CA SER C 86 10.48 21.42 -67.03
C SER C 86 10.67 21.54 -65.53
N SER C 87 10.01 20.68 -64.72
CA SER C 87 10.13 20.82 -63.27
C SER C 87 11.53 20.47 -62.79
N ASP C 88 11.95 19.23 -62.97
CA ASP C 88 13.26 18.73 -62.59
C ASP C 88 13.93 18.04 -63.77
N GLY C 89 13.95 18.73 -64.92
CA GLY C 89 14.12 18.09 -66.22
C GLY C 89 15.07 16.90 -66.25
N SER C 90 16.23 17.03 -65.61
CA SER C 90 17.20 15.94 -65.62
C SER C 90 16.70 14.79 -64.75
N GLY C 91 16.59 13.61 -65.36
CA GLY C 91 16.20 12.42 -64.62
C GLY C 91 14.71 12.13 -64.62
N LYS C 92 14.02 12.47 -63.53
CA LYS C 92 12.62 12.14 -63.33
C LYS C 92 11.85 13.39 -62.93
N PRO C 93 11.73 14.38 -63.82
CA PRO C 93 11.11 15.65 -63.41
C PRO C 93 9.65 15.55 -62.99
N GLU C 94 8.74 15.31 -63.94
CA GLU C 94 7.33 15.12 -63.59
C GLU C 94 6.53 14.39 -64.66
N ASN C 95 6.48 13.05 -64.65
CA ASN C 95 5.40 12.39 -65.39
C ASN C 95 4.99 10.99 -64.89
N ILE C 96 5.31 10.66 -63.64
CA ILE C 96 4.67 9.54 -62.92
C ILE C 96 4.49 9.92 -61.46
N CYS C 97 3.25 9.79 -60.98
CA CYS C 97 2.91 10.21 -59.63
C CYS C 97 3.54 9.21 -58.66
N VAL C 98 4.85 9.33 -58.48
CA VAL C 98 5.45 8.78 -57.27
C VAL C 98 4.72 9.38 -56.08
N PRO C 99 4.24 8.58 -55.13
CA PRO C 99 3.54 9.14 -54.01
C PRO C 99 4.39 10.19 -53.33
N PRO C 100 3.80 11.30 -52.93
CA PRO C 100 4.54 12.29 -52.15
C PRO C 100 5.16 11.62 -50.93
N ARG C 101 4.57 10.49 -50.56
CA ARG C 101 5.13 9.57 -49.58
C ARG C 101 6.65 9.40 -49.74
N ARG C 102 7.11 8.94 -50.91
CA ARG C 102 8.55 8.81 -51.06
C ARG C 102 9.22 10.18 -51.08
N GLU C 103 8.51 11.21 -51.56
CA GLU C 103 9.03 12.57 -51.44
C GLU C 103 9.10 13.02 -50.00
N ARG C 104 8.45 12.31 -49.06
CA ARG C 104 8.45 12.72 -47.67
C ARG C 104 8.66 11.53 -46.74
N LEU C 105 9.61 10.67 -47.07
CA LEU C 105 10.15 9.81 -46.01
C LEU C 105 10.77 10.68 -44.93
N CYS C 106 10.57 10.25 -43.68
CA CYS C 106 11.17 10.99 -42.58
C CYS C 106 12.64 10.61 -42.45
N THR C 107 13.34 10.61 -43.58
CA THR C 107 14.77 10.34 -43.62
C THR C 107 15.60 11.62 -43.60
N TYR C 108 14.96 12.78 -43.57
CA TYR C 108 15.70 14.04 -43.56
C TYR C 108 16.65 14.11 -42.38
N ASN C 109 16.27 13.52 -41.25
CA ASN C 109 17.21 13.35 -40.16
C ASN C 109 18.38 12.46 -40.57
N LEU C 110 18.07 11.30 -41.15
CA LEU C 110 19.11 10.33 -41.48
C LEU C 110 20.03 10.82 -42.60
N GLU C 111 19.62 11.83 -43.35
CA GLU C 111 20.45 12.41 -44.38
C GLU C 111 21.62 13.22 -43.82
N ASN C 112 21.59 13.58 -42.54
CA ASN C 112 22.43 14.62 -41.99
C ASN C 112 23.18 14.14 -40.75
N LEU C 113 23.82 12.97 -40.87
CA LEU C 113 24.71 12.48 -39.81
C LEU C 113 26.05 13.18 -39.89
N LYS C 114 26.44 13.87 -38.81
CA LYS C 114 27.80 14.41 -38.75
C LYS C 114 28.56 13.92 -37.52
N PHE C 115 27.89 13.70 -36.40
CA PHE C 115 28.61 13.45 -35.17
C PHE C 115 29.22 12.04 -35.16
N ASP C 116 30.32 11.91 -34.44
CA ASP C 116 31.13 10.71 -34.35
C ASP C 116 30.70 9.86 -33.15
N LYS C 117 31.58 8.93 -32.76
CA LYS C 117 31.42 7.83 -31.81
C LYS C 117 30.65 6.69 -32.49
N ILE C 118 30.16 6.90 -33.70
CA ILE C 118 29.54 5.83 -34.47
C ILE C 118 30.63 5.08 -35.25
N ARG C 119 31.29 4.15 -34.55
CA ARG C 119 32.26 3.26 -35.17
C ARG C 119 31.64 1.93 -35.55
N ASP C 120 30.37 1.71 -35.21
CA ASP C 120 29.72 0.43 -35.40
C ASP C 120 28.26 0.66 -35.80
N ASN C 121 27.72 -0.29 -36.56
CA ASN C 121 26.32 -0.23 -36.92
C ASN C 121 25.42 -0.27 -35.70
N ASN C 122 25.91 -0.84 -34.60
CA ASN C 122 25.20 -0.81 -33.33
C ASN C 122 24.65 0.58 -33.02
N ALA C 123 25.40 1.61 -33.37
CA ALA C 123 24.89 2.98 -33.29
C ALA C 123 24.29 3.46 -34.60
N PHE C 124 24.79 2.97 -35.74
CA PHE C 124 24.18 3.28 -37.02
C PHE C 124 22.82 2.66 -37.18
N LEU C 125 22.45 1.70 -36.34
CA LEU C 125 21.11 1.16 -36.43
C LEU C 125 20.08 2.12 -35.84
N ALA C 126 20.43 2.81 -34.76
CA ALA C 126 19.45 3.58 -34.01
C ALA C 126 18.82 4.67 -34.86
N ASP C 127 19.62 5.34 -35.68
CA ASP C 127 19.06 6.40 -36.52
C ASP C 127 18.16 5.83 -37.61
N VAL C 128 18.56 4.69 -38.19
CA VAL C 128 17.72 4.03 -39.20
C VAL C 128 16.37 3.67 -38.59
N LEU C 129 16.40 3.13 -37.37
CA LEU C 129 15.17 2.84 -36.65
C LEU C 129 14.38 4.08 -36.28
N LEU C 130 15.04 5.20 -36.00
CA LEU C 130 14.28 6.43 -35.81
C LEU C 130 13.55 6.80 -37.08
N THR C 131 14.23 6.70 -38.22
CA THR C 131 13.59 6.97 -39.49
C THR C 131 12.37 6.08 -39.67
N ALA C 132 12.55 4.77 -39.49
CA ALA C 132 11.45 3.83 -39.66
C ALA C 132 10.31 4.11 -38.69
N ARG C 133 10.65 4.35 -37.42
CA ARG C 133 9.64 4.56 -36.40
C ARG C 133 8.80 5.80 -36.71
N ASN C 134 9.46 6.90 -37.04
CA ASN C 134 8.74 8.14 -37.29
C ASN C 134 7.95 8.07 -38.57
N GLU C 135 8.52 7.48 -39.64
CA GLU C 135 7.77 7.37 -40.88
C GLU C 135 6.56 6.47 -40.70
N GLY C 136 6.70 5.38 -39.94
CA GLY C 136 5.56 4.52 -39.68
C GLY C 136 4.47 5.22 -38.88
N GLU C 137 4.86 5.92 -37.81
CA GLU C 137 3.84 6.57 -36.99
C GLU C 137 3.13 7.67 -37.77
N LYS C 138 3.87 8.39 -38.63
CA LYS C 138 3.22 9.46 -39.38
C LYS C 138 2.36 8.91 -40.51
N ILE C 139 2.79 7.81 -41.15
CA ILE C 139 1.96 7.24 -42.20
C ILE C 139 0.70 6.59 -41.64
N VAL C 140 0.77 6.03 -40.43
CA VAL C 140 -0.40 5.38 -39.87
C VAL C 140 -1.34 6.38 -39.20
N GLN C 141 -0.79 7.40 -38.52
CA GLN C 141 -1.64 8.39 -37.89
C GLN C 141 -2.19 9.37 -38.91
N ASN C 142 -1.43 9.67 -39.95
CA ASN C 142 -1.88 10.52 -41.05
C ASN C 142 -2.06 9.63 -42.28
N HIS C 143 -3.31 9.22 -42.53
CA HIS C 143 -3.59 8.42 -43.70
C HIS C 143 -5.04 8.71 -44.09
N PRO C 144 -5.28 9.32 -45.25
CA PRO C 144 -6.65 9.70 -45.61
C PRO C 144 -7.57 8.51 -45.85
N ASP C 145 -7.01 7.31 -46.00
CA ASP C 145 -7.83 6.13 -46.27
C ASP C 145 -8.80 5.87 -45.13
N THR C 146 -9.76 5.00 -45.39
CA THR C 146 -10.77 4.61 -44.41
C THR C 146 -10.34 3.38 -43.63
N ASN C 147 -9.03 3.21 -43.47
CA ASN C 147 -8.43 2.09 -42.75
C ASN C 147 -8.80 0.74 -43.37
N SER C 148 -9.24 0.76 -44.62
CA SER C 148 -9.53 -0.45 -45.37
C SER C 148 -8.19 -1.02 -45.87
N SER C 149 -8.25 -1.98 -46.79
CA SER C 149 -7.08 -2.78 -47.13
C SER C 149 -6.05 -1.97 -47.92
N ASN C 150 -5.59 -0.87 -47.30
CA ASN C 150 -4.54 -0.04 -47.86
C ASN C 150 -3.46 0.39 -46.88
N VAL C 151 -3.74 0.49 -45.59
CA VAL C 151 -2.89 1.27 -44.69
C VAL C 151 -1.55 0.57 -44.49
N CYS C 152 -1.57 -0.65 -43.97
CA CYS C 152 -0.31 -1.34 -43.77
C CYS C 152 0.36 -1.71 -45.08
N ASN C 153 -0.40 -1.77 -46.18
CA ASN C 153 0.24 -1.95 -47.47
C ASN C 153 1.13 -0.75 -47.81
N ALA C 154 0.60 0.46 -47.64
CA ALA C 154 1.41 1.66 -47.85
C ALA C 154 2.57 1.71 -46.86
N LEU C 155 2.32 1.29 -45.62
CA LEU C 155 3.39 1.26 -44.63
C LEU C 155 4.51 0.31 -45.06
N GLU C 156 4.13 -0.86 -45.60
CA GLU C 156 5.10 -1.81 -46.10
C GLU C 156 5.89 -1.25 -47.28
N ARG C 157 5.22 -0.52 -48.17
CA ARG C 157 5.93 0.06 -49.30
C ARG C 157 6.91 1.14 -48.84
N SER C 158 6.54 1.92 -47.83
CA SER C 158 7.49 2.86 -47.23
C SER C 158 8.66 2.13 -46.60
N PHE C 159 8.38 1.00 -45.94
CA PHE C 159 9.45 0.14 -45.44
C PHE C 159 10.41 -0.24 -46.55
N ALA C 160 9.89 -0.70 -47.67
CA ALA C 160 10.76 -1.15 -48.76
C ALA C 160 11.55 0.01 -49.35
N ASP C 161 10.93 1.18 -49.45
CA ASP C 161 11.64 2.34 -49.96
C ASP C 161 12.78 2.73 -49.03
N LEU C 162 12.53 2.75 -47.72
CA LEU C 162 13.61 2.99 -46.76
C LEU C 162 14.69 1.93 -46.90
N ALA C 163 14.29 0.68 -47.14
CA ALA C 163 15.25 -0.40 -47.28
C ALA C 163 16.19 -0.14 -48.45
N ASP C 164 15.65 0.27 -49.58
CA ASP C 164 16.48 0.50 -50.75
C ASP C 164 17.26 1.80 -50.67
N ILE C 165 16.76 2.81 -49.97
CA ILE C 165 17.59 3.98 -49.71
C ILE C 165 18.78 3.60 -48.85
N ILE C 166 18.57 2.79 -47.81
CA ILE C 166 19.70 2.30 -47.04
C ILE C 166 20.57 1.37 -47.86
N ARG C 167 20.01 0.81 -48.94
CA ARG C 167 20.86 0.17 -49.94
C ARG C 167 21.29 1.12 -51.04
N GLY C 168 20.78 2.35 -51.06
CA GLY C 168 21.26 3.36 -51.98
C GLY C 168 20.77 3.23 -53.40
N THR C 169 20.04 2.18 -53.74
CA THR C 169 19.60 1.95 -55.10
C THR C 169 18.46 2.86 -55.53
N ASP C 170 18.11 3.84 -54.71
CA ASP C 170 17.07 4.79 -55.08
C ASP C 170 17.59 5.79 -56.11
N GLN C 171 16.84 5.96 -57.19
CA GLN C 171 17.17 6.95 -58.21
C GLN C 171 16.28 8.19 -58.16
N TRP C 172 15.65 8.47 -57.02
CA TRP C 172 15.22 9.82 -56.69
C TRP C 172 16.19 10.35 -55.65
N LYS C 173 16.72 11.55 -55.87
CA LYS C 173 17.64 12.17 -54.92
C LYS C 173 17.17 13.59 -54.63
N GLY C 174 16.96 13.89 -53.35
CA GLY C 174 16.72 15.25 -52.93
C GLY C 174 17.99 15.84 -52.36
N THR C 175 18.05 16.00 -51.04
CA THR C 175 19.35 16.21 -50.39
C THR C 175 20.11 14.93 -50.22
N ASN C 176 19.61 13.88 -50.88
CA ASN C 176 20.20 12.55 -50.80
C ASN C 176 21.65 12.52 -51.25
N SER C 177 22.08 13.46 -52.08
CA SER C 177 23.50 13.61 -52.38
C SER C 177 24.29 13.70 -51.07
N ASN C 178 23.84 14.59 -50.18
CA ASN C 178 24.38 14.63 -48.84
C ASN C 178 24.18 13.29 -48.14
N LEU C 179 22.99 12.70 -48.26
CA LEU C 179 22.73 11.42 -47.62
C LEU C 179 23.58 10.31 -48.23
N GLU C 180 23.69 10.27 -49.56
CA GLU C 180 24.40 9.17 -50.19
C GLU C 180 25.89 9.25 -49.87
N LYS C 181 26.48 10.44 -50.02
CA LYS C 181 27.86 10.64 -49.58
C LYS C 181 28.02 10.50 -48.07
N ASN C 182 26.94 10.66 -47.32
CA ASN C 182 26.96 10.48 -45.88
C ASN C 182 27.13 9.01 -45.53
N LEU C 183 26.43 8.16 -46.27
CA LEU C 183 26.73 6.73 -46.22
C LEU C 183 28.16 6.47 -46.69
N LYS C 184 28.63 7.25 -47.66
CA LYS C 184 30.05 7.19 -47.99
C LYS C 184 30.93 7.84 -46.91
N GLN C 185 30.33 8.31 -45.81
CA GLN C 185 31.19 8.75 -44.73
C GLN C 185 30.83 8.17 -43.37
N MET C 186 29.53 8.01 -43.07
CA MET C 186 29.15 7.28 -41.85
C MET C 186 29.16 5.78 -42.08
N PHE C 187 28.35 5.30 -43.03
CA PHE C 187 28.44 3.89 -43.36
C PHE C 187 29.84 3.53 -43.81
N ALA C 188 30.59 4.48 -44.36
CA ALA C 188 32.00 4.24 -44.62
C ALA C 188 32.76 3.98 -43.32
N LYS C 189 32.65 4.87 -42.33
CA LYS C 189 33.52 4.70 -41.17
C LYS C 189 32.97 3.66 -40.20
N ILE C 190 31.86 3.00 -40.58
CA ILE C 190 31.54 1.72 -39.99
C ILE C 190 31.85 0.57 -40.94
N ARG C 191 32.24 0.89 -42.17
CA ARG C 191 32.70 -0.11 -43.12
C ARG C 191 34.16 0.05 -43.51
N GLU C 192 34.79 1.20 -43.24
CA GLU C 192 36.20 1.41 -43.50
C GLU C 192 37.06 1.06 -42.29
N ASN C 193 36.44 0.76 -41.15
CA ASN C 193 37.15 0.34 -39.96
C ASN C 193 36.91 -1.11 -39.60
N ASP C 194 35.88 -1.75 -40.16
CA ASP C 194 35.64 -3.16 -39.92
C ASP C 194 36.38 -4.01 -40.95
N LYS C 195 37.67 -3.74 -41.12
CA LYS C 195 38.45 -4.39 -42.17
C LYS C 195 38.70 -5.86 -41.86
N VAL C 196 39.03 -6.16 -40.60
CA VAL C 196 39.41 -7.51 -40.23
C VAL C 196 38.24 -8.47 -40.35
N LEU C 197 37.04 -8.01 -40.00
CA LEU C 197 35.89 -8.89 -39.86
C LEU C 197 35.16 -9.16 -41.16
N GLN C 198 35.70 -8.74 -42.31
CA GLN C 198 35.08 -9.05 -43.59
C GLN C 198 36.17 -9.39 -44.61
N ASP C 199 35.74 -9.76 -45.81
CA ASP C 199 36.64 -10.12 -46.87
C ASP C 199 36.33 -9.49 -48.21
N LYS C 200 35.14 -8.91 -48.41
CA LYS C 200 34.77 -8.32 -49.68
C LYS C 200 34.95 -6.80 -49.60
N TYR C 201 36.16 -6.39 -49.99
CA TYR C 201 36.72 -5.04 -49.97
C TYR C 201 36.33 -4.09 -51.09
N PRO C 202 36.08 -4.59 -52.32
CA PRO C 202 36.54 -3.86 -53.52
C PRO C 202 36.18 -2.38 -53.56
N LYS C 203 37.08 -1.60 -54.15
CA LYS C 203 36.95 -0.16 -54.28
C LYS C 203 35.71 0.20 -55.12
N ASP C 204 35.19 1.42 -54.92
CA ASP C 204 35.65 2.42 -53.95
C ASP C 204 35.45 1.93 -52.52
N GLN C 205 34.28 1.39 -52.26
CA GLN C 205 34.06 0.49 -51.13
C GLN C 205 33.14 -0.65 -51.52
N LYS C 206 32.66 -0.69 -52.76
CA LYS C 206 31.48 -1.45 -53.12
C LYS C 206 30.36 -1.12 -52.14
N TYR C 207 30.14 0.19 -51.98
CA TYR C 207 29.19 0.71 -51.01
C TYR C 207 27.86 -0.03 -51.06
N THR C 208 27.24 -0.06 -52.24
CA THR C 208 25.98 -0.79 -52.39
C THR C 208 26.17 -2.27 -52.07
N LYS C 209 27.28 -2.86 -52.54
CA LYS C 209 27.46 -4.29 -52.43
C LYS C 209 27.54 -4.77 -50.99
N LEU C 210 28.02 -3.92 -50.08
CA LEU C 210 28.07 -4.28 -48.66
C LEU C 210 26.90 -3.76 -47.85
N ARG C 211 26.39 -2.56 -48.14
CA ARG C 211 25.19 -2.14 -47.41
C ARG C 211 24.00 -2.99 -47.78
N GLU C 212 24.03 -3.65 -48.94
CA GLU C 212 23.03 -4.66 -49.25
C GLU C 212 23.03 -5.76 -48.22
N ALA C 213 24.20 -6.36 -47.97
CA ALA C 213 24.28 -7.44 -46.98
C ALA C 213 24.02 -6.93 -45.58
N TRP C 214 24.43 -5.69 -45.28
CA TRP C 214 24.16 -5.13 -43.96
C TRP C 214 22.66 -5.02 -43.70
N TRP C 215 21.94 -4.38 -44.61
CA TRP C 215 20.49 -4.28 -44.46
C TRP C 215 19.84 -5.65 -44.51
N ASN C 216 20.41 -6.57 -45.30
CA ASN C 216 19.87 -7.92 -45.37
C ASN C 216 19.96 -8.62 -44.02
N ALA C 217 21.08 -8.44 -43.32
CA ALA C 217 21.17 -8.97 -41.97
C ALA C 217 20.26 -8.23 -41.01
N ASN C 218 19.98 -6.95 -41.28
CA ASN C 218 19.15 -6.13 -40.40
C ASN C 218 17.69 -6.10 -40.83
N ARG C 219 17.16 -7.20 -41.36
CA ARG C 219 15.75 -7.23 -41.73
C ARG C 219 14.84 -7.00 -40.54
N GLN C 220 14.94 -7.88 -39.53
CA GLN C 220 13.90 -7.98 -38.52
C GLN C 220 13.66 -6.66 -37.81
N LYS C 221 14.72 -6.04 -37.30
CA LYS C 221 14.55 -4.91 -36.39
C LYS C 221 13.88 -3.73 -37.08
N VAL C 222 14.31 -3.40 -38.30
CA VAL C 222 13.75 -2.24 -38.98
C VAL C 222 12.28 -2.48 -39.30
N TRP C 223 11.94 -3.68 -39.76
CA TRP C 223 10.55 -3.98 -40.09
C TRP C 223 9.69 -3.89 -38.84
N GLU C 224 10.18 -4.47 -37.75
CA GLU C 224 9.47 -4.45 -36.48
C GLU C 224 9.23 -3.03 -36.01
N VAL C 225 10.24 -2.18 -36.06
CA VAL C 225 10.09 -0.82 -35.56
C VAL C 225 9.17 -0.01 -36.45
N ILE C 226 9.25 -0.20 -37.77
CA ILE C 226 8.39 0.58 -38.65
C ILE C 226 6.93 0.13 -38.52
N THR C 227 6.71 -1.15 -38.20
CA THR C 227 5.35 -1.60 -37.96
C THR C 227 4.81 -1.17 -36.60
N CYS C 228 5.66 -1.10 -35.59
CA CYS C 228 5.22 -0.95 -34.21
C CYS C 228 4.30 0.23 -34.01
N GLY C 229 4.35 1.23 -34.89
CA GLY C 229 3.42 2.34 -34.79
C GLY C 229 1.98 1.91 -34.95
N ALA C 230 1.74 0.92 -35.80
CA ALA C 230 0.38 0.46 -36.05
C ALA C 230 -0.20 -0.21 -34.81
N ARG C 231 -1.50 0.01 -34.60
CA ARG C 231 -2.18 -0.67 -33.50
C ARG C 231 -2.70 -2.02 -33.94
N SER C 232 -3.09 -2.84 -32.97
CA SER C 232 -3.41 -4.23 -33.24
C SER C 232 -4.54 -4.38 -34.24
N ASN C 233 -5.54 -3.51 -34.15
CA ASN C 233 -6.68 -3.58 -35.03
C ASN C 233 -6.34 -3.10 -36.45
N ASP C 234 -5.20 -2.43 -36.62
CA ASP C 234 -4.86 -1.82 -37.91
C ASP C 234 -4.75 -2.83 -39.05
N LEU C 235 -4.95 -4.12 -38.80
CA LEU C 235 -5.07 -5.07 -39.89
C LEU C 235 -3.79 -5.10 -40.72
N LEU C 236 -2.72 -5.60 -40.12
CA LEU C 236 -1.48 -5.71 -40.88
C LEU C 236 -1.64 -6.79 -41.94
N ILE C 237 -0.54 -7.13 -42.59
CA ILE C 237 -0.47 -7.00 -44.04
C ILE C 237 -1.84 -7.27 -44.65
N LYS C 238 -2.35 -6.25 -45.35
CA LYS C 238 -3.71 -6.19 -45.85
C LYS C 238 -3.85 -6.97 -47.14
N ARG C 239 -2.79 -7.64 -47.57
CA ARG C 239 -2.93 -8.70 -48.54
C ARG C 239 -3.89 -9.67 -47.91
N GLY C 240 -5.14 -9.64 -48.36
CA GLY C 240 -6.23 -9.97 -47.46
C GLY C 240 -7.41 -10.74 -48.00
N TRP C 241 -7.21 -11.61 -48.98
CA TRP C 241 -8.30 -12.48 -49.40
C TRP C 241 -8.66 -13.40 -48.23
N ARG C 242 -9.84 -14.01 -48.32
CA ARG C 242 -10.45 -14.63 -47.15
C ARG C 242 -9.57 -15.80 -46.70
N THR C 243 -8.80 -15.58 -45.64
CA THR C 243 -7.78 -16.48 -45.14
C THR C 243 -6.89 -17.03 -46.26
N SER C 244 -6.62 -16.22 -47.28
CA SER C 244 -5.84 -16.66 -48.43
C SER C 244 -5.43 -15.40 -49.21
N GLY C 245 -4.87 -15.59 -50.39
CA GLY C 245 -4.42 -14.45 -51.18
C GLY C 245 -3.98 -14.86 -52.56
N LYS C 246 -3.11 -14.02 -53.15
CA LYS C 246 -2.57 -14.24 -54.48
C LYS C 246 -1.61 -15.42 -54.54
N SER C 247 -1.23 -15.98 -53.40
CA SER C 247 -0.38 -17.16 -53.33
C SER C 247 -1.13 -18.21 -52.51
N ASP C 248 -2.38 -18.49 -52.91
CA ASP C 248 -3.42 -19.09 -52.09
C ASP C 248 -2.93 -20.08 -51.04
N ARG C 249 -3.37 -19.85 -49.80
CA ARG C 249 -2.94 -20.63 -48.65
C ARG C 249 -4.15 -20.93 -47.79
N LYS C 250 -3.95 -21.83 -46.83
CA LYS C 250 -4.94 -22.11 -45.79
C LYS C 250 -4.57 -21.33 -44.53
N LYS C 251 -5.22 -21.66 -43.41
CA LYS C 251 -4.91 -21.04 -42.12
C LYS C 251 -3.49 -21.38 -41.74
N ASN C 252 -2.59 -20.38 -41.76
CA ASN C 252 -1.20 -20.60 -41.38
C ASN C 252 -0.81 -19.79 -40.14
N PHE C 253 -1.00 -18.48 -40.19
CA PHE C 253 -0.66 -17.57 -39.09
C PHE C 253 -1.22 -16.19 -39.43
N GLU C 254 -0.90 -15.21 -38.59
CA GLU C 254 -1.61 -13.94 -38.64
C GLU C 254 -1.15 -13.02 -39.77
N LEU C 255 -0.24 -13.48 -40.61
CA LEU C 255 -0.25 -12.94 -41.97
C LEU C 255 -1.61 -13.17 -42.60
N CYS C 256 -2.33 -14.19 -42.13
CA CYS C 256 -3.76 -14.38 -42.37
C CYS C 256 -4.45 -14.12 -41.02
N ARG C 257 -4.83 -12.86 -40.77
CA ARG C 257 -4.58 -11.72 -41.65
C ARG C 257 -4.18 -10.41 -40.98
N LYS C 258 -3.51 -10.41 -39.83
CA LYS C 258 -3.16 -9.13 -39.21
C LYS C 258 -1.90 -9.17 -38.35
N CYS C 259 -1.48 -7.97 -37.97
CA CYS C 259 -0.57 -7.72 -36.87
C CYS C 259 0.82 -8.33 -37.11
N GLY C 260 1.50 -7.86 -38.17
CA GLY C 260 2.85 -8.32 -38.44
C GLY C 260 3.87 -7.90 -37.40
N HIS C 261 3.65 -6.76 -36.76
CA HIS C 261 4.55 -6.32 -35.70
C HIS C 261 4.60 -7.34 -34.56
N TYR C 262 3.46 -7.92 -34.22
CA TYR C 262 3.44 -8.99 -33.23
C TYR C 262 3.85 -10.32 -33.85
N GLU C 263 3.62 -10.48 -35.15
CA GLU C 263 4.14 -11.65 -35.84
C GLU C 263 5.65 -11.76 -35.69
N LYS C 264 6.33 -10.61 -35.67
CA LYS C 264 7.73 -10.44 -35.27
C LYS C 264 8.74 -11.03 -36.26
N GLU C 265 8.29 -11.71 -37.31
CA GLU C 265 9.10 -11.96 -38.49
C GLU C 265 8.73 -10.96 -39.56
N VAL C 266 9.48 -10.95 -40.65
CA VAL C 266 9.15 -10.14 -41.82
C VAL C 266 8.30 -11.00 -42.75
N PRO C 267 7.03 -10.67 -42.94
CA PRO C 267 6.16 -11.52 -43.75
C PRO C 267 6.05 -11.04 -45.18
N THR C 268 6.65 -9.89 -45.46
CA THR C 268 6.52 -9.26 -46.76
C THR C 268 7.78 -9.44 -47.58
N LYS C 269 7.60 -9.75 -48.86
CA LYS C 269 8.69 -9.83 -49.81
C LYS C 269 8.47 -8.89 -50.99
N LEU C 270 7.61 -7.88 -50.83
CA LEU C 270 7.54 -6.78 -51.77
C LEU C 270 8.78 -5.91 -51.68
N ASP C 271 9.66 -6.19 -50.73
CA ASP C 271 10.86 -5.39 -50.54
C ASP C 271 12.07 -6.03 -51.22
N TYR C 272 12.26 -7.35 -51.10
CA TYR C 272 13.15 -8.03 -52.02
C TYR C 272 12.66 -8.02 -53.46
N VAL C 273 11.40 -7.69 -53.69
CA VAL C 273 11.00 -7.16 -54.98
C VAL C 273 11.98 -6.05 -55.31
N PRO C 274 12.80 -6.21 -56.36
CA PRO C 274 13.88 -5.24 -56.60
C PRO C 274 13.34 -3.82 -56.73
N GLN C 275 14.15 -2.84 -56.34
CA GLN C 275 13.67 -1.47 -56.28
C GLN C 275 13.16 -0.99 -57.62
N PHE C 276 13.74 -1.47 -58.73
CA PHE C 276 13.13 -1.22 -60.03
C PHE C 276 11.94 -2.12 -60.31
N LEU C 277 11.95 -3.38 -59.85
CA LEU C 277 10.66 -4.07 -59.88
C LEU C 277 9.70 -3.43 -58.90
N ARG C 278 10.20 -2.83 -57.83
CA ARG C 278 9.40 -1.96 -57.00
C ARG C 278 9.35 -0.54 -57.53
N TRP C 279 10.03 -0.28 -58.66
CA TRP C 279 9.48 0.70 -59.57
C TRP C 279 8.68 0.08 -60.70
N LEU C 280 8.96 -1.16 -61.09
CA LEU C 280 7.94 -1.86 -61.87
C LEU C 280 6.71 -2.16 -61.03
N THR C 281 6.72 -1.71 -59.77
CA THR C 281 5.55 -1.61 -58.90
C THR C 281 5.24 -0.15 -58.60
N GLU C 282 6.27 0.64 -58.30
CA GLU C 282 6.10 2.03 -57.91
C GLU C 282 5.57 2.89 -59.06
N TRP C 283 6.21 2.81 -60.23
CA TRP C 283 5.57 3.34 -61.44
C TRP C 283 4.26 2.61 -61.66
N ILE C 284 4.28 1.29 -61.52
CA ILE C 284 3.22 0.47 -62.14
C ILE C 284 2.13 0.14 -61.13
N GLU C 285 2.48 -0.65 -60.11
CA GLU C 285 1.46 -1.13 -59.18
C GLU C 285 1.05 -0.04 -58.20
N ASP C 286 1.95 0.90 -57.91
CA ASP C 286 1.55 2.03 -57.09
C ASP C 286 0.59 2.94 -57.85
N PHE C 287 0.93 3.25 -59.12
CA PHE C 287 -0.06 3.75 -60.05
C PHE C 287 -1.33 2.96 -59.89
N TYR C 288 -1.24 1.65 -60.18
CA TYR C 288 -2.41 0.79 -60.19
C TYR C 288 -3.29 1.10 -59.00
N ARG C 289 -2.79 0.78 -57.81
CA ARG C 289 -3.62 0.90 -56.61
C ARG C 289 -4.05 2.33 -56.39
N GLU C 290 -3.13 3.23 -56.06
CA GLU C 290 -3.60 4.52 -55.55
C GLU C 290 -4.20 5.42 -56.63
N LYS C 291 -3.67 5.45 -57.84
CA LYS C 291 -4.21 6.31 -58.88
C LYS C 291 -5.36 5.69 -59.67
N GLN C 292 -5.36 4.38 -59.96
CA GLN C 292 -6.59 3.80 -60.48
C GLN C 292 -7.67 3.82 -59.41
N ASN C 293 -7.27 3.83 -58.14
CA ASN C 293 -8.20 4.06 -57.03
C ASN C 293 -8.72 5.48 -57.07
N LEU C 294 -7.88 6.44 -57.49
CA LEU C 294 -8.35 7.78 -57.74
C LEU C 294 -9.51 7.78 -58.74
N ILE C 295 -9.56 6.82 -59.65
CA ILE C 295 -10.71 6.61 -60.51
C ILE C 295 -11.49 5.35 -60.13
N ASP C 296 -11.16 4.73 -59.00
CA ASP C 296 -11.98 3.65 -58.46
C ASP C 296 -12.67 4.03 -57.16
N ASP C 297 -11.91 4.44 -56.13
CA ASP C 297 -12.51 4.75 -54.84
C ASP C 297 -12.30 6.20 -54.42
N MET C 298 -11.22 6.86 -54.84
CA MET C 298 -11.20 8.32 -54.79
C MET C 298 -12.00 8.93 -55.93
N GLU C 299 -12.36 8.15 -56.94
CA GLU C 299 -13.60 8.42 -57.65
C GLU C 299 -14.70 7.94 -56.72
N ARG C 300 -15.03 8.77 -55.72
CA ARG C 300 -15.72 8.31 -54.52
C ARG C 300 -17.02 7.63 -54.89
N HIS C 301 -17.85 8.32 -55.67
CA HIS C 301 -18.96 7.69 -56.37
C HIS C 301 -19.64 8.74 -57.23
N ARG C 302 -20.53 8.30 -58.13
CA ARG C 302 -21.34 9.20 -58.93
C ARG C 302 -22.63 9.58 -58.23
N GLU C 303 -22.69 9.42 -56.90
CA GLU C 303 -23.86 9.69 -56.10
C GLU C 303 -23.98 11.16 -55.69
N GLU C 304 -23.26 12.07 -56.34
CA GLU C 304 -23.30 13.46 -55.95
C GLU C 304 -24.03 14.29 -57.00
N CYS C 305 -25.09 13.73 -57.58
CA CYS C 305 -25.90 14.45 -58.55
C CYS C 305 -26.62 15.65 -57.94
N THR C 306 -27.16 15.50 -56.73
CA THR C 306 -27.87 16.57 -56.02
C THR C 306 -29.00 17.15 -56.88
N ARG C 307 -29.97 16.28 -57.14
CA ARG C 307 -31.11 16.62 -58.01
C ARG C 307 -32.38 16.95 -57.24
N GLU C 308 -32.64 16.27 -56.12
CA GLU C 308 -33.92 16.40 -55.43
C GLU C 308 -34.13 17.80 -54.88
N ASP C 309 -33.11 18.38 -54.26
CA ASP C 309 -33.24 19.63 -53.51
C ASP C 309 -32.72 20.80 -54.32
N HIS C 310 -33.42 21.93 -54.23
CA HIS C 310 -32.99 23.16 -54.88
C HIS C 310 -32.16 24.00 -53.91
N LYS C 311 -31.18 24.72 -54.46
CA LYS C 311 -30.24 25.50 -53.66
C LYS C 311 -30.42 26.98 -53.96
N SER C 312 -30.45 27.79 -52.89
CA SER C 312 -30.62 29.23 -53.05
C SER C 312 -29.26 29.94 -53.09
N LYS C 313 -28.48 29.81 -52.03
CA LYS C 313 -27.19 30.47 -51.91
C LYS C 313 -26.11 29.45 -51.59
N GLU C 314 -24.90 29.71 -52.09
CA GLU C 314 -23.75 28.88 -51.84
C GLU C 314 -22.56 29.63 -51.26
N GLY C 315 -22.45 30.93 -51.51
CA GLY C 315 -21.38 31.73 -50.97
C GLY C 315 -20.18 31.83 -51.88
N THR C 316 -19.78 30.70 -52.47
CA THR C 316 -18.69 30.66 -53.43
C THR C 316 -18.80 29.38 -54.22
N SER C 317 -18.16 29.37 -55.39
CA SER C 317 -18.17 28.21 -56.29
C SER C 317 -16.75 27.69 -56.44
N TYR C 318 -16.48 26.52 -55.89
CA TYR C 318 -15.20 25.85 -56.02
C TYR C 318 -15.28 24.59 -56.88
N CYS C 319 -16.47 23.98 -56.97
CA CYS C 319 -16.65 22.73 -57.68
C CYS C 319 -16.98 22.93 -59.16
N SER C 320 -16.66 24.10 -59.71
CA SER C 320 -16.82 24.31 -61.14
C SER C 320 -15.92 23.38 -61.93
N THR C 321 -14.68 23.23 -61.48
CA THR C 321 -13.73 22.31 -62.11
C THR C 321 -13.83 20.89 -61.55
N CYS C 322 -14.50 20.70 -60.42
CA CYS C 322 -14.51 19.37 -59.78
C CYS C 322 -15.22 18.35 -60.66
N LYS C 323 -16.52 18.52 -60.91
CA LYS C 323 -17.24 17.51 -61.67
C LYS C 323 -16.89 17.56 -63.16
N ASP C 324 -16.63 18.77 -63.70
CA ASP C 324 -16.25 18.84 -65.10
C ASP C 324 -14.94 18.11 -65.35
N LYS C 325 -13.93 18.30 -64.49
CA LYS C 325 -12.68 17.57 -64.57
C LYS C 325 -12.78 16.17 -63.98
N CYS C 326 -13.91 15.83 -63.36
CA CYS C 326 -14.17 14.46 -62.92
C CYS C 326 -14.65 13.57 -64.06
N LYS C 327 -15.57 14.08 -64.88
CA LYS C 327 -15.92 13.41 -66.11
C LYS C 327 -14.84 13.56 -67.18
N LYS C 328 -14.20 14.72 -67.23
CA LYS C 328 -13.01 14.90 -68.06
C LYS C 328 -11.89 13.99 -67.56
N TYR C 329 -11.93 13.63 -66.28
CA TYR C 329 -10.88 12.94 -65.54
C TYR C 329 -10.76 11.50 -66.03
N CYS C 330 -11.59 11.14 -67.01
CA CYS C 330 -11.45 9.91 -67.78
C CYS C 330 -11.62 10.16 -69.27
N GLU C 331 -11.86 11.42 -69.66
CA GLU C 331 -12.01 11.80 -71.05
C GLU C 331 -10.99 12.84 -71.50
N CYS C 332 -10.25 13.44 -70.57
CA CYS C 332 -9.24 14.44 -70.91
C CYS C 332 -8.07 13.82 -71.65
N VAL C 333 -7.70 14.43 -72.79
CA VAL C 333 -6.51 14.04 -73.50
C VAL C 333 -5.28 14.60 -72.78
N LYS C 334 -5.48 15.47 -71.78
CA LYS C 334 -4.38 16.17 -71.13
C LYS C 334 -4.26 15.90 -69.64
N LYS C 335 -5.09 15.03 -69.05
CA LYS C 335 -4.79 14.59 -67.69
C LYS C 335 -4.99 13.09 -67.43
N TRP C 336 -5.83 12.40 -68.19
CA TRP C 336 -6.04 10.96 -68.04
C TRP C 336 -6.01 10.20 -69.36
N LYS C 337 -6.10 10.90 -70.49
CA LYS C 337 -5.47 10.34 -71.69
C LYS C 337 -4.04 10.82 -71.77
N THR C 338 -3.72 11.93 -71.09
CA THR C 338 -2.37 12.21 -70.61
C THR C 338 -2.23 11.69 -69.18
N GLU C 339 -2.89 10.58 -68.90
CA GLU C 339 -2.42 9.60 -67.95
C GLU C 339 -2.61 8.18 -68.47
N TRP C 340 -3.16 8.01 -69.67
CA TRP C 340 -3.06 6.69 -70.28
C TRP C 340 -2.08 6.72 -71.44
N GLU C 341 -2.37 7.41 -72.55
CA GLU C 341 -1.43 7.29 -73.65
C GLU C 341 -0.39 8.40 -73.63
N ASN C 342 -0.22 9.06 -72.48
CA ASN C 342 0.95 9.88 -72.24
C ASN C 342 1.70 9.45 -70.98
N GLN C 343 1.00 9.27 -69.85
CA GLN C 343 1.69 8.82 -68.64
C GLN C 343 1.80 7.32 -68.56
N GLU C 344 0.79 6.57 -69.01
CA GLU C 344 0.94 5.14 -69.19
C GLU C 344 1.95 4.82 -70.28
N ASN C 345 2.34 5.82 -71.07
CA ASN C 345 3.53 5.69 -71.91
C ASN C 345 4.75 5.51 -71.01
N LYS C 346 4.53 5.68 -69.71
CA LYS C 346 5.51 5.30 -68.71
C LYS C 346 5.01 4.16 -67.83
N TYR C 347 3.79 3.65 -68.07
CA TYR C 347 3.21 2.61 -67.24
C TYR C 347 3.00 1.30 -68.00
N LYS C 348 2.16 1.29 -69.04
CA LYS C 348 1.74 0.05 -69.70
C LYS C 348 1.68 0.15 -71.22
N ASP C 349 1.53 1.34 -71.80
CA ASP C 349 1.31 1.53 -73.24
C ASP C 349 2.42 2.47 -73.74
N LEU C 350 3.66 2.02 -73.54
CA LEU C 350 4.81 2.82 -73.15
C LEU C 350 5.30 3.79 -74.22
N TYR C 351 4.41 4.17 -75.16
CA TYR C 351 4.80 4.88 -76.38
C TYR C 351 5.97 5.85 -76.19
N GLU C 352 5.98 6.63 -75.12
CA GLU C 352 7.10 7.53 -74.85
C GLU C 352 8.38 6.77 -74.50
N GLN C 353 8.43 6.09 -73.36
CA GLN C 353 9.55 5.21 -73.02
C GLN C 353 9.15 3.77 -73.31
N ASN C 354 9.16 3.43 -74.60
CA ASN C 354 8.53 2.19 -75.07
C ASN C 354 9.21 0.96 -74.48
N LYS C 355 8.51 0.29 -73.57
CA LYS C 355 8.98 -0.96 -72.96
C LYS C 355 10.43 -0.82 -72.53
N ASN C 356 10.67 0.01 -71.50
CA ASN C 356 11.90 0.78 -71.34
C ASN C 356 13.12 0.02 -71.81
N LYS C 357 13.84 0.57 -72.80
CA LYS C 357 14.89 -0.16 -73.48
C LYS C 357 16.26 0.25 -72.97
N THR C 358 16.56 1.55 -73.07
CA THR C 358 17.82 2.10 -72.62
C THR C 358 17.59 3.52 -72.12
N SER C 359 18.20 3.88 -70.99
CA SER C 359 17.88 5.14 -70.33
C SER C 359 18.96 6.19 -70.59
N GLN C 360 18.54 7.30 -71.20
CA GLN C 360 19.29 8.54 -71.18
C GLN C 360 18.62 9.61 -70.34
N LYS C 361 17.29 9.59 -70.27
CA LYS C 361 16.51 10.42 -69.36
C LYS C 361 15.44 9.55 -68.72
N ASN C 362 15.83 8.36 -68.28
CA ASN C 362 14.89 7.35 -67.81
C ASN C 362 15.55 6.60 -66.65
N THR C 363 15.00 5.43 -66.32
CA THR C 363 15.35 4.71 -65.10
C THR C 363 16.68 3.97 -65.22
N SER C 364 17.47 4.00 -64.15
CA SER C 364 18.67 3.19 -64.01
C SER C 364 18.38 2.10 -62.99
N ARG C 365 18.91 0.90 -63.22
CA ARG C 365 18.29 -0.30 -62.66
C ARG C 365 19.15 -1.09 -61.68
N TYR C 366 20.48 -1.05 -61.79
CA TYR C 366 21.34 -2.02 -61.09
C TYR C 366 20.98 -3.45 -61.52
N ASP C 367 21.31 -3.71 -62.80
CA ASP C 367 20.82 -4.91 -63.48
C ASP C 367 21.22 -6.20 -62.76
N ASP C 368 22.33 -6.17 -62.01
CA ASP C 368 22.90 -7.39 -61.44
C ASP C 368 21.84 -8.31 -60.82
N TYR C 369 20.80 -7.72 -60.23
CA TYR C 369 19.72 -8.50 -59.64
C TYR C 369 18.37 -8.22 -60.28
N VAL C 370 18.30 -7.35 -61.29
CA VAL C 370 17.03 -6.97 -61.89
C VAL C 370 17.10 -7.14 -63.41
N LYS C 371 18.24 -7.67 -63.89
CA LYS C 371 18.43 -7.82 -65.33
C LYS C 371 17.42 -8.78 -65.93
N ASP C 372 17.08 -9.84 -65.21
CA ASP C 372 16.13 -10.84 -65.72
C ASP C 372 14.80 -10.19 -66.08
N PHE C 373 14.45 -9.10 -65.39
CA PHE C 373 13.19 -8.42 -65.66
C PHE C 373 13.16 -7.81 -67.05
N PHE C 374 14.28 -7.27 -67.52
CA PHE C 374 14.33 -6.72 -68.87
C PHE C 374 13.85 -7.74 -69.89
N GLU C 375 14.44 -8.93 -69.88
CA GLU C 375 14.06 -9.97 -70.82
C GLU C 375 12.65 -10.48 -70.56
N LYS C 376 12.32 -10.74 -69.29
CA LYS C 376 11.06 -11.41 -68.99
C LYS C 376 9.85 -10.50 -69.05
N LEU C 377 10.02 -9.19 -69.12
CA LEU C 377 8.85 -8.34 -69.19
C LEU C 377 8.91 -7.27 -70.28
N GLU C 378 10.09 -6.70 -70.54
CA GLU C 378 10.15 -5.48 -71.34
C GLU C 378 10.29 -5.75 -72.83
N ALA C 379 11.38 -6.42 -73.23
CA ALA C 379 11.69 -6.56 -74.65
C ALA C 379 12.24 -7.93 -75.04
N ASN C 380 11.79 -9.00 -74.40
CA ASN C 380 12.24 -10.34 -74.78
C ASN C 380 11.17 -11.34 -74.30
N TYR C 381 11.54 -12.62 -74.26
CA TYR C 381 10.58 -13.67 -73.95
C TYR C 381 9.96 -13.46 -72.56
N SER C 382 8.66 -13.71 -72.45
CA SER C 382 7.91 -13.40 -71.24
C SER C 382 7.00 -14.55 -70.84
N SER C 383 7.52 -15.78 -70.78
CA SER C 383 6.71 -16.95 -70.47
C SER C 383 7.33 -17.71 -69.30
N LEU C 384 6.66 -17.67 -68.15
CA LEU C 384 7.05 -18.45 -66.97
C LEU C 384 5.77 -18.80 -66.21
N GLU C 385 5.94 -19.19 -64.95
CA GLU C 385 4.83 -19.60 -64.10
C GLU C 385 4.06 -18.38 -63.61
N ASN C 386 3.22 -18.56 -62.58
CA ASN C 386 2.67 -17.44 -61.82
C ASN C 386 3.80 -16.70 -61.13
N TYR C 387 5.02 -17.25 -61.25
CA TYR C 387 6.29 -16.65 -60.88
C TYR C 387 6.48 -15.31 -61.59
N ILE C 388 5.60 -14.98 -62.54
CA ILE C 388 5.64 -13.67 -63.19
C ILE C 388 4.43 -12.84 -62.77
N LYS C 389 3.23 -13.33 -63.08
CA LYS C 389 2.00 -12.56 -62.95
C LYS C 389 1.01 -13.34 -62.08
N GLY C 390 0.09 -12.60 -61.46
CA GLY C 390 -0.91 -13.21 -60.61
C GLY C 390 -0.77 -12.77 -59.17
N ASP C 391 0.46 -12.72 -58.68
CA ASP C 391 0.73 -12.22 -57.34
C ASP C 391 0.73 -10.69 -57.33
N PRO C 392 1.35 -10.01 -58.29
CA PRO C 392 1.09 -8.57 -58.43
C PRO C 392 -0.37 -8.32 -58.80
N TYR C 393 -0.91 -7.23 -58.25
CA TYR C 393 -2.30 -6.88 -58.49
C TYR C 393 -2.46 -6.49 -59.95
N PHE C 394 -3.04 -7.40 -60.74
CA PHE C 394 -2.99 -7.31 -62.20
C PHE C 394 -4.28 -6.77 -62.82
N ALA C 395 -5.43 -7.38 -62.54
CA ALA C 395 -6.69 -7.04 -63.20
C ALA C 395 -7.70 -6.67 -62.13
N GLU C 396 -7.70 -5.39 -61.75
CA GLU C 396 -8.64 -4.85 -60.78
C GLU C 396 -9.27 -3.55 -61.28
N TYR C 397 -9.19 -3.29 -62.58
CA TYR C 397 -9.46 -1.96 -63.12
C TYR C 397 -10.37 -2.03 -64.35
N ALA C 398 -11.48 -2.75 -64.24
CA ALA C 398 -12.45 -2.91 -65.32
C ALA C 398 -11.82 -3.57 -66.55
N THR C 399 -11.38 -4.81 -66.34
CA THR C 399 -10.91 -5.67 -67.42
C THR C 399 -12.05 -6.61 -67.80
N LYS C 400 -12.64 -6.40 -68.98
CA LYS C 400 -13.90 -7.03 -69.36
C LYS C 400 -13.77 -7.72 -70.72
N LEU C 401 -12.73 -8.52 -70.89
CA LEU C 401 -12.60 -9.30 -72.12
C LEU C 401 -13.71 -10.33 -72.20
N SER C 402 -14.38 -10.37 -73.34
CA SER C 402 -15.55 -11.23 -73.56
C SER C 402 -15.46 -11.93 -74.91
N PHE C 403 -14.30 -12.53 -75.19
CA PHE C 403 -14.08 -13.22 -76.45
C PHE C 403 -14.53 -14.67 -76.45
N ILE C 404 -15.08 -15.16 -75.34
CA ILE C 404 -15.49 -16.56 -75.22
C ILE C 404 -16.96 -16.62 -74.85
N LEU C 405 -17.63 -17.67 -75.33
CA LEU C 405 -19.03 -17.92 -75.02
C LEU C 405 -19.18 -19.32 -74.44
N ASN C 406 -20.05 -19.44 -73.45
CA ASN C 406 -20.25 -20.70 -72.75
C ASN C 406 -21.71 -21.13 -72.82
N PRO C 407 -22.05 -22.15 -73.61
CA PRO C 407 -23.45 -22.58 -73.70
C PRO C 407 -23.91 -23.41 -72.53
N SER C 408 -23.03 -24.22 -71.93
CA SER C 408 -23.43 -25.07 -70.81
C SER C 408 -23.76 -24.24 -69.59
N ASP C 409 -24.77 -24.67 -68.84
CA ASP C 409 -25.19 -24.00 -67.62
C ASP C 409 -24.70 -24.81 -66.42
N ALA C 410 -23.75 -24.25 -65.67
CA ALA C 410 -23.30 -24.81 -64.42
C ALA C 410 -24.00 -24.20 -63.21
N ASN C 411 -25.25 -23.77 -63.38
CA ASN C 411 -25.97 -23.02 -62.36
C ASN C 411 -26.98 -23.92 -61.65
N ASN C 412 -27.13 -23.69 -60.36
CA ASN C 412 -28.21 -24.26 -59.56
C ASN C 412 -29.50 -23.52 -59.92
N PRO C 413 -30.64 -23.84 -59.27
CA PRO C 413 -31.81 -22.97 -59.40
C PRO C 413 -31.45 -21.50 -59.27
N SER C 414 -31.89 -20.71 -60.25
CA SER C 414 -31.39 -19.34 -60.41
C SER C 414 -31.54 -18.53 -59.14
N GLY C 415 -30.45 -17.86 -58.75
CA GLY C 415 -30.44 -17.07 -57.54
C GLY C 415 -29.23 -17.34 -56.66
N GLN C 496 -21.86 18.97 -39.55
CA GLN C 496 -21.93 17.60 -40.07
C GLN C 496 -22.60 16.67 -39.07
N ASP C 497 -21.78 16.03 -38.23
CA ASP C 497 -22.28 15.06 -37.27
C ASP C 497 -22.50 15.69 -35.91
N LEU C 498 -23.44 15.12 -35.16
CA LEU C 498 -23.56 15.46 -33.75
C LEU C 498 -22.56 14.62 -32.96
N LEU C 499 -22.13 15.10 -31.80
CA LEU C 499 -21.24 14.29 -30.99
C LEU C 499 -21.43 14.60 -29.51
N GLY C 500 -22.29 13.86 -28.84
CA GLY C 500 -22.47 14.06 -27.42
C GLY C 500 -21.40 13.30 -26.66
N ILE C 501 -21.12 13.72 -25.42
CA ILE C 501 -20.13 13.05 -24.61
C ILE C 501 -20.76 12.78 -23.24
N LEU C 502 -20.45 11.63 -22.64
CA LEU C 502 -21.11 11.33 -21.37
C LEU C 502 -20.15 10.95 -20.26
N GLN C 503 -20.73 10.50 -19.15
CA GLN C 503 -20.01 10.19 -17.93
C GLN C 503 -20.46 8.86 -17.35
N GLU C 504 -20.52 7.82 -18.18
CA GLU C 504 -21.18 6.60 -17.74
C GLU C 504 -20.48 6.03 -16.53
N ASN C 505 -21.24 5.73 -15.48
CA ASN C 505 -20.71 5.29 -14.21
C ASN C 505 -20.53 3.78 -14.24
N CYS C 506 -19.33 3.33 -14.58
CA CYS C 506 -19.03 1.93 -14.44
C CYS C 506 -18.99 1.54 -12.98
N SER C 507 -19.47 0.34 -12.68
CA SER C 507 -19.35 -0.23 -11.35
C SER C 507 -18.48 -1.46 -11.50
N ASP C 508 -17.16 -1.25 -11.53
CA ASP C 508 -16.24 -2.37 -11.54
C ASP C 508 -15.97 -2.91 -10.16
N ASN C 509 -17.04 -3.14 -9.41
CA ASN C 509 -16.94 -3.37 -7.99
C ASN C 509 -18.27 -3.72 -7.38
N LYS C 510 -18.27 -4.00 -6.10
CA LYS C 510 -19.43 -3.73 -5.28
C LYS C 510 -19.00 -3.18 -3.92
N ARG C 511 -17.71 -3.07 -3.66
CA ARG C 511 -17.14 -2.81 -2.34
C ARG C 511 -16.50 -1.42 -2.30
N GLY C 512 -15.80 -1.13 -1.22
CA GLY C 512 -15.23 0.21 -1.02
C GLY C 512 -14.99 0.98 -2.31
N SER C 513 -14.00 0.58 -3.10
CA SER C 513 -13.64 1.34 -4.33
C SER C 513 -13.36 2.79 -3.95
N SER C 514 -12.20 3.05 -3.36
CA SER C 514 -11.85 4.42 -2.90
C SER C 514 -12.56 5.47 -3.75
N SER C 515 -12.12 5.62 -4.99
CA SER C 515 -12.75 6.63 -5.87
C SER C 515 -13.83 5.96 -6.72
N ASN C 516 -14.72 6.74 -7.30
CA ASN C 516 -15.78 6.26 -8.16
C ASN C 516 -15.38 6.33 -9.62
N ASP C 517 -15.79 5.33 -10.39
CA ASP C 517 -15.43 5.27 -11.80
C ASP C 517 -16.42 6.04 -12.65
N SER C 518 -15.90 6.64 -13.71
CA SER C 518 -16.74 7.30 -14.71
C SER C 518 -16.02 7.34 -16.04
N CYS C 519 -16.47 6.54 -16.99
CA CYS C 519 -15.83 6.52 -18.30
C CYS C 519 -16.53 7.47 -19.26
N ASP C 520 -15.75 7.96 -20.22
CA ASP C 520 -16.22 8.89 -21.24
C ASP C 520 -16.58 8.09 -22.47
N ASN C 521 -17.79 8.27 -22.96
CA ASN C 521 -18.17 7.67 -24.23
C ASN C 521 -18.93 8.66 -25.09
N LYS C 522 -18.88 8.45 -26.40
CA LYS C 522 -19.29 9.41 -27.40
C LYS C 522 -20.55 8.90 -28.09
N ASN C 523 -21.71 9.42 -27.68
CA ASN C 523 -22.88 9.14 -28.48
C ASN C 523 -22.89 10.01 -29.74
N GLN C 524 -23.48 9.47 -30.79
CA GLN C 524 -23.48 10.12 -32.09
C GLN C 524 -24.81 9.97 -32.81
N ASP C 525 -25.90 10.38 -32.17
CA ASP C 525 -27.27 10.04 -32.54
C ASP C 525 -27.49 9.90 -34.04
N GLU C 526 -26.78 10.68 -34.85
CA GLU C 526 -26.87 10.52 -36.29
C GLU C 526 -26.45 9.12 -36.72
N CYS C 527 -25.67 8.43 -35.90
CA CYS C 527 -25.38 7.02 -36.15
C CYS C 527 -26.21 6.14 -35.23
N GLN C 528 -27.43 5.82 -35.67
CA GLN C 528 -28.43 5.15 -34.84
C GLN C 528 -29.60 4.83 -35.77
N LYS C 529 -30.66 4.16 -35.31
CA LYS C 529 -31.72 3.84 -36.25
C LYS C 529 -32.65 5.02 -36.50
N LYS C 530 -33.60 5.32 -35.60
CA LYS C 530 -34.00 6.70 -35.41
C LYS C 530 -34.43 7.01 -33.97
N LEU C 531 -35.26 6.13 -33.39
CA LEU C 531 -35.96 6.35 -32.12
C LEU C 531 -36.88 5.18 -31.80
N GLU C 532 -37.68 5.32 -30.73
CA GLU C 532 -38.89 4.49 -30.61
C GLU C 532 -38.66 2.99 -30.42
N LYS C 533 -38.41 2.60 -29.17
CA LYS C 533 -38.03 1.27 -28.72
C LYS C 533 -39.11 0.21 -28.90
N VAL C 534 -39.12 -0.77 -27.98
CA VAL C 534 -39.24 -2.21 -28.20
C VAL C 534 -40.15 -2.65 -29.35
N PHE C 535 -39.62 -3.59 -30.13
CA PHE C 535 -40.25 -4.29 -31.24
C PHE C 535 -39.54 -5.61 -31.38
N ALA C 536 -40.28 -6.71 -31.53
CA ALA C 536 -39.62 -8.01 -31.52
C ALA C 536 -40.50 -9.05 -32.19
N SER C 537 -40.08 -9.49 -33.39
CA SER C 537 -40.42 -10.83 -33.88
C SER C 537 -39.61 -11.19 -35.11
N LEU C 538 -38.84 -12.28 -35.02
CA LEU C 538 -38.18 -13.01 -36.11
C LEU C 538 -37.46 -14.23 -35.57
N THR C 539 -37.23 -15.24 -36.41
CA THR C 539 -36.48 -16.44 -36.06
C THR C 539 -35.69 -16.93 -37.27
N ASN C 540 -35.22 -18.18 -37.21
CA ASN C 540 -34.61 -18.85 -38.36
C ASN C 540 -33.39 -18.12 -38.88
N GLY C 541 -32.36 -18.00 -38.06
CA GLY C 541 -31.11 -17.39 -38.48
C GLY C 541 -29.99 -18.39 -38.65
N SER C 554 -19.87 -27.34 -30.10
CA SER C 554 -19.98 -27.14 -28.65
C SER C 554 -18.62 -27.28 -27.97
N LYS C 555 -17.97 -26.13 -27.80
CA LYS C 555 -16.61 -26.10 -27.20
C LYS C 555 -16.77 -26.08 -25.70
N LYS C 556 -15.70 -26.35 -24.97
CA LYS C 556 -15.88 -26.45 -23.51
C LYS C 556 -14.51 -26.49 -22.83
N LYS C 557 -13.55 -25.77 -23.37
CA LYS C 557 -12.22 -25.89 -22.75
C LYS C 557 -11.56 -24.53 -22.78
N TRP C 558 -11.43 -23.89 -21.64
CA TRP C 558 -10.72 -22.61 -21.73
C TRP C 558 -9.49 -22.89 -22.58
N ILE C 559 -9.34 -22.20 -23.71
CA ILE C 559 -8.15 -22.36 -24.59
C ILE C 559 -7.11 -21.34 -24.16
N TRP C 560 -6.46 -21.57 -23.03
CA TRP C 560 -5.40 -20.68 -22.56
C TRP C 560 -4.27 -20.70 -23.56
N LYS C 561 -4.42 -21.43 -24.65
CA LYS C 561 -3.27 -21.60 -25.58
C LYS C 561 -3.00 -20.27 -26.20
N LYS C 562 -2.62 -20.29 -27.45
CA LYS C 562 -2.33 -18.93 -27.89
C LYS C 562 -1.96 -18.74 -29.32
N SER C 563 -1.48 -17.53 -29.55
CA SER C 563 -1.06 -17.15 -30.89
C SER C 563 -2.01 -17.76 -31.91
N SER C 564 -3.20 -18.14 -31.48
CA SER C 564 -4.18 -18.67 -32.43
C SER C 564 -3.49 -18.94 -33.75
N GLY C 565 -2.60 -19.94 -33.80
CA GLY C 565 -1.90 -20.28 -35.04
C GLY C 565 -2.84 -20.16 -36.22
N ASN C 566 -4.11 -20.51 -36.02
CA ASN C 566 -5.14 -20.41 -37.08
C ASN C 566 -6.41 -20.99 -36.48
N GLU C 567 -6.25 -21.62 -35.31
CA GLU C 567 -7.41 -22.14 -34.57
C GLU C 567 -7.68 -21.16 -33.45
N GLU C 568 -8.59 -21.48 -32.55
CA GLU C 568 -8.94 -20.47 -31.52
C GLU C 568 -7.69 -20.17 -30.72
N GLY C 569 -7.77 -19.18 -29.85
CA GLY C 569 -6.59 -18.79 -29.07
C GLY C 569 -6.58 -17.31 -28.80
N LEU C 570 -5.54 -16.83 -28.16
CA LEU C 570 -5.52 -15.42 -27.79
C LEU C 570 -4.52 -14.69 -28.69
N GLN C 571 -4.67 -13.38 -28.91
CA GLN C 571 -3.78 -12.57 -29.70
C GLN C 571 -2.33 -12.86 -29.31
N GLU C 572 -1.40 -12.36 -30.12
CA GLU C 572 0.01 -12.63 -29.86
C GLU C 572 0.45 -12.02 -28.54
N GLU C 573 -0.14 -10.90 -28.16
CA GLU C 573 0.34 -10.16 -27.01
C GLU C 573 -0.27 -10.66 -25.71
N TYR C 574 -1.42 -11.32 -25.78
CA TYR C 574 -2.01 -12.01 -24.63
C TYR C 574 -1.83 -13.52 -24.71
N ALA C 575 -0.93 -14.01 -25.56
CA ALA C 575 -0.81 -15.43 -25.78
C ALA C 575 -0.50 -16.16 -24.49
N ASN C 576 -1.15 -17.31 -24.31
CA ASN C 576 -0.86 -18.19 -23.16
C ASN C 576 -0.97 -17.41 -21.85
N THR C 577 -1.96 -16.58 -21.75
CA THR C 577 -1.88 -15.67 -20.62
C THR C 577 -3.16 -15.50 -19.82
N ILE C 578 -4.33 -15.57 -20.45
CA ILE C 578 -5.57 -15.42 -19.69
C ILE C 578 -6.61 -16.49 -19.98
N GLY C 579 -6.59 -17.19 -21.09
CA GLY C 579 -7.57 -18.24 -21.27
C GLY C 579 -8.90 -17.74 -21.82
N LEU C 580 -9.35 -18.35 -22.90
CA LEU C 580 -10.49 -17.87 -23.65
C LEU C 580 -11.72 -18.67 -23.29
N PRO C 581 -12.73 -18.07 -22.67
CA PRO C 581 -13.83 -18.86 -22.14
C PRO C 581 -14.54 -19.62 -23.25
N PRO C 582 -15.09 -20.80 -22.94
CA PRO C 582 -15.83 -21.54 -23.96
C PRO C 582 -17.06 -20.80 -24.42
N ARG C 583 -17.69 -20.07 -23.51
CA ARG C 583 -18.81 -19.22 -23.87
C ARG C 583 -18.39 -18.21 -24.92
N THR C 584 -17.26 -17.53 -24.70
CA THR C 584 -16.80 -16.54 -25.66
C THR C 584 -16.44 -17.19 -26.99
N GLN C 585 -15.72 -18.30 -26.98
CA GLN C 585 -15.39 -18.91 -28.25
C GLN C 585 -16.59 -19.57 -28.92
N SER C 586 -17.72 -19.67 -28.23
CA SER C 586 -18.94 -20.22 -28.80
C SER C 586 -19.97 -19.15 -29.14
N LEU C 587 -19.74 -17.90 -28.80
CA LEU C 587 -20.75 -16.87 -29.08
C LEU C 587 -20.99 -16.75 -30.58
N TYR C 588 -22.22 -16.35 -30.93
CA TYR C 588 -22.71 -16.49 -32.29
C TYR C 588 -21.96 -15.60 -33.27
N LEU C 589 -21.80 -14.32 -32.94
CA LEU C 589 -21.17 -13.40 -33.88
C LEU C 589 -19.78 -13.85 -34.26
N GLY C 590 -19.00 -14.30 -33.28
CA GLY C 590 -17.65 -14.76 -33.55
C GLY C 590 -17.61 -15.97 -34.45
N ASN C 591 -18.75 -16.63 -34.65
CA ASN C 591 -18.84 -17.77 -35.55
C ASN C 591 -19.39 -17.38 -36.92
N LEU C 592 -19.08 -16.17 -37.39
CA LEU C 592 -19.53 -15.69 -38.68
C LEU C 592 -18.37 -15.01 -39.39
N PRO C 593 -18.02 -15.40 -40.61
CA PRO C 593 -17.01 -14.66 -41.37
C PRO C 593 -17.55 -13.42 -42.08
N LYS C 594 -18.82 -13.10 -41.86
CA LYS C 594 -19.50 -11.99 -42.52
C LYS C 594 -20.60 -11.53 -41.59
N LEU C 595 -21.09 -10.32 -41.84
CA LEU C 595 -22.42 -9.98 -41.36
C LEU C 595 -23.48 -10.25 -42.40
N GLU C 596 -23.11 -10.29 -43.67
CA GLU C 596 -24.02 -10.69 -44.72
C GLU C 596 -24.44 -12.15 -44.62
N ASN C 597 -23.72 -12.94 -43.82
CA ASN C 597 -24.09 -14.33 -43.58
C ASN C 597 -25.04 -14.49 -42.40
N VAL C 598 -25.52 -13.38 -41.84
CA VAL C 598 -26.36 -13.44 -40.65
C VAL C 598 -27.63 -14.23 -40.90
N CYS C 599 -28.11 -14.27 -42.14
CA CYS C 599 -29.32 -15.00 -42.49
C CYS C 599 -29.00 -15.97 -43.63
N GLU C 600 -29.36 -17.23 -43.43
CA GLU C 600 -29.12 -18.23 -44.48
C GLU C 600 -29.96 -17.96 -45.71
N ASP C 601 -31.22 -17.52 -45.51
CA ASP C 601 -32.11 -17.31 -46.63
C ASP C 601 -31.59 -16.24 -47.57
N VAL C 602 -31.10 -15.13 -47.04
CA VAL C 602 -30.59 -14.02 -47.83
C VAL C 602 -29.13 -14.32 -48.17
N LYS C 603 -28.78 -14.18 -49.45
CA LYS C 603 -27.45 -14.52 -49.93
C LYS C 603 -26.81 -13.39 -50.74
N ASP C 604 -26.89 -12.15 -50.24
CA ASP C 604 -26.27 -11.01 -50.89
C ASP C 604 -26.11 -9.88 -49.89
N ILE C 605 -25.38 -8.83 -50.33
CA ILE C 605 -25.17 -7.66 -49.50
C ILE C 605 -26.50 -7.11 -49.03
N ASN C 606 -26.51 -6.56 -47.82
CA ASN C 606 -27.74 -6.07 -47.23
C ASN C 606 -27.57 -4.71 -46.56
N PHE C 607 -26.34 -4.27 -46.33
CA PHE C 607 -26.06 -3.13 -45.47
C PHE C 607 -25.63 -1.95 -46.33
N ASP C 608 -26.58 -1.05 -46.59
CA ASP C 608 -26.30 0.17 -47.31
C ASP C 608 -26.66 1.42 -46.51
N THR C 609 -27.42 1.27 -45.43
CA THR C 609 -27.80 2.37 -44.58
C THR C 609 -27.47 2.01 -43.13
N LYS C 610 -27.46 3.04 -42.28
CA LYS C 610 -27.16 2.82 -40.87
C LYS C 610 -28.19 1.87 -40.24
N GLU C 611 -29.46 2.06 -40.56
CA GLU C 611 -30.48 1.17 -40.01
C GLU C 611 -30.35 -0.24 -40.56
N LYS C 612 -29.98 -0.39 -41.83
CA LYS C 612 -29.75 -1.73 -42.36
C LYS C 612 -28.61 -2.41 -41.62
N PHE C 613 -27.52 -1.68 -41.39
CA PHE C 613 -26.40 -2.26 -40.64
C PHE C 613 -26.81 -2.63 -39.23
N LEU C 614 -27.59 -1.76 -38.59
CA LEU C 614 -28.04 -2.03 -37.24
C LEU C 614 -28.91 -3.27 -37.17
N ALA C 615 -29.81 -3.47 -38.13
CA ALA C 615 -30.72 -4.61 -38.07
C ALA C 615 -29.94 -5.93 -38.06
N GLY C 616 -28.83 -5.99 -38.79
CA GLY C 616 -28.02 -7.19 -38.75
C GLY C 616 -27.47 -7.47 -37.37
N CYS C 617 -26.98 -6.44 -36.69
CA CYS C 617 -26.50 -6.61 -35.33
C CYS C 617 -27.64 -7.03 -34.41
N LEU C 618 -28.83 -6.47 -34.63
CA LEU C 618 -30.00 -6.92 -33.86
C LEU C 618 -30.23 -8.40 -34.05
N ILE C 619 -30.16 -8.88 -35.30
CA ILE C 619 -30.41 -10.29 -35.56
C ILE C 619 -29.37 -11.16 -34.86
N VAL C 620 -28.11 -10.80 -34.99
CA VAL C 620 -27.06 -11.65 -34.43
C VAL C 620 -27.11 -11.64 -32.91
N SER C 621 -27.42 -10.49 -32.31
CA SER C 621 -27.56 -10.43 -30.86
C SER C 621 -28.75 -11.25 -30.39
N PHE C 622 -29.87 -11.17 -31.10
CA PHE C 622 -31.03 -11.96 -30.73
C PHE C 622 -30.70 -13.44 -30.79
N HIS C 623 -29.99 -13.86 -31.83
CA HIS C 623 -29.66 -15.28 -31.92
C HIS C 623 -28.68 -15.70 -30.84
N GLU C 624 -27.79 -14.80 -30.44
CA GLU C 624 -26.93 -15.12 -29.30
C GLU C 624 -27.74 -15.28 -28.02
N GLY C 625 -28.74 -14.44 -27.82
CA GLY C 625 -29.61 -14.61 -26.67
C GLY C 625 -30.33 -15.95 -26.72
N LYS C 626 -30.80 -16.34 -27.90
CA LYS C 626 -31.41 -17.64 -28.07
C LYS C 626 -30.45 -18.76 -27.66
N ASN C 627 -29.21 -18.67 -28.13
CA ASN C 627 -28.23 -19.71 -27.79
C ASN C 627 -27.99 -19.76 -26.29
N LEU C 628 -27.81 -18.61 -25.65
CA LEU C 628 -27.56 -18.60 -24.22
C LEU C 628 -28.73 -19.17 -23.45
N LYS C 629 -29.96 -18.86 -23.86
CA LYS C 629 -31.10 -19.51 -23.22
C LYS C 629 -31.03 -21.02 -23.41
N LYS C 630 -30.76 -21.46 -24.64
CA LYS C 630 -30.72 -22.89 -24.88
C LYS C 630 -29.60 -23.56 -24.11
N ARG C 631 -28.63 -22.80 -23.61
CA ARG C 631 -27.48 -23.40 -22.97
C ARG C 631 -27.54 -23.32 -21.46
N TYR C 632 -27.79 -22.14 -20.90
CA TYR C 632 -27.75 -22.11 -19.44
C TYR C 632 -29.08 -22.62 -18.83
N PRO C 633 -30.27 -22.01 -19.13
CA PRO C 633 -31.52 -22.65 -18.71
C PRO C 633 -32.01 -23.78 -19.60
N GLN C 634 -32.21 -24.97 -19.05
CA GLN C 634 -31.66 -25.33 -17.76
C GLN C 634 -30.70 -26.48 -18.04
N ASN C 635 -29.54 -26.13 -18.52
CA ASN C 635 -28.44 -27.05 -18.78
C ASN C 635 -27.17 -26.58 -18.07
N LYS C 636 -27.02 -25.27 -17.88
CA LYS C 636 -26.08 -24.71 -16.92
C LYS C 636 -26.78 -23.94 -15.82
N ASN C 637 -28.11 -23.81 -15.87
CA ASN C 637 -28.89 -23.09 -14.88
C ASN C 637 -29.82 -24.06 -14.17
N SER C 638 -30.13 -23.76 -12.91
CA SER C 638 -30.97 -24.60 -12.06
C SER C 638 -32.38 -24.05 -11.93
N GLY C 639 -32.94 -23.50 -13.00
CA GLY C 639 -34.23 -22.84 -12.94
C GLY C 639 -34.16 -21.41 -12.47
N ASN C 640 -32.97 -20.91 -12.17
CA ASN C 640 -32.77 -19.58 -11.62
C ASN C 640 -32.53 -18.60 -12.78
N LYS C 641 -32.11 -17.39 -12.46
CA LYS C 641 -31.82 -16.39 -13.49
C LYS C 641 -30.43 -15.78 -13.40
N GLU C 642 -29.79 -15.83 -12.24
CA GLU C 642 -28.52 -15.12 -12.06
C GLU C 642 -27.46 -15.64 -13.01
N ASN C 643 -27.37 -16.95 -13.18
CA ASN C 643 -26.34 -17.51 -14.06
C ASN C 643 -26.53 -17.05 -15.49
N LEU C 644 -27.76 -17.16 -16.01
CA LEU C 644 -28.00 -16.72 -17.37
C LEU C 644 -27.78 -15.23 -17.51
N CYS C 645 -28.14 -14.46 -16.49
CA CYS C 645 -27.95 -13.01 -16.56
C CYS C 645 -26.49 -12.66 -16.65
N LYS C 646 -25.65 -13.31 -15.84
CA LYS C 646 -24.21 -13.06 -15.90
C LYS C 646 -23.65 -13.45 -17.26
N ALA C 647 -24.06 -14.61 -17.77
CA ALA C 647 -23.57 -15.03 -19.07
C ALA C 647 -24.00 -14.06 -20.16
N LEU C 648 -25.22 -13.53 -20.06
CA LEU C 648 -25.71 -12.57 -21.02
C LEU C 648 -24.90 -11.28 -20.97
N GLU C 649 -24.62 -10.80 -19.77
CA GLU C 649 -23.79 -9.60 -19.63
C GLU C 649 -22.43 -9.80 -20.28
N TYR C 650 -21.80 -10.93 -20.00
CA TYR C 650 -20.49 -11.19 -20.57
C TYR C 650 -20.54 -11.28 -22.09
N SER C 651 -21.56 -11.96 -22.63
CA SER C 651 -21.67 -12.06 -24.08
C SER C 651 -21.91 -10.69 -24.70
N PHE C 652 -22.70 -9.85 -24.04
CA PHE C 652 -22.94 -8.51 -24.53
C PHE C 652 -21.64 -7.73 -24.62
N ALA C 653 -20.84 -7.80 -23.56
CA ALA C 653 -19.56 -7.09 -23.58
C ALA C 653 -18.64 -7.65 -24.64
N ASP C 654 -18.66 -8.97 -24.85
CA ASP C 654 -17.81 -9.56 -25.87
C ASP C 654 -18.25 -9.13 -27.26
N TYR C 655 -19.56 -9.01 -27.48
CA TYR C 655 -20.02 -8.44 -28.74
C TYR C 655 -19.51 -7.04 -28.93
N GLY C 656 -19.54 -6.24 -27.87
CA GLY C 656 -19.04 -4.89 -27.97
C GLY C 656 -17.59 -4.84 -28.38
N ASP C 657 -16.76 -5.63 -27.70
CA ASP C 657 -15.35 -5.67 -28.08
C ASP C 657 -15.16 -6.18 -29.49
N LEU C 658 -15.95 -7.17 -29.89
CA LEU C 658 -15.77 -7.80 -31.19
C LEU C 658 -16.14 -6.86 -32.32
N ILE C 659 -17.08 -5.96 -32.09
CA ILE C 659 -17.39 -5.01 -33.16
C ILE C 659 -16.56 -3.74 -33.06
N LYS C 660 -16.14 -3.34 -31.86
CA LYS C 660 -15.21 -2.23 -31.75
C LYS C 660 -13.83 -2.61 -32.26
N GLY C 661 -13.58 -3.90 -32.43
CA GLY C 661 -12.30 -4.37 -32.94
C GLY C 661 -11.23 -4.56 -31.89
N THR C 662 -11.55 -4.41 -30.61
CA THR C 662 -10.57 -4.48 -29.55
C THR C 662 -10.53 -5.83 -28.86
N SER C 663 -11.07 -6.86 -29.48
CA SER C 663 -11.07 -8.18 -28.86
C SER C 663 -9.65 -8.72 -28.74
N ILE C 664 -9.43 -9.54 -27.72
CA ILE C 664 -8.11 -10.07 -27.43
C ILE C 664 -8.02 -11.55 -27.75
N TRP C 665 -8.81 -12.04 -28.70
CA TRP C 665 -8.81 -13.45 -29.03
C TRP C 665 -9.11 -13.61 -30.51
N ASP C 666 -9.02 -14.84 -30.98
CA ASP C 666 -9.16 -15.10 -32.41
C ASP C 666 -9.73 -16.48 -32.65
N ASN C 667 -10.31 -16.63 -33.84
CA ASN C 667 -10.59 -17.95 -34.39
C ASN C 667 -10.57 -17.85 -35.91
N GLU C 668 -11.12 -18.84 -36.59
CA GLU C 668 -11.17 -18.83 -38.04
C GLU C 668 -11.96 -17.66 -38.61
N TYR C 669 -13.01 -17.22 -37.91
CA TYR C 669 -13.95 -16.28 -38.48
C TYR C 669 -13.60 -14.84 -38.10
N THR C 670 -13.10 -14.64 -36.88
CA THR C 670 -12.49 -13.36 -36.55
C THR C 670 -11.30 -13.17 -37.47
N LYS C 671 -10.88 -11.92 -37.68
CA LYS C 671 -9.83 -11.56 -38.63
C LYS C 671 -10.32 -11.69 -40.07
N ASP C 672 -11.55 -12.14 -40.25
CA ASP C 672 -12.24 -12.00 -41.52
C ASP C 672 -13.52 -11.23 -41.26
N LEU C 673 -14.18 -11.56 -40.15
CA LEU C 673 -15.26 -10.71 -39.67
C LEU C 673 -14.76 -9.29 -39.47
N GLU C 674 -13.56 -9.12 -38.93
CA GLU C 674 -13.08 -7.77 -38.68
C GLU C 674 -12.83 -7.04 -39.98
N LEU C 675 -12.26 -7.72 -40.97
CA LEU C 675 -12.08 -7.11 -42.29
C LEU C 675 -13.40 -6.66 -42.88
N ASN C 676 -14.38 -7.55 -42.90
CA ASN C 676 -15.68 -7.22 -43.49
C ASN C 676 -16.38 -6.15 -42.68
N LEU C 677 -16.12 -6.12 -41.38
CA LEU C 677 -16.74 -5.16 -40.48
C LEU C 677 -16.14 -3.79 -40.73
N GLN C 678 -14.83 -3.75 -40.98
CA GLN C 678 -14.19 -2.50 -41.34
C GLN C 678 -14.73 -1.97 -42.67
N ASN C 679 -14.95 -2.88 -43.63
CA ASN C 679 -15.57 -2.44 -44.88
C ASN C 679 -16.96 -1.89 -44.64
N ASN C 680 -17.76 -2.59 -43.84
CA ASN C 680 -19.11 -2.09 -43.53
C ASN C 680 -18.98 -0.76 -42.79
N PHE C 681 -18.42 -0.76 -41.59
CA PHE C 681 -18.36 0.51 -40.84
C PHE C 681 -17.63 1.49 -41.74
N GLY C 682 -17.02 0.98 -42.80
CA GLY C 682 -16.35 1.86 -43.76
C GLY C 682 -17.35 2.66 -44.55
N LYS C 683 -17.76 2.16 -45.71
CA LYS C 683 -18.78 2.84 -46.53
C LYS C 683 -19.74 3.56 -45.61
N LEU C 684 -20.77 2.85 -45.20
CA LEU C 684 -21.73 3.45 -44.26
C LEU C 684 -20.92 4.15 -43.16
N PHE C 685 -21.37 5.32 -42.71
CA PHE C 685 -20.70 6.01 -41.58
C PHE C 685 -19.32 6.53 -41.98
N GLY C 686 -18.69 5.95 -42.99
CA GLY C 686 -17.32 6.41 -43.32
C GLY C 686 -17.24 7.91 -43.48
N LYS C 687 -17.95 8.46 -44.46
CA LYS C 687 -17.94 9.93 -44.71
C LYS C 687 -17.45 10.66 -43.47
N TYR C 688 -18.27 10.69 -42.43
CA TYR C 688 -17.91 11.42 -41.20
C TYR C 688 -16.40 11.36 -41.01
N ILE C 689 -15.89 10.25 -40.51
CA ILE C 689 -14.42 10.12 -40.26
C ILE C 689 -13.71 10.86 -41.36
N LYS C 690 -12.72 11.66 -41.02
CA LYS C 690 -11.94 12.34 -42.07
C LYS C 690 -10.96 13.28 -41.41
N LYS C 691 -11.35 13.79 -40.26
CA LYS C 691 -10.50 14.78 -39.56
C LYS C 691 -9.20 14.09 -39.15
N ASN C 692 -8.58 13.34 -40.06
CA ASN C 692 -7.27 12.73 -39.76
C ASN C 692 -6.47 13.73 -38.91
N ASN C 693 -6.46 15.00 -39.31
CA ASN C 693 -5.76 16.03 -38.49
C ASN C 693 -6.78 16.70 -37.58
N THR C 694 -8.06 16.62 -37.94
CA THR C 694 -9.12 17.18 -37.05
C THR C 694 -8.88 18.65 -36.81
N ALA C 695 -9.37 19.17 -35.68
CA ALA C 695 -9.29 20.60 -35.32
C ALA C 695 -10.50 20.86 -34.43
N GLU C 696 -11.56 20.08 -34.65
CA GLU C 696 -12.80 20.25 -33.86
C GLU C 696 -13.05 18.97 -33.09
N GLN C 697 -14.15 18.95 -32.33
CA GLN C 697 -14.46 17.76 -31.50
C GLN C 697 -15.94 17.48 -31.65
N ASP C 698 -16.51 17.88 -32.78
CA ASP C 698 -17.93 17.55 -33.07
C ASP C 698 -18.07 17.53 -34.59
N THR C 699 -17.06 18.06 -35.26
CA THR C 699 -15.91 17.29 -35.82
C THR C 699 -16.29 15.87 -36.22
N SER C 700 -15.57 15.35 -37.19
CA SER C 700 -15.80 13.95 -37.54
C SER C 700 -14.94 13.11 -36.61
N TYR C 701 -15.40 11.92 -36.30
CA TYR C 701 -14.57 11.00 -35.52
C TYR C 701 -13.23 10.96 -36.24
N SER C 702 -12.15 11.16 -35.49
CA SER C 702 -10.81 11.19 -36.09
C SER C 702 -10.58 9.91 -36.88
N SER C 703 -10.26 8.82 -36.18
CA SER C 703 -9.91 7.56 -36.90
C SER C 703 -11.06 6.57 -36.85
N LEU C 704 -11.04 5.63 -37.78
CA LEU C 704 -12.20 4.76 -37.86
C LEU C 704 -12.48 4.08 -36.53
N ASP C 705 -11.42 3.64 -35.85
CA ASP C 705 -11.60 2.90 -34.61
C ASP C 705 -12.43 3.68 -33.60
N GLU C 706 -12.18 4.99 -33.51
CA GLU C 706 -12.98 5.79 -32.59
C GLU C 706 -14.42 5.90 -33.07
N LEU C 707 -14.62 5.94 -34.39
CA LEU C 707 -15.97 5.94 -34.92
C LEU C 707 -16.70 4.66 -34.56
N ARG C 708 -16.02 3.53 -34.66
CA ARG C 708 -16.63 2.28 -34.26
C ARG C 708 -16.94 2.28 -32.77
N GLU C 709 -16.03 2.83 -31.97
CA GLU C 709 -16.29 2.91 -30.54
C GLU C 709 -17.53 3.75 -30.26
N SER C 710 -17.70 4.86 -30.97
CA SER C 710 -18.87 5.69 -30.76
C SER C 710 -20.13 4.99 -31.25
N TRP C 711 -20.04 4.28 -32.37
CA TRP C 711 -21.19 3.52 -32.85
C TRP C 711 -21.62 2.50 -31.83
N TRP C 712 -20.66 1.85 -31.17
CA TRP C 712 -21.03 0.87 -30.16
C TRP C 712 -21.49 1.54 -28.86
N ASN C 713 -20.98 2.72 -28.53
CA ASN C 713 -21.43 3.36 -27.31
C ASN C 713 -22.84 3.88 -27.44
N THR C 714 -23.22 4.38 -28.61
CA THR C 714 -24.62 4.43 -28.96
C THR C 714 -25.01 3.05 -29.46
N ASN C 715 -26.28 2.87 -29.78
CA ASN C 715 -26.71 1.64 -30.44
C ASN C 715 -26.48 0.40 -29.60
N LYS C 716 -25.91 0.53 -28.40
CA LYS C 716 -25.72 -0.63 -27.55
C LYS C 716 -27.02 -0.97 -26.84
N LYS C 717 -27.88 0.02 -26.64
CA LYS C 717 -29.16 -0.20 -26.01
C LYS C 717 -29.95 -1.21 -26.82
N TYR C 718 -29.95 -1.01 -28.14
CA TYR C 718 -30.73 -1.85 -29.01
C TYR C 718 -30.18 -3.26 -29.03
N ILE C 719 -28.86 -3.40 -29.07
CA ILE C 719 -28.25 -4.73 -29.00
C ILE C 719 -28.58 -5.42 -27.69
N TRP C 720 -28.53 -4.70 -26.57
CA TRP C 720 -28.83 -5.32 -25.28
C TRP C 720 -30.27 -5.78 -25.20
N THR C 721 -31.20 -4.96 -25.67
CA THR C 721 -32.59 -5.37 -25.65
C THR C 721 -32.80 -6.55 -26.57
N ALA C 722 -32.07 -6.59 -27.69
CA ALA C 722 -32.13 -7.73 -28.59
C ALA C 722 -31.65 -8.99 -27.88
N MET C 723 -30.57 -8.87 -27.11
CA MET C 723 -30.04 -10.00 -26.37
C MET C 723 -31.06 -10.51 -25.36
N LYS C 724 -31.71 -9.59 -24.65
CA LYS C 724 -32.68 -10.01 -23.65
C LYS C 724 -33.89 -10.68 -24.30
N HIS C 725 -34.34 -10.14 -25.44
CA HIS C 725 -35.40 -10.77 -26.20
C HIS C 725 -34.99 -12.14 -26.66
N GLY C 726 -33.77 -12.27 -27.16
CA GLY C 726 -33.25 -13.54 -27.57
C GLY C 726 -33.24 -14.51 -26.41
N ALA C 727 -33.07 -14.01 -25.19
CA ALA C 727 -33.15 -14.97 -24.12
C ALA C 727 -34.62 -15.25 -23.83
N GLU C 728 -35.28 -14.44 -22.98
CA GLU C 728 -36.74 -14.34 -22.99
C GLU C 728 -37.27 -13.04 -22.40
N MET C 729 -36.47 -12.38 -21.56
CA MET C 729 -37.02 -11.81 -20.34
C MET C 729 -38.07 -10.73 -20.57
N ASN C 730 -37.63 -9.57 -21.01
CA ASN C 730 -38.38 -8.56 -21.76
C ASN C 730 -39.53 -7.86 -21.04
N ILE C 731 -40.12 -8.44 -20.01
CA ILE C 731 -40.94 -7.64 -19.10
C ILE C 731 -40.82 -8.08 -17.64
N THR C 732 -41.30 -9.30 -17.36
CA THR C 732 -41.56 -9.72 -15.99
C THR C 732 -40.38 -10.45 -15.40
N THR C 733 -39.56 -11.03 -16.28
CA THR C 733 -38.32 -11.69 -15.88
C THR C 733 -37.12 -10.82 -16.25
N CYS C 734 -37.38 -9.54 -16.56
CA CYS C 734 -36.32 -8.54 -16.61
C CYS C 734 -36.57 -7.35 -15.71
N ASN C 735 -37.80 -7.16 -15.22
CA ASN C 735 -38.13 -6.06 -14.31
C ASN C 735 -37.89 -4.71 -14.97
N ASP C 749 -31.57 -0.05 -18.52
CA ASP C 749 -30.80 -1.27 -18.30
C ASP C 749 -29.33 -1.03 -18.61
N ILE C 750 -28.83 -1.68 -19.65
CA ILE C 750 -27.47 -1.48 -20.14
C ILE C 750 -26.46 -1.70 -19.02
N PRO C 751 -26.16 -2.94 -18.68
CA PRO C 751 -25.05 -3.19 -17.75
C PRO C 751 -23.77 -2.57 -18.24
N THR C 752 -23.00 -1.97 -17.35
CA THR C 752 -21.78 -1.28 -17.75
C THR C 752 -20.57 -2.19 -17.83
N ILE C 753 -20.76 -3.50 -17.95
CA ILE C 753 -19.62 -4.41 -17.96
C ILE C 753 -18.86 -4.31 -19.27
N ASP C 754 -19.47 -3.72 -20.29
CA ASP C 754 -18.80 -3.68 -21.59
C ASP C 754 -17.73 -2.60 -21.61
N LEU C 755 -17.64 -1.84 -20.53
CA LEU C 755 -16.62 -0.79 -20.45
C LEU C 755 -15.39 -1.27 -19.70
N ILE C 756 -15.32 -2.55 -19.37
CA ILE C 756 -14.21 -3.15 -18.64
C ILE C 756 -13.34 -3.90 -19.65
N PRO C 757 -12.02 -3.81 -19.59
CA PRO C 757 -11.17 -4.47 -20.58
C PRO C 757 -11.41 -5.96 -20.68
N GLN C 758 -11.35 -6.48 -21.91
CA GLN C 758 -11.68 -7.88 -22.11
C GLN C 758 -10.77 -8.78 -21.28
N TYR C 759 -9.55 -8.33 -21.03
CA TYR C 759 -8.68 -9.12 -20.17
C TYR C 759 -9.28 -9.31 -18.80
N LEU C 760 -9.76 -8.21 -18.20
CA LEU C 760 -10.33 -8.32 -16.87
C LEU C 760 -11.63 -9.08 -16.88
N ARG C 761 -12.42 -8.96 -17.94
CA ARG C 761 -13.64 -9.76 -18.00
C ARG C 761 -13.32 -11.24 -18.10
N PHE C 762 -12.33 -11.61 -18.90
CA PHE C 762 -11.92 -12.99 -18.98
C PHE C 762 -11.40 -13.48 -17.63
N LEU C 763 -10.62 -12.65 -16.96
CA LEU C 763 -10.10 -13.03 -15.65
C LEU C 763 -11.24 -13.28 -14.67
N GLN C 764 -12.22 -12.38 -14.65
CA GLN C 764 -13.33 -12.55 -13.73
C GLN C 764 -14.12 -13.80 -14.04
N GLU C 765 -14.38 -14.06 -15.32
CA GLU C 765 -15.16 -15.24 -15.67
C GLU C 765 -14.41 -16.51 -15.33
N TRP C 766 -13.11 -16.56 -15.63
CA TRP C 766 -12.32 -17.74 -15.32
C TRP C 766 -12.29 -17.99 -13.83
N VAL C 767 -12.13 -16.93 -13.05
CA VAL C 767 -12.09 -17.09 -11.60
C VAL C 767 -13.44 -17.52 -11.07
N GLU C 768 -14.52 -17.03 -11.66
CA GLU C 768 -15.84 -17.46 -11.20
C GLU C 768 -16.06 -18.93 -11.50
N ASN C 769 -15.61 -19.41 -12.65
CA ASN C 769 -15.62 -20.85 -12.89
C ASN C 769 -14.84 -21.58 -11.83
N PHE C 770 -13.60 -21.15 -11.57
CA PHE C 770 -12.78 -21.85 -10.62
C PHE C 770 -13.45 -21.88 -9.26
N CYS C 771 -14.05 -20.76 -8.85
CA CYS C 771 -14.70 -20.70 -7.56
C CYS C 771 -15.93 -21.60 -7.51
N GLU C 772 -16.65 -21.74 -8.61
CA GLU C 772 -17.76 -22.69 -8.63
C GLU C 772 -17.28 -24.10 -8.37
N GLN C 773 -16.26 -24.53 -9.12
CA GLN C 773 -15.75 -25.88 -8.93
C GLN C 773 -15.16 -26.06 -7.54
N ARG C 774 -14.45 -25.05 -7.06
CA ARG C 774 -13.86 -25.13 -5.73
C ARG C 774 -14.93 -25.23 -4.65
N GLN C 775 -16.02 -24.48 -4.80
CA GLN C 775 -17.12 -24.58 -3.85
C GLN C 775 -17.68 -25.99 -3.83
N ALA C 776 -17.84 -26.59 -5.01
CA ALA C 776 -18.29 -27.98 -5.04
C ALA C 776 -17.32 -28.89 -4.30
N LYS C 777 -16.01 -28.77 -4.60
CA LYS C 777 -15.01 -29.61 -3.98
C LYS C 777 -14.81 -29.34 -2.50
N VAL C 778 -15.25 -28.20 -2.00
CA VAL C 778 -15.03 -27.85 -0.61
C VAL C 778 -16.24 -28.16 0.26
N LYS C 779 -17.44 -28.17 -0.31
CA LYS C 779 -18.62 -28.52 0.47
C LYS C 779 -18.42 -29.85 1.20
N ASP C 780 -17.98 -30.87 0.48
CA ASP C 780 -17.87 -32.20 1.08
C ASP C 780 -16.71 -32.29 2.06
N VAL C 781 -15.61 -31.58 1.80
CA VAL C 781 -14.52 -31.54 2.76
C VAL C 781 -15.00 -30.92 4.06
N ILE C 782 -15.78 -29.84 3.98
CA ILE C 782 -16.30 -29.22 5.18
C ILE C 782 -17.23 -30.18 5.91
N THR C 783 -18.12 -30.85 5.18
CA THR C 783 -19.06 -31.76 5.82
C THR C 783 -18.35 -32.89 6.53
N ASN C 784 -17.39 -33.53 5.86
CA ASN C 784 -16.72 -34.69 6.41
C ASN C 784 -15.56 -34.31 7.33
N CYS C 785 -14.64 -33.51 6.85
CA CYS C 785 -13.30 -33.49 7.43
C CYS C 785 -13.16 -32.54 8.60
N LYS C 786 -14.21 -31.85 9.02
CA LYS C 786 -14.12 -31.18 10.30
C LYS C 786 -14.07 -32.21 11.41
N SER C 787 -13.11 -32.02 12.33
CA SER C 787 -12.46 -33.11 13.07
C SER C 787 -13.42 -34.24 13.41
N CYS C 788 -14.48 -33.94 14.12
CA CYS C 788 -15.61 -34.87 14.15
C CYS C 788 -16.92 -34.17 13.84
N LYS C 789 -17.15 -33.00 14.44
CA LYS C 789 -18.24 -32.12 14.06
C LYS C 789 -17.79 -30.67 14.03
N GLU C 790 -16.51 -30.41 14.27
CA GLU C 790 -15.88 -29.12 14.08
C GLU C 790 -14.43 -29.42 13.69
N SER C 791 -13.77 -28.44 13.07
CA SER C 791 -12.39 -28.69 12.64
C SER C 791 -11.48 -29.05 13.79
N GLY C 792 -11.83 -28.69 15.02
CA GLY C 792 -11.03 -29.03 16.16
C GLY C 792 -11.77 -29.86 17.20
N ASN C 793 -11.40 -31.14 17.29
CA ASN C 793 -11.97 -32.05 18.27
C ASN C 793 -11.01 -33.21 18.46
N LYS C 794 -11.47 -34.28 19.12
CA LYS C 794 -10.71 -35.52 19.23
C LYS C 794 -10.41 -36.02 17.83
N CYS C 795 -9.20 -36.51 17.62
CA CYS C 795 -8.86 -37.11 16.33
C CYS C 795 -9.48 -38.48 16.16
N LYS C 796 -10.36 -38.89 17.09
CA LYS C 796 -10.87 -40.25 17.08
C LYS C 796 -11.54 -40.52 15.73
N THR C 797 -10.90 -41.37 14.93
CA THR C 797 -11.34 -41.65 13.56
C THR C 797 -11.69 -40.34 12.86
N GLU C 798 -10.69 -39.46 12.73
CA GLU C 798 -10.86 -38.25 11.94
C GLU C 798 -11.53 -38.56 10.62
N CYS C 799 -10.97 -39.50 9.87
CA CYS C 799 -11.62 -40.03 8.69
C CYS C 799 -12.74 -40.96 9.13
N LYS C 800 -13.91 -40.39 9.42
CA LYS C 800 -15.05 -41.18 9.87
C LYS C 800 -15.15 -42.48 9.09
N THR C 801 -15.00 -42.39 7.77
CA THR C 801 -14.48 -43.52 7.00
C THR C 801 -13.13 -43.17 6.38
N LYS C 802 -13.08 -42.18 5.48
CA LYS C 802 -11.82 -41.84 4.84
C LYS C 802 -11.67 -40.35 4.53
N CYS C 803 -12.22 -39.45 5.35
CA CYS C 803 -12.26 -38.02 5.04
C CYS C 803 -10.94 -37.50 4.47
N LYS C 804 -9.82 -38.16 4.79
CA LYS C 804 -8.59 -37.91 4.07
C LYS C 804 -8.77 -38.12 2.57
N ASP C 805 -9.67 -39.02 2.15
CA ASP C 805 -9.91 -39.16 0.71
C ASP C 805 -10.57 -37.92 0.14
N GLU C 806 -11.44 -37.27 0.91
CA GLU C 806 -11.99 -36.00 0.45
C GLU C 806 -10.91 -34.94 0.36
N CYS C 807 -10.04 -34.86 1.36
CA CYS C 807 -8.92 -33.93 1.27
C CYS C 807 -8.06 -34.24 0.05
N GLU C 808 -7.92 -35.52 -0.28
CA GLU C 808 -7.13 -35.89 -1.45
C GLU C 808 -7.83 -35.54 -2.74
N LYS C 809 -9.17 -35.62 -2.76
CA LYS C 809 -9.92 -35.12 -3.91
C LYS C 809 -9.65 -33.64 -4.10
N TYR C 810 -9.66 -32.89 -3.01
CA TYR C 810 -9.38 -31.46 -3.12
C TYR C 810 -7.95 -31.22 -3.59
N LYS C 811 -7.00 -31.99 -3.08
CA LYS C 811 -5.63 -31.85 -3.54
C LYS C 811 -5.51 -32.14 -5.03
N LYS C 812 -6.13 -33.22 -5.48
CA LYS C 812 -6.02 -33.56 -6.89
C LYS C 812 -6.77 -32.55 -7.75
N PHE C 813 -7.75 -31.85 -7.18
CA PHE C 813 -8.38 -30.79 -7.94
C PHE C 813 -7.45 -29.59 -8.07
N ILE C 814 -6.78 -29.22 -6.99
CA ILE C 814 -5.91 -28.04 -7.03
C ILE C 814 -4.65 -28.32 -7.84
N GLU C 815 -3.98 -29.43 -7.55
CA GLU C 815 -2.61 -29.65 -8.04
C GLU C 815 -2.57 -30.32 -9.39
N ALA C 816 -3.43 -31.29 -9.65
CA ALA C 816 -3.30 -32.06 -10.87
C ALA C 816 -3.54 -31.17 -12.08
N CYS C 817 -3.23 -31.72 -13.25
CA CYS C 817 -3.23 -30.97 -14.50
C CYS C 817 -4.45 -31.25 -15.38
N GLY C 818 -5.62 -31.45 -14.78
CA GLY C 818 -6.85 -31.61 -15.52
C GLY C 818 -7.25 -33.03 -15.83
N THR C 819 -6.32 -33.99 -15.72
CA THR C 819 -6.62 -35.37 -16.06
C THR C 819 -6.68 -36.30 -14.85
N ALA C 820 -5.94 -36.02 -13.79
CA ALA C 820 -5.92 -36.87 -12.61
C ALA C 820 -6.85 -36.33 -11.54
N GLY C 821 -7.77 -35.45 -11.91
CA GLY C 821 -8.70 -34.88 -10.96
C GLY C 821 -8.95 -33.41 -11.19
N GLY C 822 -8.06 -32.74 -11.91
CA GLY C 822 -8.25 -31.34 -12.20
C GLY C 822 -9.52 -31.10 -12.96
N GLY C 823 -10.11 -29.92 -12.74
CA GLY C 823 -11.39 -29.56 -13.31
C GLY C 823 -11.26 -28.73 -14.57
N ILE C 824 -12.42 -28.33 -15.08
CA ILE C 824 -12.45 -27.45 -16.24
C ILE C 824 -11.89 -26.09 -15.85
N GLY C 825 -11.35 -25.39 -16.83
CA GLY C 825 -10.62 -24.17 -16.58
C GLY C 825 -9.26 -24.18 -17.25
N THR C 826 -8.23 -24.27 -16.41
CA THR C 826 -6.88 -24.49 -16.89
C THR C 826 -6.82 -25.59 -17.93
N ALA C 827 -5.91 -25.48 -18.89
CA ALA C 827 -5.86 -26.46 -19.97
C ALA C 827 -4.52 -27.18 -19.89
N GLY C 828 -4.46 -28.23 -19.08
CA GLY C 828 -3.26 -29.04 -18.97
C GLY C 828 -2.23 -28.53 -17.99
N SER C 829 -2.47 -27.44 -17.31
CA SER C 829 -1.52 -26.90 -16.36
C SER C 829 -2.21 -26.67 -15.03
N PRO C 830 -1.47 -26.65 -13.92
CA PRO C 830 -2.10 -26.46 -12.62
C PRO C 830 -2.59 -25.03 -12.44
N TRP C 831 -3.60 -24.91 -11.58
CA TRP C 831 -4.14 -23.60 -11.26
C TRP C 831 -3.06 -22.65 -10.79
N SER C 832 -2.05 -23.15 -10.09
CA SER C 832 -0.97 -22.28 -9.64
C SER C 832 -0.23 -21.68 -10.82
N LYS C 833 0.06 -22.51 -11.83
CA LYS C 833 0.74 -22.00 -13.01
C LYS C 833 -0.12 -20.99 -13.75
N ARG C 834 -1.39 -21.29 -13.92
CA ARG C 834 -2.26 -20.37 -14.65
C ARG C 834 -2.40 -19.05 -13.89
N TRP C 835 -2.51 -19.13 -12.56
CA TRP C 835 -2.59 -17.90 -11.78
C TRP C 835 -1.32 -17.10 -11.88
N ASP C 836 -0.17 -17.77 -11.93
CA ASP C 836 1.08 -17.04 -12.08
C ASP C 836 1.10 -16.31 -13.41
N GLN C 837 0.64 -16.95 -14.47
CA GLN C 837 0.58 -16.26 -15.76
C GLN C 837 -0.36 -15.08 -15.72
N ILE C 838 -1.50 -15.24 -15.05
CA ILE C 838 -2.44 -14.14 -14.91
C ILE C 838 -1.80 -12.98 -14.18
N TYR C 839 -1.10 -13.26 -13.09
CA TYR C 839 -0.47 -12.18 -12.34
C TYR C 839 0.58 -11.48 -13.19
N LYS C 840 1.37 -12.25 -13.94
CA LYS C 840 2.37 -11.64 -14.80
C LYS C 840 1.71 -10.67 -15.77
N ARG C 841 0.63 -11.10 -16.41
CA ARG C 841 -0.06 -10.22 -17.34
C ARG C 841 -0.65 -9.00 -16.67
N TYR C 842 -1.29 -9.19 -15.54
CA TYR C 842 -1.94 -8.08 -14.86
C TYR C 842 -0.92 -7.03 -14.46
N SER C 843 0.20 -7.46 -13.91
CA SER C 843 1.23 -6.50 -13.55
C SER C 843 1.87 -5.89 -14.79
N LYS C 844 1.95 -6.64 -15.89
CA LYS C 844 2.40 -6.07 -17.14
C LYS C 844 1.52 -4.90 -17.56
N HIS C 845 0.20 -5.09 -17.47
CA HIS C 845 -0.72 -4.00 -17.76
C HIS C 845 -0.52 -2.85 -16.81
N ILE C 846 -0.38 -3.14 -15.52
CA ILE C 846 -0.20 -2.07 -14.53
C ILE C 846 1.02 -1.23 -14.85
N GLU C 847 2.17 -1.88 -15.03
CA GLU C 847 3.38 -1.15 -15.32
C GLU C 847 3.26 -0.37 -16.62
N ASP C 848 2.81 -1.04 -17.68
CA ASP C 848 2.72 -0.38 -18.97
C ASP C 848 1.72 0.77 -18.93
N ALA C 849 0.62 0.61 -18.19
CA ALA C 849 -0.47 1.57 -18.33
C ALA C 849 -0.20 2.87 -17.59
N LYS C 850 0.92 2.95 -16.87
CA LYS C 850 1.21 4.19 -16.18
C LYS C 850 2.68 4.58 -16.21
N ARG C 851 3.52 3.72 -16.75
CA ARG C 851 4.77 4.12 -17.35
C ARG C 851 4.55 4.52 -18.80
N ASN C 852 3.31 4.85 -19.12
CA ASN C 852 2.79 5.06 -20.46
C ASN C 852 3.23 6.43 -20.96
N ARG C 853 2.61 6.91 -22.04
CA ARG C 853 2.55 8.33 -22.36
C ARG C 853 1.14 8.88 -22.34
N LYS C 854 0.18 8.17 -22.91
CA LYS C 854 -1.18 8.65 -23.03
C LYS C 854 -2.11 7.76 -22.22
N ALA C 855 -2.87 8.37 -21.31
CA ALA C 855 -3.78 7.62 -20.45
C ALA C 855 -4.87 8.57 -19.97
N GLY C 856 -5.66 8.12 -19.01
CA GLY C 856 -6.81 8.84 -18.53
C GLY C 856 -6.60 9.41 -17.14
N THR C 857 -7.67 10.01 -16.62
CA THR C 857 -7.61 10.77 -15.38
C THR C 857 -7.26 9.86 -14.21
N LYS C 858 -6.35 10.36 -13.36
CA LYS C 858 -5.88 9.72 -12.14
C LYS C 858 -6.64 10.24 -10.90
N ASN C 859 -6.35 9.61 -9.74
CA ASN C 859 -6.43 10.27 -8.43
C ASN C 859 -5.21 9.81 -7.61
N CYS C 860 -4.05 10.45 -7.84
CA CYS C 860 -2.74 9.85 -7.55
C CYS C 860 -2.68 9.13 -6.21
N GLY C 861 -2.43 7.82 -6.27
CA GLY C 861 -2.15 7.06 -5.07
C GLY C 861 -1.20 5.89 -5.19
N THR C 862 -0.52 5.70 -6.33
CA THR C 862 0.13 4.42 -6.61
C THR C 862 1.50 4.57 -7.31
N SER C 863 1.99 3.44 -7.81
CA SER C 863 3.43 3.21 -7.97
C SER C 863 4.03 3.78 -9.25
N SER C 864 3.65 3.20 -10.40
CA SER C 864 4.48 3.30 -11.59
C SER C 864 4.07 4.50 -12.45
N THR C 865 4.00 5.67 -11.79
CA THR C 865 3.30 6.82 -12.35
C THR C 865 4.29 7.76 -13.05
N THR C 866 4.37 7.62 -14.39
CA THR C 866 4.97 8.63 -15.27
C THR C 866 4.42 8.40 -16.69
N ASN C 867 3.45 9.22 -17.06
CA ASN C 867 2.97 9.27 -18.44
C ASN C 867 2.42 10.65 -18.73
N ALA C 868 2.40 11.01 -20.02
CA ALA C 868 2.05 12.38 -20.37
C ALA C 868 0.56 12.62 -20.20
N ALA C 869 -0.29 11.88 -20.90
CA ALA C 869 -1.72 12.17 -20.93
C ALA C 869 -2.42 11.47 -19.78
N ALA C 870 -3.13 12.26 -18.98
CA ALA C 870 -4.14 11.80 -18.02
C ALA C 870 -5.33 12.73 -18.21
N SER C 871 -6.18 12.40 -19.18
CA SER C 871 -7.09 13.39 -19.74
C SER C 871 -8.52 13.22 -19.23
N THR C 872 -9.39 14.11 -19.70
CA THR C 872 -10.76 14.21 -19.26
C THR C 872 -11.46 15.29 -20.07
N ASP C 873 -12.79 15.29 -20.00
CA ASP C 873 -13.54 16.48 -20.39
C ASP C 873 -14.03 17.25 -19.18
N GLU C 874 -14.73 16.58 -18.27
CA GLU C 874 -15.20 17.12 -17.00
C GLU C 874 -14.29 16.58 -15.90
N ASN C 875 -14.63 16.90 -14.65
CA ASN C 875 -13.87 16.37 -13.53
C ASN C 875 -13.97 14.85 -13.50
N LYS C 876 -12.82 14.20 -13.26
CA LYS C 876 -12.77 12.77 -12.94
C LYS C 876 -13.41 11.92 -14.04
N CYS C 877 -12.75 11.94 -15.20
CA CYS C 877 -13.24 11.22 -16.36
C CYS C 877 -12.10 10.45 -16.98
N VAL C 878 -12.20 9.13 -17.01
CA VAL C 878 -11.14 8.30 -17.58
C VAL C 878 -11.36 8.18 -19.08
N GLN C 879 -10.26 8.01 -19.81
CA GLN C 879 -10.30 8.16 -21.26
C GLN C 879 -10.87 6.95 -21.98
N SER C 880 -11.32 5.92 -21.28
CA SER C 880 -12.03 4.75 -21.79
C SER C 880 -11.15 3.74 -22.52
N ASP C 881 -9.85 3.97 -22.64
CA ASP C 881 -9.01 2.94 -23.23
C ASP C 881 -8.36 2.10 -22.14
N ILE C 882 -7.61 1.08 -22.55
CA ILE C 882 -7.15 0.06 -21.61
C ILE C 882 -6.22 0.68 -20.58
N ASP C 883 -5.29 1.53 -21.01
CA ASP C 883 -4.36 2.14 -20.08
C ASP C 883 -5.07 3.06 -19.11
N SER C 884 -6.08 3.79 -19.57
CA SER C 884 -6.81 4.66 -18.65
C SER C 884 -7.59 3.84 -17.64
N PHE C 885 -8.16 2.72 -18.08
CA PHE C 885 -8.86 1.88 -17.12
C PHE C 885 -7.90 1.29 -16.11
N PHE C 886 -6.71 0.88 -16.54
CA PHE C 886 -5.74 0.40 -15.57
C PHE C 886 -5.10 1.53 -14.79
N LYS C 887 -5.37 2.78 -15.18
CA LYS C 887 -4.96 3.92 -14.38
C LYS C 887 -5.96 4.19 -13.27
N HIS C 888 -7.24 4.06 -13.56
CA HIS C 888 -8.21 4.27 -12.50
C HIS C 888 -8.35 3.03 -11.63
N LEU C 889 -8.08 1.87 -12.20
CA LEU C 889 -8.11 0.61 -11.48
C LEU C 889 -6.94 0.48 -10.52
N ILE C 890 -5.74 0.83 -10.97
CA ILE C 890 -4.69 1.20 -10.05
C ILE C 890 -5.15 2.52 -9.48
N ASP C 891 -4.46 3.05 -8.49
CA ASP C 891 -4.63 4.40 -8.00
C ASP C 891 -5.82 4.44 -7.07
N ILE C 892 -6.52 3.33 -6.89
CA ILE C 892 -7.45 3.13 -5.79
C ILE C 892 -7.00 1.86 -5.08
N GLY C 893 -5.75 1.47 -5.32
CA GLY C 893 -5.30 0.16 -4.95
C GLY C 893 -5.45 -0.77 -6.13
N LEU C 894 -5.83 -2.01 -5.88
CA LEU C 894 -6.16 -2.97 -6.93
C LEU C 894 -5.02 -3.09 -7.95
N THR C 895 -3.79 -3.11 -7.44
CA THR C 895 -2.66 -3.24 -8.35
C THR C 895 -2.38 -4.70 -8.71
N THR C 896 -3.05 -5.63 -8.03
CA THR C 896 -2.83 -7.06 -8.24
C THR C 896 -4.17 -7.74 -8.50
N PRO C 897 -4.16 -8.81 -9.29
CA PRO C 897 -5.41 -9.52 -9.55
C PRO C 897 -6.06 -10.01 -8.29
N SER C 898 -5.28 -10.34 -7.26
CA SER C 898 -5.88 -10.76 -6.00
C SER C 898 -6.79 -9.70 -5.43
N SER C 899 -6.29 -8.47 -5.31
CA SER C 899 -7.09 -7.41 -4.72
C SER C 899 -8.23 -7.00 -5.64
N TYR C 900 -7.95 -6.88 -6.94
CA TYR C 900 -9.03 -6.55 -7.86
C TYR C 900 -10.13 -7.57 -7.79
N LEU C 901 -9.76 -8.83 -7.68
CA LEU C 901 -10.71 -9.92 -7.72
C LEU C 901 -11.51 -9.97 -6.42
N SER C 902 -10.85 -9.71 -5.30
CA SER C 902 -11.58 -9.60 -4.04
C SER C 902 -12.54 -8.43 -4.07
N ASN C 903 -12.22 -7.40 -4.85
CA ASN C 903 -13.13 -6.26 -4.95
C ASN C 903 -14.34 -6.57 -5.82
N VAL C 904 -14.16 -7.31 -6.91
CA VAL C 904 -15.24 -7.49 -7.87
C VAL C 904 -16.05 -8.76 -7.66
N LEU C 905 -15.50 -9.79 -7.03
CA LEU C 905 -16.22 -11.05 -6.93
C LEU C 905 -17.43 -10.91 -6.03
N ASP C 906 -18.39 -11.83 -6.20
CA ASP C 906 -19.73 -11.54 -5.74
C ASP C 906 -19.79 -11.45 -4.22
N ASP C 907 -19.84 -12.56 -3.49
CA ASP C 907 -19.40 -12.54 -2.10
C ASP C 907 -18.63 -13.78 -1.69
N ASN C 908 -19.27 -14.92 -1.86
CA ASN C 908 -18.91 -16.17 -1.19
C ASN C 908 -18.82 -17.34 -2.15
N ILE C 909 -18.53 -17.06 -3.42
CA ILE C 909 -18.44 -18.13 -4.41
C ILE C 909 -17.24 -19.03 -4.22
N CYS C 910 -16.25 -18.61 -3.42
CA CYS C 910 -15.01 -19.37 -3.35
C CYS C 910 -15.15 -20.65 -2.55
N GLY C 911 -16.22 -20.80 -1.79
CA GLY C 911 -16.45 -22.04 -1.09
C GLY C 911 -16.89 -21.80 0.34
N ALA C 912 -17.33 -22.88 0.97
CA ALA C 912 -17.81 -22.80 2.35
C ALA C 912 -16.73 -22.36 3.31
N ASP C 913 -15.46 -22.69 3.04
CA ASP C 913 -14.35 -22.16 3.80
C ASP C 913 -14.11 -20.71 3.38
N LYS C 914 -14.03 -19.84 4.36
CA LYS C 914 -14.06 -18.41 4.08
C LYS C 914 -12.65 -18.01 3.64
N ALA C 915 -12.31 -18.34 2.40
CA ALA C 915 -10.94 -18.17 1.91
C ALA C 915 -10.83 -16.89 1.11
N PRO C 916 -10.13 -15.88 1.63
CA PRO C 916 -10.05 -14.61 0.93
C PRO C 916 -8.98 -14.62 -0.15
N TRP C 917 -9.20 -13.84 -1.20
CA TRP C 917 -8.23 -13.78 -2.29
C TRP C 917 -7.01 -12.96 -1.94
N THR C 918 -7.04 -12.20 -0.86
CA THR C 918 -5.93 -11.34 -0.51
C THR C 918 -4.90 -12.03 0.37
N THR C 919 -5.33 -12.90 1.26
CA THR C 919 -4.39 -13.69 2.05
C THR C 919 -3.60 -14.60 1.13
N TYR C 920 -2.35 -14.89 1.50
CA TYR C 920 -1.48 -15.75 0.70
C TYR C 920 -1.12 -16.95 1.56
N THR C 921 -1.63 -18.11 1.18
CA THR C 921 -1.25 -19.35 1.84
C THR C 921 -0.11 -19.99 1.06
N THR C 922 1.04 -20.11 1.70
CA THR C 922 2.18 -20.76 1.07
C THR C 922 2.15 -22.26 1.34
N TYR C 923 1.68 -23.03 0.36
CA TYR C 923 1.63 -24.47 0.61
C TYR C 923 2.85 -25.13 0.00
N THR C 924 3.10 -26.35 0.46
CA THR C 924 4.36 -27.02 0.20
C THR C 924 4.16 -28.52 0.32
N THR C 925 4.09 -29.21 -0.82
CA THR C 925 3.89 -30.66 -0.80
C THR C 925 4.29 -31.35 -2.11
N THR C 926 4.11 -32.67 -2.15
CA THR C 926 4.57 -33.48 -3.28
C THR C 926 4.34 -32.78 -4.62
N GLU C 927 5.39 -32.70 -5.44
CA GLU C 927 5.42 -31.85 -6.63
C GLU C 927 4.21 -32.12 -7.51
N LYS C 928 3.62 -31.04 -8.02
CA LYS C 928 2.38 -31.08 -8.80
C LYS C 928 2.40 -32.24 -9.79
N CYS C 929 1.41 -33.13 -9.66
CA CYS C 929 1.54 -34.53 -10.04
C CYS C 929 1.80 -34.74 -11.53
N ASN C 930 1.09 -34.03 -12.41
CA ASN C 930 1.07 -34.40 -13.82
C ASN C 930 2.06 -33.60 -14.65
N LYS C 931 1.95 -32.27 -14.67
CA LYS C 931 2.97 -31.43 -15.30
C LYS C 931 3.88 -30.93 -14.19
N GLU C 932 5.18 -31.03 -14.42
CA GLU C 932 6.16 -31.10 -13.35
C GLU C 932 7.14 -29.93 -13.41
N ARG C 933 7.38 -29.31 -12.27
CA ARG C 933 8.58 -28.51 -12.09
C ARG C 933 9.75 -29.44 -11.76
N ASP C 934 10.40 -29.91 -12.83
CA ASP C 934 11.61 -30.72 -12.89
C ASP C 934 11.62 -32.03 -12.09
N LYS C 935 10.45 -32.49 -11.60
CA LYS C 935 10.34 -33.82 -11.02
C LYS C 935 8.93 -34.12 -10.53
N SER C 936 8.65 -35.39 -10.25
CA SER C 936 7.58 -35.79 -9.34
C SER C 936 8.17 -36.53 -8.16
N LYS C 937 8.13 -35.89 -6.99
CA LYS C 937 8.28 -36.50 -5.66
C LYS C 937 9.70 -36.87 -5.23
N SER C 938 10.71 -36.81 -6.12
CA SER C 938 12.08 -36.85 -5.61
C SER C 938 13.13 -36.23 -6.53
N GLN C 939 13.36 -34.91 -6.43
CA GLN C 939 14.58 -34.32 -6.96
C GLN C 939 15.11 -33.19 -6.09
N SER C 940 14.22 -32.54 -5.32
CA SER C 940 14.50 -31.21 -4.80
C SER C 940 13.66 -30.98 -3.55
N SER C 941 13.50 -29.71 -3.17
CA SER C 941 12.53 -29.38 -2.12
C SER C 941 11.12 -29.36 -2.68
N ASP C 942 10.92 -28.70 -3.82
CA ASP C 942 9.60 -28.62 -4.42
C ASP C 942 9.09 -29.99 -4.85
N THR C 943 9.98 -30.98 -4.97
CA THR C 943 9.54 -32.28 -5.45
C THR C 943 8.61 -32.95 -4.44
N LEU C 944 8.91 -32.83 -3.15
CA LEU C 944 8.19 -33.53 -2.09
C LEU C 944 7.48 -32.55 -1.16
N VAL C 945 8.10 -31.41 -0.93
CA VAL C 945 7.43 -30.33 -0.19
C VAL C 945 7.48 -29.09 -1.09
N VAL C 946 6.48 -28.95 -1.95
CA VAL C 946 6.54 -28.02 -3.07
C VAL C 946 6.23 -26.66 -2.48
N VAL C 947 7.12 -25.70 -2.67
CA VAL C 947 6.92 -24.35 -2.13
C VAL C 947 6.29 -23.55 -3.26
N ASN C 948 5.01 -23.22 -3.07
CA ASN C 948 4.34 -22.25 -3.93
C ASN C 948 3.30 -21.49 -3.11
N VAL C 949 3.13 -20.23 -3.46
CA VAL C 949 2.50 -19.27 -2.57
C VAL C 949 1.45 -18.44 -3.32
N PRO C 950 0.34 -19.04 -3.70
CA PRO C 950 -0.75 -18.24 -4.27
C PRO C 950 -1.71 -17.79 -3.20
N SER C 951 -2.72 -17.07 -3.59
CA SER C 951 -3.87 -16.86 -2.73
C SER C 951 -4.53 -18.20 -2.45
N PRO C 952 -5.60 -18.28 -1.65
CA PRO C 952 -6.21 -19.58 -1.43
C PRO C 952 -6.77 -20.23 -2.68
N LEU C 953 -5.81 -20.49 -3.57
CA LEU C 953 -5.77 -21.65 -4.46
C LEU C 953 -5.07 -22.81 -3.78
N GLY C 954 -4.91 -22.75 -2.46
CA GLY C 954 -4.09 -23.71 -1.75
C GLY C 954 -4.70 -25.09 -1.75
N ASN C 955 -3.85 -26.08 -1.49
CA ASN C 955 -4.28 -27.47 -1.58
C ASN C 955 -5.05 -27.94 -0.35
N THR C 956 -5.39 -27.04 0.57
CA THR C 956 -6.28 -27.32 1.67
C THR C 956 -7.20 -26.13 1.87
N PRO C 957 -8.44 -26.36 2.28
CA PRO C 957 -9.41 -25.26 2.34
C PRO C 957 -9.14 -24.23 3.43
N TYR C 958 -7.94 -23.67 3.41
CA TYR C 958 -7.60 -22.42 4.09
C TYR C 958 -7.56 -22.51 5.61
N ARG C 959 -8.12 -23.56 6.18
CA ARG C 959 -7.95 -23.73 7.62
C ARG C 959 -7.71 -25.18 7.99
N TYR C 960 -7.89 -26.08 7.03
CA TYR C 960 -7.83 -27.51 7.30
C TYR C 960 -6.48 -28.10 6.99
N LYS C 961 -5.42 -27.29 7.07
CA LYS C 961 -4.07 -27.81 6.99
C LYS C 961 -3.88 -28.93 8.01
N TYR C 962 -4.50 -28.79 9.18
CA TYR C 962 -4.43 -29.79 10.22
C TYR C 962 -5.74 -30.57 10.40
N ALA C 963 -6.89 -29.96 10.11
CA ALA C 963 -8.13 -30.73 10.16
C ALA C 963 -8.12 -31.85 9.15
N CYS C 964 -7.76 -31.56 7.91
CA CYS C 964 -7.32 -32.62 7.02
C CYS C 964 -6.03 -33.19 7.55
N GLN C 965 -5.75 -34.45 7.22
CA GLN C 965 -4.48 -35.07 7.60
C GLN C 965 -4.23 -34.90 9.10
N CYS C 966 -4.78 -35.81 9.90
CA CYS C 966 -5.34 -35.72 11.25
C CYS C 966 -4.48 -35.03 12.29
N LYS C 967 -4.62 -35.41 13.57
CA LYS C 967 -4.67 -34.58 14.77
C LYS C 967 -4.26 -33.12 14.68
N ILE C 968 -5.09 -32.30 15.33
CA ILE C 968 -4.99 -30.84 15.39
C ILE C 968 -3.57 -30.43 15.73
N PRO C 969 -3.20 -29.19 15.38
CA PRO C 969 -1.80 -28.77 15.57
C PRO C 969 -1.38 -28.79 17.02
N THR C 970 -0.13 -29.15 17.26
CA THR C 970 0.44 -29.00 18.58
C THR C 970 0.67 -27.53 18.87
N ASN C 971 0.81 -27.21 20.15
CA ASN C 971 1.09 -25.83 20.54
C ASN C 971 2.35 -25.32 19.85
N GLU C 972 3.34 -26.20 19.68
CA GLU C 972 4.58 -25.80 19.04
C GLU C 972 4.36 -25.40 17.59
N GLU C 973 3.59 -26.19 16.84
CA GLU C 973 3.42 -25.94 15.42
C GLU C 973 2.34 -24.92 15.13
N THR C 974 1.70 -24.38 16.16
CA THR C 974 0.92 -23.16 15.98
C THR C 974 1.80 -21.92 16.02
N CYS C 975 3.10 -22.09 16.23
CA CYS C 975 4.03 -21.00 15.99
C CYS C 975 4.24 -20.75 14.51
N ASP C 976 4.24 -21.82 13.71
CA ASP C 976 4.59 -21.71 12.29
C ASP C 976 3.57 -20.91 11.49
N ASP C 977 2.41 -20.63 12.07
CA ASP C 977 1.47 -19.72 11.41
C ASP C 977 1.26 -18.46 12.23
N ARG C 978 1.44 -18.51 13.55
CA ARG C 978 1.46 -17.28 14.34
C ARG C 978 2.62 -16.41 13.91
N LYS C 979 3.79 -17.02 13.72
CA LYS C 979 4.93 -16.41 13.04
C LYS C 979 5.39 -15.09 13.64
N GLU C 980 5.53 -15.03 14.96
CA GLU C 980 6.31 -13.96 15.57
C GLU C 980 7.66 -14.45 16.04
N TYR C 981 7.91 -15.76 15.95
CA TYR C 981 9.17 -16.35 16.37
C TYR C 981 9.51 -17.41 15.32
N MET C 982 10.26 -16.99 14.29
CA MET C 982 10.40 -17.68 13.03
C MET C 982 11.41 -18.82 13.15
N ASN C 983 11.83 -19.36 11.99
CA ASN C 983 12.68 -20.55 11.91
C ASN C 983 13.97 -20.24 11.15
N GLN C 984 15.03 -19.93 11.89
CA GLN C 984 16.39 -19.87 11.35
C GLN C 984 17.36 -20.83 12.02
N TRP C 985 17.42 -20.89 13.35
CA TRP C 985 18.38 -21.76 14.01
C TRP C 985 17.71 -23.06 14.45
N SER C 986 18.50 -24.12 14.63
CA SER C 986 17.94 -25.39 15.08
C SER C 986 18.52 -25.88 16.40
N CYS C 987 19.82 -26.18 16.47
CA CYS C 987 20.38 -26.82 17.68
C CYS C 987 21.09 -25.77 18.51
N GLY C 988 20.31 -25.01 19.25
CA GLY C 988 20.75 -23.71 19.70
C GLY C 988 19.99 -22.75 18.81
N SER C 989 18.84 -22.29 19.28
CA SER C 989 17.87 -21.75 18.35
C SER C 989 16.81 -20.97 19.09
N ALA C 990 16.65 -19.72 18.68
CA ALA C 990 15.43 -18.99 18.94
C ALA C 990 14.29 -19.47 18.06
N ARG C 991 14.51 -20.55 17.31
CA ARG C 991 13.77 -20.71 16.07
C ARG C 991 13.12 -22.09 15.92
N THR C 992 12.91 -22.81 17.04
CA THR C 992 12.05 -24.00 17.05
C THR C 992 12.51 -25.11 16.12
N MET C 993 13.67 -25.72 16.39
CA MET C 993 14.13 -26.89 15.65
C MET C 993 15.29 -27.54 16.42
N LYS C 994 15.90 -28.60 15.87
CA LYS C 994 17.19 -29.13 16.30
C LYS C 994 17.57 -30.28 15.38
N ARG C 995 18.84 -30.68 15.44
CA ARG C 995 19.36 -31.83 14.71
C ARG C 995 20.12 -32.80 15.62
N GLY C 996 20.00 -32.63 16.93
CA GLY C 996 20.87 -33.35 17.85
C GLY C 996 22.07 -32.51 18.25
N TYR C 997 23.15 -33.17 18.64
CA TYR C 997 23.25 -34.62 18.68
C TYR C 997 23.46 -35.05 20.12
N LYS C 998 23.74 -36.33 20.37
CA LYS C 998 24.05 -36.81 21.72
C LYS C 998 25.23 -37.77 21.66
N ASN C 999 26.44 -37.21 21.68
CA ASN C 999 27.68 -37.96 21.84
C ASN C 999 28.78 -36.94 22.13
N ASP C 1000 30.02 -37.42 22.14
CA ASP C 1000 31.14 -36.49 22.25
C ASP C 1000 31.44 -35.86 20.90
N ASN C 1001 31.53 -36.67 19.85
CA ASN C 1001 31.85 -36.19 18.50
C ASN C 1001 30.68 -36.50 17.57
N TYR C 1002 29.90 -35.48 17.22
CA TYR C 1002 30.05 -34.12 17.73
C TYR C 1002 28.72 -33.40 17.67
N GLU C 1003 28.10 -33.18 18.82
CA GLU C 1003 26.86 -32.41 18.88
C GLU C 1003 27.12 -31.03 18.30
N LEU C 1004 26.18 -30.55 17.48
CA LEU C 1004 26.44 -29.35 16.69
C LEU C 1004 25.21 -28.48 16.55
N CYS C 1005 25.41 -27.18 16.31
CA CYS C 1005 24.34 -26.22 16.14
C CYS C 1005 24.14 -25.95 14.66
N LYS C 1006 22.92 -26.14 14.17
CA LYS C 1006 22.63 -26.09 12.76
C LYS C 1006 21.71 -24.91 12.45
N TYR C 1007 21.96 -24.27 11.32
CA TYR C 1007 21.16 -23.16 10.84
C TYR C 1007 20.16 -23.70 9.83
N ASN C 1008 18.90 -23.30 9.94
CA ASN C 1008 17.88 -23.78 9.03
C ASN C 1008 17.89 -22.98 7.75
N GLY C 1009 17.91 -23.67 6.62
CA GLY C 1009 18.05 -23.07 5.32
C GLY C 1009 19.43 -23.20 4.73
N VAL C 1010 20.43 -23.51 5.55
CA VAL C 1010 21.78 -23.80 5.07
C VAL C 1010 22.24 -25.09 5.72
N ASP C 1011 23.05 -25.84 5.01
CA ASP C 1011 23.54 -27.10 5.56
C ASP C 1011 25.01 -26.97 5.95
N VAL C 1012 25.34 -27.38 7.17
CA VAL C 1012 26.73 -27.44 7.58
C VAL C 1012 27.41 -28.50 6.74
N LYS C 1013 28.64 -28.23 6.33
CA LYS C 1013 29.39 -29.22 5.60
C LYS C 1013 30.18 -30.07 6.58
N PRO C 1014 29.72 -31.29 6.88
CA PRO C 1014 30.42 -32.12 7.86
C PRO C 1014 31.80 -32.57 7.40
N THR C 1015 32.21 -32.17 6.20
CA THR C 1015 33.54 -32.45 5.69
C THR C 1015 34.59 -31.90 6.64
N THR C 1016 35.53 -32.74 7.06
CA THR C 1016 36.70 -32.31 7.78
C THR C 1016 37.86 -31.96 6.85
N VAL C 1017 37.63 -32.04 5.53
CA VAL C 1017 38.64 -31.64 4.55
C VAL C 1017 38.90 -30.15 4.60
N ARG C 1018 37.99 -29.37 5.20
CA ARG C 1018 38.20 -27.94 5.35
C ARG C 1018 39.47 -27.63 6.15
N SER C 1019 39.90 -28.56 6.99
CA SER C 1019 40.81 -28.28 8.08
C SER C 1019 42.16 -28.97 7.87
N ASN C 1020 42.99 -28.87 8.90
CA ASN C 1020 44.28 -29.53 9.04
C ASN C 1020 44.29 -30.30 10.36
N SER C 1021 45.46 -30.81 10.74
CA SER C 1021 45.58 -31.71 11.87
C SER C 1021 46.41 -31.11 12.99
N SER C 1022 46.16 -31.63 14.21
CA SER C 1022 46.87 -31.32 15.45
C SER C 1022 46.53 -29.93 15.96
N LYS C 1023 45.83 -29.15 15.15
CA LYS C 1023 45.29 -27.86 15.55
C LYS C 1023 43.84 -28.09 15.98
N LEU C 1024 43.06 -27.01 16.09
CA LEU C 1024 41.61 -27.13 16.14
C LEU C 1024 41.13 -28.18 15.15
N ASP C 1025 40.28 -29.08 15.62
CA ASP C 1025 39.87 -30.22 14.82
C ASP C 1025 39.09 -29.76 13.58
N GLY C 1026 38.84 -30.71 12.68
CA GLY C 1026 38.05 -30.41 11.50
C GLY C 1026 36.64 -29.96 11.85
N ASN C 1027 36.00 -30.69 12.76
CA ASN C 1027 34.66 -30.33 13.19
C ASN C 1027 34.66 -29.21 14.23
N ASP C 1028 35.79 -28.93 14.85
CA ASP C 1028 35.80 -27.93 15.92
C ASP C 1028 35.67 -26.52 15.37
N VAL C 1029 36.27 -26.24 14.23
CA VAL C 1029 36.22 -24.89 13.69
C VAL C 1029 34.83 -24.57 13.20
N THR C 1030 34.21 -25.48 12.45
CA THR C 1030 32.84 -25.24 12.00
C THR C 1030 31.92 -25.11 13.20
N PHE C 1031 32.16 -25.88 14.26
CA PHE C 1031 31.39 -25.66 15.48
C PHE C 1031 31.60 -24.27 16.03
N PHE C 1032 32.85 -23.82 16.12
CA PHE C 1032 33.08 -22.54 16.79
C PHE C 1032 32.40 -21.43 16.02
N ASN C 1033 32.47 -21.49 14.70
CA ASN C 1033 31.82 -20.45 13.90
C ASN C 1033 30.31 -20.52 14.04
N LEU C 1034 29.73 -21.72 13.96
CA LEU C 1034 28.28 -21.82 14.15
C LEU C 1034 27.89 -21.34 15.53
N PHE C 1035 28.71 -21.61 16.54
CA PHE C 1035 28.37 -21.20 17.89
C PHE C 1035 28.48 -19.71 18.07
N GLU C 1036 29.50 -19.07 17.54
CA GLU C 1036 29.61 -17.63 17.73
C GLU C 1036 28.53 -16.90 16.96
N GLN C 1037 28.19 -17.40 15.76
CA GLN C 1037 27.06 -16.84 15.05
C GLN C 1037 25.77 -17.01 15.83
N TRP C 1038 25.56 -18.21 16.39
CA TRP C 1038 24.41 -18.43 17.25
C TRP C 1038 24.40 -17.45 18.40
N ASN C 1039 25.52 -17.35 19.11
CA ASN C 1039 25.63 -16.43 20.24
C ASN C 1039 25.16 -15.04 19.86
N LYS C 1040 25.77 -14.47 18.83
CA LYS C 1040 25.47 -13.09 18.48
C LYS C 1040 24.01 -12.93 18.07
N GLU C 1041 23.55 -13.80 17.16
CA GLU C 1041 22.18 -13.67 16.68
C GLU C 1041 21.17 -13.86 17.80
N ILE C 1042 21.36 -14.86 18.65
CA ILE C 1042 20.36 -15.16 19.66
C ILE C 1042 20.40 -14.11 20.76
N GLN C 1043 21.56 -13.51 21.03
CA GLN C 1043 21.57 -12.41 21.99
C GLN C 1043 20.80 -11.22 21.44
N TYR C 1044 21.07 -10.87 20.19
CA TYR C 1044 20.28 -9.82 19.54
C TYR C 1044 18.79 -10.15 19.58
N GLN C 1045 18.45 -11.41 19.31
CA GLN C 1045 17.06 -11.85 19.26
C GLN C 1045 16.40 -11.76 20.62
N ILE C 1046 17.06 -12.23 21.67
CA ILE C 1046 16.48 -12.19 22.99
C ILE C 1046 16.33 -10.75 23.46
N GLU C 1047 17.23 -9.86 23.03
CA GLU C 1047 17.05 -8.46 23.36
C GLU C 1047 15.88 -7.86 22.59
N GLN C 1048 15.71 -8.25 21.34
CA GLN C 1048 14.57 -7.77 20.56
C GLN C 1048 13.26 -8.22 21.19
N TYR C 1049 13.20 -9.45 21.67
CA TYR C 1049 11.96 -9.98 22.24
C TYR C 1049 11.89 -9.83 23.74
N MET C 1050 12.82 -9.11 24.36
CA MET C 1050 12.75 -8.91 25.81
C MET C 1050 12.68 -7.45 26.21
N THR C 1051 13.62 -6.61 25.80
CA THR C 1051 13.54 -5.18 26.09
C THR C 1051 12.47 -4.52 25.24
N ASN C 1052 12.59 -4.60 23.92
CA ASN C 1052 11.45 -4.35 23.07
C ASN C 1052 10.30 -5.29 23.40
N ALA C 1053 10.63 -6.53 23.76
CA ALA C 1053 9.64 -7.56 24.11
C ALA C 1053 8.64 -7.76 22.98
N ASN C 1054 9.02 -7.36 21.75
CA ASN C 1054 8.19 -7.44 20.56
C ASN C 1054 6.98 -6.50 20.67
N ILE C 1055 6.75 -6.02 21.90
CA ILE C 1055 5.98 -4.83 22.23
C ILE C 1055 6.21 -4.61 23.72
N SER C 1056 6.17 -3.37 24.17
CA SER C 1056 6.49 -3.08 25.56
C SER C 1056 5.22 -2.77 26.35
N CYS C 1057 5.13 -3.28 27.59
CA CYS C 1057 6.07 -4.19 28.28
C CYS C 1057 5.30 -4.72 29.48
N ILE C 1058 5.21 -6.04 29.68
CA ILE C 1058 5.82 -7.08 28.88
C ILE C 1058 4.79 -8.20 28.68
N ASP C 1059 4.70 -8.74 27.47
CA ASP C 1059 5.45 -8.22 26.35
C ASP C 1059 4.54 -7.31 25.55
N ASN C 1092 -2.85 -20.03 25.91
CA ASN C 1092 -2.61 -18.59 25.84
C ASN C 1092 -3.21 -17.79 26.99
N CYS C 1093 -4.40 -17.25 26.73
CA CYS C 1093 -5.00 -16.15 27.50
C CYS C 1093 -4.11 -14.91 27.36
N LYS C 1094 -3.07 -15.02 26.53
CA LYS C 1094 -2.09 -14.00 26.23
C LYS C 1094 -1.31 -14.46 25.01
N GLU C 1095 -0.24 -13.77 24.64
CA GLU C 1095 0.66 -14.29 23.62
C GLU C 1095 1.85 -15.00 24.24
N LYS C 1096 1.84 -15.17 25.54
CA LYS C 1096 3.05 -15.51 26.30
C LYS C 1096 2.83 -16.85 27.00
N CYS C 1097 2.01 -17.70 26.39
CA CYS C 1097 1.97 -19.11 26.78
C CYS C 1097 2.40 -19.93 25.58
N LYS C 1098 1.75 -19.72 24.45
CA LYS C 1098 2.20 -20.25 23.17
C LYS C 1098 2.98 -19.20 22.39
N CYS C 1099 4.01 -19.68 21.71
CA CYS C 1099 4.89 -18.89 20.86
C CYS C 1099 5.81 -18.00 21.69
N TYR C 1100 5.53 -17.88 22.98
CA TYR C 1100 6.44 -17.26 23.92
C TYR C 1100 6.32 -18.03 25.21
N LYS C 1101 7.43 -18.20 25.91
CA LYS C 1101 7.58 -19.21 26.94
C LYS C 1101 7.62 -20.57 26.25
N LEU C 1102 7.50 -20.56 24.93
CA LEU C 1102 7.67 -21.76 24.14
C LEU C 1102 9.03 -21.81 23.47
N TRP C 1103 9.61 -20.66 23.14
CA TRP C 1103 11.00 -20.64 22.71
C TRP C 1103 11.94 -20.27 23.83
N ILE C 1104 11.46 -19.51 24.82
CA ILE C 1104 12.25 -19.29 26.02
C ILE C 1104 12.59 -20.62 26.65
N GLU C 1105 11.63 -21.52 26.76
CA GLU C 1105 11.93 -22.87 27.21
C GLU C 1105 12.70 -23.65 26.17
N LYS C 1106 12.82 -23.14 24.95
CA LYS C 1106 13.74 -23.74 23.98
C LYS C 1106 15.15 -23.22 24.20
N ILE C 1107 15.31 -21.91 24.36
CA ILE C 1107 16.64 -21.34 24.51
C ILE C 1107 17.38 -22.03 25.65
N ASN C 1108 16.70 -22.20 26.79
CA ASN C 1108 17.32 -22.88 27.91
C ASN C 1108 17.77 -24.27 27.51
N ASP C 1109 16.90 -25.00 26.81
CA ASP C 1109 17.24 -26.34 26.33
C ASP C 1109 18.50 -26.30 25.48
N GLN C 1110 18.63 -25.30 24.63
CA GLN C 1110 19.64 -25.32 23.60
C GLN C 1110 20.78 -24.34 23.83
N TRP C 1111 20.61 -23.38 24.73
CA TRP C 1111 21.81 -22.89 25.38
C TRP C 1111 22.44 -23.96 26.23
N GLY C 1112 21.65 -24.83 26.84
CA GLY C 1112 22.20 -26.02 27.45
C GLY C 1112 22.92 -26.90 26.46
N LYS C 1113 22.30 -27.14 25.30
CA LYS C 1113 23.02 -27.80 24.22
C LYS C 1113 24.28 -27.06 23.85
N GLN C 1114 24.18 -25.75 23.66
CA GLN C 1114 25.36 -24.94 23.38
C GLN C 1114 26.30 -24.85 24.57
N LYS C 1115 25.77 -24.76 25.79
CA LYS C 1115 26.63 -24.94 26.95
C LYS C 1115 27.23 -26.33 26.99
N ASP C 1116 26.46 -27.35 26.67
CA ASP C 1116 27.05 -28.68 26.56
C ASP C 1116 28.06 -28.71 25.43
N ASN C 1117 27.72 -28.14 24.27
CA ASN C 1117 28.66 -28.11 23.17
C ASN C 1117 29.93 -27.36 23.52
N TYR C 1118 29.88 -26.38 24.40
CA TYR C 1118 31.07 -25.58 24.66
C TYR C 1118 31.87 -26.04 25.86
N ASN C 1119 31.22 -26.52 26.93
CA ASN C 1119 31.97 -27.22 27.96
C ASN C 1119 32.59 -28.48 27.36
N LYS C 1120 31.83 -29.20 26.53
CA LYS C 1120 32.33 -30.30 25.75
C LYS C 1120 33.24 -29.85 24.62
N PHE C 1121 33.25 -28.56 24.30
CA PHE C 1121 34.24 -28.05 23.38
C PHE C 1121 35.55 -27.73 24.06
N ARG C 1122 35.52 -27.14 25.25
CA ARG C 1122 36.67 -27.12 26.14
C ARG C 1122 37.13 -28.52 26.52
N SER C 1123 36.25 -29.51 26.37
CA SER C 1123 36.62 -30.92 26.51
C SER C 1123 37.09 -31.55 25.21
N LYS C 1124 36.73 -30.97 24.07
CA LYS C 1124 37.45 -31.19 22.82
C LYS C 1124 38.73 -30.38 22.80
N GLN C 1125 38.88 -29.47 23.75
CA GLN C 1125 40.16 -28.97 24.21
C GLN C 1125 40.61 -29.66 25.50
N ILE C 1126 39.92 -30.73 25.89
CA ILE C 1126 40.62 -31.84 26.54
C ILE C 1126 41.10 -32.79 25.45
N TYR C 1127 40.66 -32.50 24.21
CA TYR C 1127 41.15 -33.05 22.96
C TYR C 1127 42.02 -32.07 22.18
N ASP C 1128 41.99 -30.77 22.51
CA ASP C 1128 42.74 -29.74 21.79
C ASP C 1128 43.57 -28.79 22.65
N ALA C 1129 43.14 -28.43 23.86
CA ALA C 1129 43.97 -27.61 24.72
C ALA C 1129 44.85 -28.42 25.65
N ASN C 1130 44.51 -29.68 25.91
CA ASN C 1130 45.54 -30.57 26.42
C ASN C 1130 46.74 -30.56 25.49
N LYS C 1131 46.51 -30.34 24.19
CA LYS C 1131 47.60 -29.96 23.30
C LYS C 1131 48.02 -28.51 23.54
N GLY C 1132 47.06 -27.61 23.69
CA GLY C 1132 47.34 -26.18 23.73
C GLY C 1132 47.01 -25.41 25.00
N SER C 1133 47.33 -25.98 26.17
CA SER C 1133 47.15 -25.28 27.44
C SER C 1133 48.52 -24.93 28.04
N GLN C 1134 48.58 -23.79 28.73
CA GLN C 1134 47.42 -22.94 28.96
C GLN C 1134 47.43 -21.60 28.23
N ASN C 1135 47.00 -21.65 26.98
CA ASN C 1135 46.26 -20.56 26.36
C ASN C 1135 44.77 -20.82 26.46
N LYS C 1136 44.42 -22.09 26.68
CA LYS C 1136 43.11 -22.60 27.04
C LYS C 1136 42.17 -22.58 25.84
N LYS C 1137 42.52 -21.83 24.80
CA LYS C 1137 42.61 -22.31 23.43
C LYS C 1137 41.68 -23.48 23.14
N VAL C 1138 40.36 -23.31 23.23
CA VAL C 1138 39.68 -22.02 23.20
C VAL C 1138 39.13 -21.61 24.56
N VAL C 1139 39.21 -20.31 24.86
CA VAL C 1139 38.74 -19.80 26.14
C VAL C 1139 37.29 -20.19 26.39
N SER C 1140 36.96 -20.41 27.66
CA SER C 1140 35.64 -20.87 28.09
C SER C 1140 34.53 -19.90 27.76
N LEU C 1141 33.27 -20.34 27.94
CA LEU C 1141 32.13 -19.48 27.69
C LEU C 1141 32.23 -18.16 28.41
N SER C 1142 32.59 -18.18 29.69
CA SER C 1142 32.64 -16.93 30.44
C SER C 1142 33.49 -15.91 29.72
N ASN C 1143 34.75 -16.25 29.46
CA ASN C 1143 35.67 -15.32 28.84
C ASN C 1143 35.26 -14.99 27.42
N PHE C 1144 34.80 -15.97 26.64
CA PHE C 1144 34.45 -15.68 25.26
C PHE C 1144 33.25 -14.76 25.18
N LEU C 1145 32.24 -14.98 26.02
CA LEU C 1145 31.07 -14.11 26.01
C LEU C 1145 31.43 -12.71 26.47
N PHE C 1146 32.32 -12.61 27.46
CA PHE C 1146 32.86 -11.30 27.81
C PHE C 1146 33.44 -10.62 26.59
N PHE C 1147 34.34 -11.30 25.89
CA PHE C 1147 34.94 -10.72 24.70
C PHE C 1147 33.90 -10.38 23.66
N SER C 1148 32.85 -11.19 23.54
CA SER C 1148 31.82 -10.94 22.55
C SER C 1148 31.07 -9.66 22.82
N CYS C 1149 30.64 -9.46 24.06
CA CYS C 1149 29.94 -8.22 24.40
C CYS C 1149 30.85 -7.01 24.23
N TRP C 1150 32.12 -7.15 24.63
CA TRP C 1150 33.03 -6.02 24.50
C TRP C 1150 33.27 -5.69 23.04
N GLU C 1151 33.35 -6.70 22.18
CA GLU C 1151 33.43 -6.46 20.75
C GLU C 1151 32.15 -5.80 20.24
N GLU C 1152 31.00 -6.25 20.75
CA GLU C 1152 29.73 -5.63 20.36
C GLU C 1152 29.74 -4.15 20.64
N TYR C 1153 30.33 -3.74 21.76
CA TYR C 1153 30.45 -2.31 22.01
C TYR C 1153 31.46 -1.68 21.06
N ILE C 1154 32.70 -2.15 21.09
CA ILE C 1154 33.79 -1.51 20.36
C ILE C 1154 33.50 -1.40 18.87
N GLN C 1155 32.68 -2.29 18.33
CA GLN C 1155 32.43 -2.26 16.89
C GLN C 1155 31.61 -1.04 16.49
N LYS C 1156 30.42 -0.90 17.05
CA LYS C 1156 29.44 0.04 16.51
C LYS C 1156 29.16 1.25 17.41
N TYR C 1157 29.84 1.37 18.55
CA TYR C 1157 29.92 2.65 19.26
C TYR C 1157 31.31 3.25 19.29
N PHE C 1158 32.31 2.58 18.73
CA PHE C 1158 33.69 3.04 18.79
C PHE C 1158 34.30 3.09 17.41
N ASN C 1159 33.48 3.38 16.40
CA ASN C 1159 33.93 3.62 15.02
C ASN C 1159 34.77 2.44 14.51
N GLY C 1160 34.11 1.29 14.41
CA GLY C 1160 34.80 0.09 13.99
C GLY C 1160 35.55 -0.52 15.15
N ASP C 1161 35.43 -1.84 15.29
CA ASP C 1161 36.04 -2.51 16.44
C ASP C 1161 37.56 -2.40 16.42
N TRP C 1162 38.17 -2.33 15.24
CA TRP C 1162 39.63 -2.26 15.17
C TRP C 1162 40.18 -1.01 15.85
N SER C 1163 39.31 -0.10 16.27
CA SER C 1163 39.69 0.99 17.14
C SER C 1163 40.00 0.51 18.56
N LYS C 1164 40.10 -0.80 18.78
CA LYS C 1164 40.46 -1.35 20.08
C LYS C 1164 41.89 -0.99 20.46
N ILE C 1165 42.57 -0.23 19.60
CA ILE C 1165 43.90 0.27 19.95
C ILE C 1165 43.83 1.04 21.26
N LYS C 1166 42.87 1.94 21.39
CA LYS C 1166 42.61 2.68 22.62
C LYS C 1166 41.23 2.26 23.11
N ASN C 1167 41.19 1.70 24.32
CA ASN C 1167 39.96 1.08 24.81
C ASN C 1167 39.16 1.98 25.72
N ILE C 1168 39.74 3.08 26.21
CA ILE C 1168 39.11 3.81 27.29
C ILE C 1168 38.04 4.75 26.76
N GLY C 1169 36.81 4.56 27.22
CA GLY C 1169 35.75 5.55 27.04
C GLY C 1169 35.69 6.39 28.29
N SER C 1170 36.25 5.82 29.36
CA SER C 1170 36.61 6.54 30.58
C SER C 1170 35.42 6.94 31.45
N ASP C 1171 34.21 6.88 30.91
CA ASP C 1171 33.02 6.90 31.75
C ASP C 1171 31.93 5.98 31.24
N THR C 1172 32.13 5.35 30.08
CA THR C 1172 31.27 4.26 29.66
C THR C 1172 31.47 3.02 30.53
N PHE C 1173 32.58 2.95 31.23
CA PHE C 1173 32.96 1.73 31.94
C PHE C 1173 31.92 1.28 32.93
N GLU C 1174 31.24 2.20 33.60
CA GLU C 1174 30.24 1.78 34.59
C GLU C 1174 29.08 1.07 33.91
N PHE C 1175 28.52 1.68 32.86
CA PHE C 1175 27.50 0.99 32.06
C PHE C 1175 28.01 -0.32 31.52
N LEU C 1176 29.26 -0.34 31.07
CA LEU C 1176 29.78 -1.52 30.40
C LEU C 1176 29.93 -2.67 31.36
N ILE C 1177 30.43 -2.41 32.56
CA ILE C 1177 30.55 -3.49 33.55
C ILE C 1177 29.18 -3.88 34.08
N LYS C 1178 28.24 -2.95 34.17
CA LYS C 1178 26.90 -3.32 34.60
C LYS C 1178 26.25 -4.27 33.59
N LYS C 1179 26.41 -3.99 32.31
CA LYS C 1179 25.83 -4.86 31.29
C LYS C 1179 26.60 -6.17 31.17
N CYS C 1180 27.90 -6.14 31.44
CA CYS C 1180 28.79 -7.20 30.97
C CYS C 1180 29.51 -7.90 32.11
N GLY C 1181 29.23 -7.52 33.35
CA GLY C 1181 29.89 -8.10 34.49
C GLY C 1181 31.36 -7.69 34.57
N ASN C 1182 31.92 -7.83 35.78
CA ASN C 1182 33.33 -7.55 36.01
C ASN C 1182 34.13 -8.81 35.74
N ASN C 1183 35.45 -8.71 35.89
CA ASN C 1183 36.37 -9.83 36.12
C ASN C 1183 36.07 -11.07 35.27
N SER C 1184 36.28 -10.96 33.96
CA SER C 1184 36.00 -12.05 33.03
C SER C 1184 36.58 -13.37 33.55
N ALA C 1185 36.03 -14.47 33.01
CA ALA C 1185 35.90 -15.76 33.68
C ALA C 1185 34.70 -15.65 34.62
N HIS C 1186 33.90 -14.61 34.37
CA HIS C 1186 32.62 -14.42 35.05
C HIS C 1186 31.50 -14.20 34.04
N GLY C 1187 31.75 -14.47 32.77
CA GLY C 1187 30.81 -14.14 31.70
C GLY C 1187 29.82 -15.23 31.36
N GLU C 1188 29.78 -16.30 32.14
CA GLU C 1188 28.65 -17.21 32.05
C GLU C 1188 27.36 -16.46 32.35
N GLU C 1189 27.39 -15.60 33.36
CA GLU C 1189 26.18 -14.91 33.77
C GLU C 1189 25.77 -13.83 32.79
N ILE C 1190 26.69 -13.31 31.98
CA ILE C 1190 26.27 -12.27 31.03
C ILE C 1190 25.20 -12.80 30.10
N PHE C 1191 25.11 -14.12 29.93
CA PHE C 1191 24.06 -14.75 29.18
C PHE C 1191 23.02 -15.42 30.08
N SER C 1192 23.47 -16.09 31.13
CA SER C 1192 22.53 -16.76 32.04
C SER C 1192 21.56 -15.76 32.66
N GLU C 1193 22.06 -14.60 33.09
CA GLU C 1193 21.18 -13.56 33.61
C GLU C 1193 20.20 -13.09 32.55
N LYS C 1194 20.67 -12.92 31.32
CA LYS C 1194 19.74 -12.59 30.25
C LYS C 1194 18.68 -13.67 30.08
N LEU C 1195 19.00 -14.91 30.48
CA LEU C 1195 17.97 -15.93 30.62
C LEU C 1195 17.27 -15.86 31.97
N LYS C 1196 17.98 -15.57 33.05
CA LYS C 1196 17.31 -15.24 34.30
C LYS C 1196 16.63 -13.89 34.24
N ASN C 1197 16.91 -13.11 33.21
CA ASN C 1197 16.09 -11.98 32.81
C ASN C 1197 15.33 -12.27 31.52
N ALA C 1198 15.41 -13.50 31.03
CA ALA C 1198 14.43 -13.95 30.05
C ALA C 1198 13.15 -14.24 30.82
N GLU C 1199 12.74 -13.25 31.60
CA GLU C 1199 11.81 -13.42 32.69
C GLU C 1199 11.04 -12.11 32.81
N LYS C 1200 10.37 -11.92 33.96
CA LYS C 1200 9.55 -10.75 34.24
C LYS C 1200 8.31 -10.84 33.35
N LYS C 1201 8.31 -11.84 32.46
CA LYS C 1201 7.11 -12.49 31.96
C LYS C 1201 7.54 -13.90 31.59
N CYS C 1202 7.04 -14.88 32.34
CA CYS C 1202 7.80 -16.10 32.61
C CYS C 1202 9.23 -15.69 32.97
N LYS C 1203 9.36 -15.02 34.11
CA LYS C 1203 8.84 -15.40 35.46
C LYS C 1203 7.45 -16.05 35.80
N GLU C 1204 6.25 -15.47 35.63
CA GLU C 1204 5.86 -14.20 35.00
C GLU C 1204 6.08 -12.93 35.86
N ASN C 1205 5.64 -12.87 37.11
CA ASN C 1205 4.91 -13.91 37.84
C ASN C 1205 3.48 -13.54 38.17
N GLU C 1206 3.28 -12.40 38.85
CA GLU C 1206 2.06 -12.17 39.61
C GLU C 1206 0.92 -11.60 38.75
N SER C 1207 1.06 -10.44 38.11
CA SER C 1207 2.19 -9.49 38.12
C SER C 1207 1.99 -8.41 39.19
N THR C 1208 2.79 -7.35 39.11
CA THR C 1208 2.93 -6.34 40.16
C THR C 1208 1.62 -5.71 40.62
N ASP C 1209 0.93 -5.01 39.72
CA ASP C 1209 -0.24 -4.21 40.09
C ASP C 1209 -1.35 -5.12 40.62
N THR C 1210 -2.18 -4.59 41.53
CA THR C 1210 -2.17 -3.18 41.96
C THR C 1210 -2.24 -3.10 43.50
N ASN C 1211 -1.79 -1.98 44.07
CA ASN C 1211 -1.86 -1.72 45.49
C ASN C 1211 -3.07 -0.83 45.81
N ILE C 1212 -3.17 -0.39 47.07
CA ILE C 1212 -4.29 0.41 47.53
C ILE C 1212 -3.79 1.67 48.22
N ASN C 1213 -4.71 2.48 48.73
CA ASN C 1213 -4.42 3.68 49.50
C ASN C 1213 -4.46 3.35 50.99
N LYS C 1214 -4.18 4.35 51.81
CA LYS C 1214 -4.08 4.14 53.25
C LYS C 1214 -4.65 5.33 54.00
N SER C 1215 -4.89 5.09 55.29
CA SER C 1215 -5.22 6.13 56.26
C SER C 1215 -4.01 7.07 56.44
N GLU C 1216 -4.22 8.26 57.02
CA GLU C 1216 -5.44 8.71 57.70
C GLU C 1216 -5.96 10.05 57.18
N THR C 1217 -6.93 10.61 57.92
CA THR C 1217 -7.26 12.02 57.79
C THR C 1217 -6.35 12.82 58.71
N SER C 1218 -5.30 12.18 59.21
CA SER C 1218 -4.35 12.77 60.14
C SER C 1218 -3.54 13.88 59.48
N CYS C 1219 -2.59 14.43 60.22
CA CYS C 1219 -1.81 15.59 59.78
C CYS C 1219 -2.73 16.78 59.60
N ASP C 1220 -3.44 17.16 60.67
CA ASP C 1220 -4.25 18.37 60.70
C ASP C 1220 -3.40 19.61 60.96
N LEU C 1221 -2.09 19.50 60.78
CA LEU C 1221 -1.17 20.61 61.00
C LEU C 1221 -1.30 21.60 59.83
N ASN C 1222 -2.43 22.31 59.84
CA ASN C 1222 -2.61 23.37 58.86
C ASN C 1222 -1.55 24.46 59.03
N ALA C 1223 -1.27 24.84 60.27
CA ALA C 1223 -0.09 25.62 60.61
C ALA C 1223 0.88 24.69 61.31
N THR C 1224 1.76 24.06 60.52
CA THR C 1224 2.69 23.06 61.02
C THR C 1224 3.59 23.60 62.12
N ASN C 1225 4.50 24.51 61.76
CA ASN C 1225 5.43 25.16 62.68
C ASN C 1225 5.98 26.39 61.97
N TYR C 1226 6.78 27.19 62.66
CA TYR C 1226 7.44 28.33 62.05
C TYR C 1226 8.61 27.81 61.24
N ILE C 1227 8.37 27.50 59.97
CA ILE C 1227 9.41 26.99 59.09
C ILE C 1227 10.30 28.16 58.71
N ARG C 1228 11.59 28.05 59.01
CA ARG C 1228 12.52 29.14 58.75
C ARG C 1228 13.00 29.19 57.30
N GLY C 1229 12.68 28.18 56.50
CA GLY C 1229 13.17 28.12 55.13
C GLY C 1229 12.63 29.22 54.25
N CYS C 1230 11.33 29.16 53.94
CA CYS C 1230 10.67 30.16 53.10
C CYS C 1230 9.18 29.87 52.99
N GLN C 1231 8.40 30.90 52.66
CA GLN C 1231 6.98 30.73 52.38
C GLN C 1231 6.69 30.58 50.89
N SER C 1232 7.70 30.79 50.04
CA SER C 1232 7.49 30.78 48.59
C SER C 1232 8.76 30.29 47.92
N LYS C 1233 8.59 29.39 46.96
CA LYS C 1233 9.73 28.85 46.19
C LYS C 1233 9.92 29.75 44.99
N THR C 1234 10.82 30.72 45.12
CA THR C 1234 11.05 31.74 44.10
C THR C 1234 12.32 31.40 43.34
N TYR C 1235 12.16 30.56 42.31
CA TYR C 1235 13.24 30.30 41.38
C TYR C 1235 12.97 30.83 39.99
N ASP C 1236 11.70 31.02 39.61
CA ASP C 1236 11.35 31.75 38.39
C ASP C 1236 10.86 33.13 38.83
N GLY C 1237 11.81 33.96 39.25
CA GLY C 1237 11.50 35.30 39.70
C GLY C 1237 10.73 35.28 41.02
N LYS C 1238 10.02 36.39 41.25
CA LYS C 1238 9.22 36.55 42.45
C LYS C 1238 7.74 36.46 42.10
N ILE C 1239 6.92 36.29 43.13
CA ILE C 1239 5.48 36.21 42.95
C ILE C 1239 4.95 37.55 42.43
N PHE C 1240 3.90 37.47 41.62
CA PHE C 1240 3.19 38.69 41.21
C PHE C 1240 2.64 39.38 42.45
N PRO C 1241 2.68 40.72 42.52
CA PRO C 1241 3.12 41.70 41.52
C PRO C 1241 4.62 41.72 41.29
N GLY C 1242 5.02 42.02 40.06
CA GLY C 1242 6.41 42.14 39.71
C GLY C 1242 7.11 40.79 39.63
N LYS C 1243 8.30 40.81 39.03
CA LYS C 1243 9.16 39.66 38.91
C LYS C 1243 10.56 40.01 39.40
N GLY C 1244 11.49 39.09 39.18
CA GLY C 1244 12.85 39.25 39.66
C GLY C 1244 13.16 38.26 40.77
N GLY C 1245 14.40 37.80 40.81
CA GLY C 1245 14.77 36.78 41.77
C GLY C 1245 14.80 35.41 41.12
N GLU C 1246 15.03 35.39 39.81
CA GLU C 1246 15.09 34.14 39.09
C GLU C 1246 16.34 33.35 39.46
N LYS C 1247 16.13 32.08 39.78
CA LYS C 1247 17.23 31.14 39.89
C LYS C 1247 17.47 30.50 38.53
N GLN C 1248 18.69 30.02 38.31
CA GLN C 1248 19.10 29.57 36.99
C GLN C 1248 19.73 28.19 37.06
N TRP C 1249 19.85 27.59 35.89
CA TRP C 1249 20.53 26.30 35.72
C TRP C 1249 22.03 26.57 35.75
N ILE C 1250 22.59 26.60 36.96
CA ILE C 1250 24.03 26.79 37.07
C ILE C 1250 24.74 25.67 36.34
N CYS C 1251 25.76 26.02 35.59
CA CYS C 1251 26.33 25.12 34.59
C CYS C 1251 27.15 24.03 35.27
N LYS C 1252 27.91 23.30 34.46
CA LYS C 1252 28.77 22.24 34.98
C LYS C 1252 29.95 22.85 35.72
N ASP C 1253 30.79 22.00 36.30
CA ASP C 1253 32.03 22.42 36.95
C ASP C 1253 31.76 23.48 38.03
N THR C 1254 30.79 23.16 38.89
CA THR C 1254 30.48 23.98 40.06
C THR C 1254 31.02 23.28 41.30
N ILE C 1255 31.85 24.00 42.05
CA ILE C 1255 32.59 23.40 43.17
C ILE C 1255 31.65 22.98 44.30
N ILE C 1256 30.59 23.75 44.54
CA ILE C 1256 29.64 23.41 45.60
C ILE C 1256 28.94 22.09 45.32
N HIS C 1257 29.06 21.58 44.10
CA HIS C 1257 28.45 20.32 43.69
C HIS C 1257 29.52 19.31 43.26
N GLY C 1258 30.66 19.34 43.94
CA GLY C 1258 31.78 18.49 43.58
C GLY C 1258 32.42 18.95 42.29
N ASP C 1259 32.89 18.00 41.49
CA ASP C 1259 33.35 18.30 40.15
C ASP C 1259 32.20 18.63 39.21
N THR C 1260 30.96 18.41 39.64
CA THR C 1260 29.77 18.60 38.83
C THR C 1260 29.89 17.80 37.53
N ASN C 1261 30.35 16.56 37.67
CA ASN C 1261 30.36 15.63 36.53
C ASN C 1261 28.95 15.37 36.05
N GLY C 1262 27.97 15.40 36.95
CA GLY C 1262 26.59 15.21 36.59
C GLY C 1262 26.00 16.42 35.90
N ALA C 1263 24.70 16.34 35.65
CA ALA C 1263 24.00 17.36 34.88
C ALA C 1263 23.94 18.68 35.65
N CYS C 1264 23.49 19.73 34.98
CA CYS C 1264 23.35 21.03 35.60
C CYS C 1264 22.23 21.00 36.65
N ILE C 1265 22.11 22.09 37.39
CA ILE C 1265 21.33 22.11 38.62
C ILE C 1265 20.02 22.86 38.34
N PRO C 1266 18.86 22.20 38.47
CA PRO C 1266 17.59 22.89 38.28
C PRO C 1266 17.43 24.03 39.27
N PRO C 1267 16.87 25.17 38.84
CA PRO C 1267 16.64 26.27 39.78
C PRO C 1267 15.70 25.90 40.92
N ARG C 1268 14.68 25.10 40.64
CA ARG C 1268 13.78 24.67 41.70
C ARG C 1268 14.53 23.85 42.74
N THR C 1269 15.44 22.98 42.29
CA THR C 1269 16.29 22.26 43.23
C THR C 1269 17.31 23.17 43.88
N GLN C 1270 17.58 24.33 43.28
CA GLN C 1270 18.46 25.30 43.93
C GLN C 1270 17.77 25.92 45.14
N ASN C 1271 16.51 26.34 44.96
CA ASN C 1271 15.70 26.82 46.07
C ASN C 1271 14.76 25.73 46.59
N LEU C 1272 15.20 24.48 46.57
CA LEU C 1272 14.38 23.37 47.04
C LEU C 1272 13.95 23.63 48.47
N CYS C 1273 12.66 23.43 48.74
CA CYS C 1273 12.13 23.73 50.08
C CYS C 1273 12.57 22.62 51.03
N VAL C 1274 13.81 22.74 51.50
CA VAL C 1274 14.31 21.80 52.48
C VAL C 1274 13.55 21.93 53.79
N GLY C 1275 12.85 23.05 53.97
CA GLY C 1275 12.02 23.26 55.15
C GLY C 1275 12.84 23.31 56.43
N GLU C 1276 12.69 22.29 57.27
CA GLU C 1276 13.51 22.18 58.47
C GLU C 1276 14.22 20.83 58.54
N LEU C 1277 14.80 20.37 57.43
CA LEU C 1277 15.78 19.29 57.49
C LEU C 1277 17.18 19.87 57.37
N TRP C 1278 17.39 20.72 56.37
CA TRP C 1278 18.47 21.71 56.38
C TRP C 1278 17.82 23.08 56.32
N ASP C 1279 18.36 24.02 57.08
CA ASP C 1279 17.69 25.30 57.23
C ASP C 1279 18.75 26.33 57.62
N LYS C 1280 18.29 27.51 58.05
CA LYS C 1280 19.17 28.65 58.27
C LYS C 1280 18.73 29.33 59.56
N SER C 1281 19.22 30.56 59.76
CA SER C 1281 19.23 31.31 61.02
C SER C 1281 20.36 30.83 61.93
N TYR C 1282 21.24 29.98 61.40
CA TYR C 1282 22.47 29.56 62.05
C TYR C 1282 23.59 29.56 61.02
N GLY C 1283 23.64 30.58 60.18
CA GLY C 1283 24.50 30.56 59.01
C GLY C 1283 24.04 29.46 58.07
N GLY C 1284 24.89 28.46 57.86
CA GLY C 1284 24.43 27.23 57.26
C GLY C 1284 24.25 26.18 58.33
N ARG C 1285 23.01 25.97 58.76
CA ARG C 1285 22.75 25.14 59.94
C ARG C 1285 22.78 23.66 59.60
N SER C 1286 23.47 22.88 60.43
CA SER C 1286 23.31 21.44 60.42
C SER C 1286 21.96 21.14 61.03
N ASN C 1287 20.90 21.37 60.27
CA ASN C 1287 19.59 21.63 60.86
C ASN C 1287 19.05 20.41 61.60
N ILE C 1288 19.33 19.21 61.10
CA ILE C 1288 18.83 18.04 61.83
C ILE C 1288 19.81 17.72 62.95
N LYS C 1289 19.68 18.49 64.03
CA LYS C 1289 20.22 18.19 65.34
C LYS C 1289 19.22 18.55 66.43
N ASN C 1290 18.27 19.45 66.12
CA ASN C 1290 17.11 19.75 66.95
C ASN C 1290 15.79 19.70 66.20
N ASP C 1291 15.78 19.93 64.89
CA ASP C 1291 14.56 19.86 64.10
C ASP C 1291 14.31 18.42 63.66
N THR C 1292 13.22 18.21 62.92
CA THR C 1292 12.74 16.88 62.62
C THR C 1292 12.74 16.63 61.11
N LYS C 1293 12.17 15.48 60.73
CA LYS C 1293 12.00 15.10 59.33
C LYS C 1293 10.54 15.05 58.90
N GLU C 1294 9.60 14.87 59.82
CA GLU C 1294 8.21 14.74 59.42
C GLU C 1294 7.52 16.08 59.21
N LEU C 1295 8.11 17.18 59.69
CA LEU C 1295 7.67 18.47 59.18
C LEU C 1295 7.88 18.55 57.67
N LEU C 1296 8.94 17.92 57.17
CA LEU C 1296 9.07 17.76 55.73
C LEU C 1296 8.06 16.79 55.17
N LYS C 1297 7.54 15.87 55.98
CA LYS C 1297 6.40 15.07 55.51
C LYS C 1297 5.21 15.97 55.26
N GLU C 1298 4.85 16.82 56.24
CA GLU C 1298 3.87 17.85 55.88
C GLU C 1298 4.49 19.03 55.16
N LYS C 1299 5.78 19.30 55.13
CA LYS C 1299 6.29 20.20 54.08
C LYS C 1299 6.98 19.43 52.96
N ILE C 1300 6.46 18.25 52.63
CA ILE C 1300 6.14 17.98 51.23
C ILE C 1300 4.70 18.37 50.98
N LYS C 1301 3.81 17.99 51.90
CA LYS C 1301 2.41 18.41 51.84
C LYS C 1301 2.30 19.93 51.75
N ASN C 1302 2.77 20.64 52.77
CA ASN C 1302 2.56 22.09 52.81
C ASN C 1302 3.66 22.88 52.11
N ALA C 1303 4.86 22.34 51.96
CA ALA C 1303 5.81 22.96 51.05
C ALA C 1303 5.35 22.79 49.61
N ILE C 1304 4.36 21.94 49.40
CA ILE C 1304 3.67 21.87 48.12
C ILE C 1304 2.20 22.14 48.42
N HIS C 1305 1.97 22.96 49.44
CA HIS C 1305 0.75 23.73 49.69
C HIS C 1305 1.07 25.20 49.76
N LYS C 1306 2.24 25.57 50.26
CA LYS C 1306 2.83 26.84 49.88
C LYS C 1306 3.28 26.78 48.42
N GLU C 1307 3.26 25.59 47.81
CA GLU C 1307 3.55 25.42 46.40
C GLU C 1307 2.43 24.70 45.66
N THR C 1308 1.32 24.37 46.33
CA THR C 1308 0.08 24.22 45.59
C THR C 1308 -0.90 25.35 45.82
N GLU C 1309 -0.65 26.23 46.79
CA GLU C 1309 -1.07 27.60 46.62
C GLU C 1309 -0.09 28.35 45.72
N LEU C 1310 1.14 27.85 45.59
CA LEU C 1310 1.98 28.30 44.49
C LEU C 1310 1.93 27.39 43.28
N LEU C 1311 1.38 26.18 43.37
CA LEU C 1311 0.79 25.70 42.14
C LEU C 1311 -0.25 26.69 41.67
N TYR C 1312 -1.26 26.93 42.52
CA TYR C 1312 -2.40 27.78 42.21
C TYR C 1312 -2.02 29.22 41.86
N GLU C 1313 -0.85 29.71 42.28
CA GLU C 1313 -0.41 31.05 41.89
C GLU C 1313 0.81 30.98 40.98
N TYR C 1314 1.92 30.41 41.44
CA TYR C 1314 3.11 30.25 40.60
C TYR C 1314 2.76 29.57 39.28
N HIS C 1315 2.37 28.29 39.36
CA HIS C 1315 2.08 27.46 38.20
C HIS C 1315 0.76 27.83 37.55
N ASP C 1316 -0.20 28.33 38.33
CA ASP C 1316 -1.57 28.52 37.87
C ASP C 1316 -1.91 30.00 37.70
N THR C 1317 -0.90 30.87 37.66
CA THR C 1317 -1.05 32.24 37.20
C THR C 1317 0.11 32.68 36.32
N GLY C 1318 1.22 31.96 36.32
CA GLY C 1318 2.26 32.27 35.36
C GLY C 1318 3.51 32.96 35.90
N THR C 1319 3.94 32.60 37.11
CA THR C 1319 5.24 33.02 37.60
C THR C 1319 6.23 31.86 37.65
N ALA C 1320 5.85 30.71 37.08
CA ALA C 1320 6.75 29.61 36.81
C ALA C 1320 6.99 29.52 35.30
N ILE C 1321 7.94 28.69 34.90
CA ILE C 1321 8.21 28.53 33.48
C ILE C 1321 7.17 27.60 32.89
N ILE C 1322 6.99 26.42 33.51
CA ILE C 1322 5.95 25.49 33.10
C ILE C 1322 4.57 26.12 33.23
N SER C 1323 4.46 27.19 34.02
CA SER C 1323 3.16 27.76 34.35
C SER C 1323 2.42 28.24 33.11
N LYS C 1324 3.06 29.05 32.28
CA LYS C 1324 2.38 29.75 31.19
C LYS C 1324 2.47 28.91 29.92
N ASN C 1325 1.33 28.73 29.26
CA ASN C 1325 1.25 28.12 27.95
C ASN C 1325 1.26 29.21 26.89
N ASP C 1326 0.85 28.86 25.68
CA ASP C 1326 0.96 29.74 24.50
C ASP C 1326 0.27 31.07 24.78
N LYS C 1327 -1.06 31.13 24.84
CA LYS C 1327 -1.75 32.39 25.12
C LYS C 1327 -2.94 32.31 26.07
N LYS C 1328 -3.64 31.17 26.15
CA LYS C 1328 -4.87 31.14 26.92
C LYS C 1328 -4.57 31.16 28.42
N GLY C 1329 -3.48 30.53 28.81
CA GLY C 1329 -3.05 30.63 30.19
C GLY C 1329 -2.76 29.32 30.87
N GLN C 1330 -3.50 29.03 31.94
CA GLN C 1330 -3.17 27.94 32.84
C GLN C 1330 -4.38 27.17 33.34
N LYS C 1331 -5.60 27.66 33.13
CA LYS C 1331 -6.80 26.91 33.51
C LYS C 1331 -7.45 26.22 32.33
N GLY C 1332 -7.34 26.77 31.12
CA GLY C 1332 -7.76 26.03 29.94
C GLY C 1332 -6.98 24.75 29.78
N LYS C 1333 -5.73 24.74 30.22
CA LYS C 1333 -4.93 23.54 30.32
C LYS C 1333 -4.97 23.00 31.76
N ASN C 1334 -5.42 21.76 31.90
CA ASN C 1334 -5.62 21.19 33.22
C ASN C 1334 -5.72 19.67 33.13
N ASP C 1335 -4.89 18.97 33.87
CA ASP C 1335 -4.89 17.51 33.82
C ASP C 1335 -6.13 16.96 34.54
N PRO C 1336 -6.43 15.67 34.36
CA PRO C 1336 -7.59 15.10 35.06
C PRO C 1336 -7.55 15.28 36.57
N ASN C 1337 -6.38 15.30 37.19
CA ASN C 1337 -6.32 15.49 38.63
C ASN C 1337 -6.32 16.97 39.02
N GLY C 1338 -7.18 17.77 38.41
CA GLY C 1338 -7.51 19.09 38.92
C GLY C 1338 -6.41 20.13 38.82
N LEU C 1339 -5.18 19.69 38.67
CA LEU C 1339 -4.01 20.53 38.89
C LEU C 1339 -3.53 21.13 37.59
N PRO C 1340 -3.18 22.41 37.56
CA PRO C 1340 -2.47 22.96 36.40
C PRO C 1340 -1.14 22.25 36.24
N LYS C 1341 -0.70 22.09 34.99
CA LYS C 1341 0.47 21.28 34.73
C LYS C 1341 1.66 21.79 35.53
N GLY C 1342 2.30 20.88 36.26
CA GLY C 1342 3.41 21.22 37.13
C GLY C 1342 3.38 20.56 38.48
N PHE C 1343 2.22 20.06 38.95
CA PHE C 1343 2.23 19.23 40.14
C PHE C 1343 2.49 17.76 39.82
N CYS C 1344 1.99 17.28 38.68
CA CYS C 1344 2.46 16.01 38.15
C CYS C 1344 3.97 16.10 38.03
N HIS C 1345 4.45 17.31 37.72
CA HIS C 1345 5.87 17.60 37.83
C HIS C 1345 6.23 18.23 39.16
N ALA C 1346 5.52 17.88 40.23
CA ALA C 1346 6.03 18.13 41.58
C ALA C 1346 6.26 16.81 42.30
N VAL C 1347 5.32 15.89 42.19
CA VAL C 1347 5.56 14.53 42.66
C VAL C 1347 6.73 13.93 41.89
N GLN C 1348 6.78 14.17 40.57
CA GLN C 1348 7.93 13.74 39.78
C GLN C 1348 9.12 14.66 39.99
N ARG C 1349 8.99 15.96 39.71
CA ARG C 1349 10.17 16.80 39.87
C ARG C 1349 10.46 17.06 41.34
N SER C 1350 9.54 17.73 42.03
CA SER C 1350 9.85 18.23 43.38
C SER C 1350 10.04 17.07 44.36
N PHE C 1351 9.10 16.14 44.41
CA PHE C 1351 9.19 15.07 45.39
C PHE C 1351 10.38 14.15 45.14
N ILE C 1352 10.59 13.74 43.89
CA ILE C 1352 11.74 12.90 43.60
C ILE C 1352 13.02 13.65 43.89
N ASP C 1353 13.05 14.96 43.63
CA ASP C 1353 14.25 15.72 43.95
C ASP C 1353 14.49 15.80 45.45
N TYR C 1354 13.42 15.84 46.26
CA TYR C 1354 13.60 15.81 47.70
C TYR C 1354 14.11 14.43 48.14
N LYS C 1355 13.57 13.37 47.56
CA LYS C 1355 14.11 12.03 47.83
C LYS C 1355 15.55 11.92 47.38
N ASN C 1356 15.91 12.62 46.31
CA ASN C 1356 17.29 12.68 45.84
C ASN C 1356 18.18 13.40 46.83
N MET C 1357 17.72 14.54 47.35
CA MET C 1357 18.37 15.25 48.43
C MET C 1357 18.62 14.28 49.58
N ILE C 1358 17.66 13.41 49.83
CA ILE C 1358 17.84 12.35 50.81
C ILE C 1358 18.94 11.39 50.37
N LEU C 1359 19.06 11.11 49.07
CA LEU C 1359 20.07 10.15 48.62
C LEU C 1359 21.30 10.84 48.05
N GLY C 1360 21.13 11.74 47.06
CA GLY C 1360 22.23 12.57 46.62
C GLY C 1360 23.15 11.94 45.60
N THR C 1361 23.38 12.60 44.47
CA THR C 1361 24.41 12.18 43.53
C THR C 1361 25.69 12.99 43.77
N SER C 1362 26.64 12.87 42.86
CA SER C 1362 27.91 13.58 42.99
C SER C 1362 27.71 15.09 43.10
N VAL C 1363 26.70 15.63 42.43
CA VAL C 1363 26.45 17.08 42.44
C VAL C 1363 25.70 17.39 43.74
N ASN C 1364 26.47 17.77 44.76
CA ASN C 1364 25.89 18.04 46.08
C ASN C 1364 25.19 19.38 46.08
N ILE C 1365 23.94 19.40 46.55
CA ILE C 1365 23.04 20.52 46.30
C ILE C 1365 23.19 21.62 47.36
N TYR C 1366 24.06 22.59 47.07
CA TYR C 1366 23.89 23.98 47.48
C TYR C 1366 24.06 24.21 48.99
N GLU C 1367 24.09 23.14 49.77
CA GLU C 1367 24.44 23.27 51.19
C GLU C 1367 25.39 22.21 51.65
N HIS C 1368 26.18 21.63 50.73
CA HIS C 1368 27.04 20.49 51.03
C HIS C 1368 26.21 19.38 51.67
N ILE C 1369 25.29 18.84 50.88
CA ILE C 1369 24.43 17.73 51.31
C ILE C 1369 25.23 16.58 51.88
N GLY C 1370 26.53 16.51 51.59
CA GLY C 1370 27.37 15.51 52.22
C GLY C 1370 27.44 15.64 53.72
N LYS C 1371 27.39 16.87 54.24
CA LYS C 1371 27.34 17.04 55.69
C LYS C 1371 26.06 16.43 56.27
N LEU C 1372 24.92 16.64 55.61
CA LEU C 1372 23.69 16.03 56.06
C LEU C 1372 23.70 14.52 55.92
N GLN C 1373 24.34 13.99 54.89
CA GLN C 1373 24.39 12.54 54.72
C GLN C 1373 25.33 11.89 55.74
N GLU C 1374 26.47 12.53 56.02
CA GLU C 1374 27.32 12.07 57.11
C GLU C 1374 26.60 12.16 58.45
N ASP C 1375 25.75 13.17 58.62
CA ASP C 1375 24.86 13.22 59.77
C ASP C 1375 23.86 12.08 59.79
N ILE C 1376 23.32 11.70 58.63
CA ILE C 1376 22.42 10.56 58.52
C ILE C 1376 23.18 9.34 59.05
N LYS C 1377 24.45 9.23 58.67
CA LYS C 1377 25.31 8.19 59.21
C LYS C 1377 25.44 8.31 60.73
N LYS C 1378 25.53 9.55 61.22
CA LYS C 1378 25.70 9.77 62.66
C LYS C 1378 24.38 10.06 63.38
N ILE C 1379 23.70 11.13 62.98
CA ILE C 1379 22.56 11.68 63.73
C ILE C 1379 21.24 11.05 63.32
N ILE C 1380 21.23 10.19 62.30
CA ILE C 1380 20.00 9.51 61.92
C ILE C 1380 20.18 8.01 62.09
N GLU C 1381 21.41 7.52 61.99
CA GLU C 1381 21.72 6.16 62.39
C GLU C 1381 21.92 6.03 63.89
N LYS C 1382 21.49 7.04 64.65
CA LYS C 1382 21.57 7.02 66.11
C LYS C 1382 20.37 6.26 66.70
N GLY C 1383 20.12 5.05 66.20
CA GLY C 1383 18.97 4.30 66.65
C GLY C 1383 17.72 4.52 65.83
N THR C 1384 17.88 4.90 64.57
CA THR C 1384 16.80 4.89 63.59
C THR C 1384 17.34 4.30 62.30
N PRO C 1385 16.64 3.31 61.73
CA PRO C 1385 15.40 2.71 62.24
C PRO C 1385 15.60 1.66 63.32
N GLN C 1386 16.64 0.84 63.21
CA GLN C 1386 16.90 -0.20 64.19
C GLN C 1386 17.55 0.45 65.41
N GLN C 1387 18.06 -0.37 66.32
CA GLN C 1387 18.82 0.14 67.45
C GLN C 1387 20.21 0.52 66.97
N LYS C 1388 21.12 0.80 67.92
CA LYS C 1388 22.45 1.21 67.53
C LYS C 1388 23.23 0.10 66.83
N ASP C 1389 22.76 -1.14 66.90
CA ASP C 1389 23.35 -2.24 66.15
C ASP C 1389 22.98 -2.04 64.68
N LYS C 1390 23.87 -1.40 63.92
CA LYS C 1390 23.57 -1.02 62.56
C LYS C 1390 23.41 -2.25 61.67
N ILE C 1391 22.67 -2.07 60.58
CA ILE C 1391 22.35 -3.17 59.66
C ILE C 1391 23.00 -2.85 58.32
N GLY C 1392 23.80 -3.78 57.80
CA GLY C 1392 24.40 -3.65 56.50
C GLY C 1392 25.67 -2.83 56.44
N GLY C 1393 25.53 -1.51 56.52
CA GLY C 1393 26.67 -0.61 56.39
C GLY C 1393 26.33 0.60 55.55
N VAL C 1394 27.32 1.19 54.86
CA VAL C 1394 27.01 2.29 53.94
C VAL C 1394 26.16 1.78 52.78
N GLY C 1395 26.56 0.67 52.16
CA GLY C 1395 25.60 -0.12 51.43
C GLY C 1395 24.64 -0.65 52.47
N SER C 1396 23.34 -0.44 52.26
CA SER C 1396 22.29 -0.63 53.26
C SER C 1396 22.37 0.42 54.35
N SER C 1397 22.89 1.60 54.05
CA SER C 1397 22.59 2.79 54.83
C SER C 1397 21.51 3.53 54.06
N THR C 1398 21.82 3.88 52.82
CA THR C 1398 20.84 4.40 51.89
C THR C 1398 19.69 3.43 51.66
N GLU C 1399 19.77 2.21 52.18
CA GLU C 1399 18.62 1.32 52.22
C GLU C 1399 18.58 0.56 53.54
N ASN C 1400 18.88 1.25 54.65
CA ASN C 1400 18.26 0.89 55.91
C ASN C 1400 17.65 2.12 56.58
N VAL C 1401 18.37 3.24 56.59
CA VAL C 1401 17.75 4.47 57.04
C VAL C 1401 16.99 5.10 55.89
N ASN C 1402 17.15 4.53 54.69
CA ASN C 1402 16.28 4.78 53.55
C ASN C 1402 15.80 3.45 52.97
N ALA C 1403 15.54 2.47 53.84
CA ALA C 1403 14.65 1.36 53.54
C ALA C 1403 13.70 1.13 54.70
N TRP C 1404 13.92 1.80 55.83
CA TRP C 1404 12.84 2.30 56.67
C TRP C 1404 12.74 3.82 56.52
N TRP C 1405 13.17 4.33 55.38
CA TRP C 1405 12.63 5.58 54.86
C TRP C 1405 12.29 5.42 53.38
N LYS C 1406 12.68 4.33 52.74
CA LYS C 1406 12.07 3.89 51.51
C LYS C 1406 11.12 2.73 51.72
N GLY C 1407 11.33 1.94 52.77
CA GLY C 1407 10.32 1.01 53.23
C GLY C 1407 9.23 1.76 53.96
N ILE C 1408 9.53 2.99 54.39
CA ILE C 1408 8.43 3.88 54.72
C ILE C 1408 8.51 5.09 53.80
N GLU C 1409 9.12 4.92 52.64
CA GLU C 1409 8.65 5.58 51.43
C GLU C 1409 7.82 4.60 50.60
N ARG C 1410 7.69 3.37 51.09
CA ARG C 1410 6.45 2.66 50.96
C ARG C 1410 5.37 3.31 51.82
N GLU C 1411 5.78 4.05 52.85
CA GLU C 1411 4.88 4.81 53.70
C GLU C 1411 5.04 6.33 53.57
N MET C 1412 6.20 6.82 53.12
CA MET C 1412 6.27 8.18 52.61
C MET C 1412 5.58 8.29 51.26
N TRP C 1413 5.54 7.20 50.48
CA TRP C 1413 4.58 7.20 49.38
C TRP C 1413 3.16 7.01 49.88
N ASP C 1414 2.98 6.28 50.99
CA ASP C 1414 1.73 6.43 51.72
C ASP C 1414 1.59 7.84 52.26
N ALA C 1415 2.70 8.43 52.72
CA ALA C 1415 2.62 9.80 53.20
C ALA C 1415 2.52 10.81 52.06
N VAL C 1416 3.03 10.51 50.87
CA VAL C 1416 2.81 11.48 49.80
C VAL C 1416 1.44 11.29 49.15
N ARG C 1417 0.90 10.07 49.18
CA ARG C 1417 -0.51 9.93 48.81
C ARG C 1417 -1.41 10.57 49.86
N CYS C 1418 -0.99 10.58 51.12
CA CYS C 1418 -1.65 11.42 52.11
C CYS C 1418 -1.49 12.89 51.76
N ALA C 1419 -0.31 13.28 51.30
CA ALA C 1419 -0.07 14.65 50.86
C ALA C 1419 -1.08 15.05 49.80
N ILE C 1420 -1.23 14.22 48.77
CA ILE C 1420 -2.16 14.54 47.69
C ILE C 1420 -3.60 14.46 48.16
N THR C 1421 -3.93 13.50 49.03
CA THR C 1421 -5.33 13.43 49.45
C THR C 1421 -5.70 14.58 50.39
N LYS C 1422 -4.73 15.27 50.99
CA LYS C 1422 -5.04 16.50 51.72
C LYS C 1422 -4.81 17.75 50.86
N ILE C 1423 -4.13 17.59 49.72
CA ILE C 1423 -4.29 18.55 48.63
C ILE C 1423 -5.71 18.45 48.12
N ASN C 1424 -6.38 17.35 48.43
CA ASN C 1424 -7.79 17.17 48.16
C ASN C 1424 -8.71 17.55 49.32
N LYS C 1425 -8.28 17.34 50.56
CA LYS C 1425 -9.18 17.49 51.71
C LYS C 1425 -8.74 18.55 52.71
N LYS C 1426 -7.52 19.07 52.60
CA LYS C 1426 -7.09 20.12 53.51
C LYS C 1426 -6.96 21.47 52.82
N ASN C 1427 -6.34 21.52 51.65
CA ASN C 1427 -6.28 22.70 50.80
C ASN C 1427 -6.72 22.21 49.42
N ASN C 1428 -7.94 22.57 49.03
CA ASN C 1428 -8.76 21.77 48.12
C ASN C 1428 -8.77 22.28 46.69
N ASN C 1429 -7.62 22.72 46.17
CA ASN C 1429 -7.54 23.10 44.77
C ASN C 1429 -7.90 21.96 43.82
N SER C 1430 -7.82 20.70 44.27
CA SER C 1430 -8.22 19.55 43.47
C SER C 1430 -8.64 18.46 44.45
N ILE C 1431 -9.87 17.97 44.34
CA ILE C 1431 -10.46 17.10 45.36
C ILE C 1431 -10.69 15.72 44.74
N PHE C 1432 -9.98 14.72 45.25
CA PHE C 1432 -10.22 13.32 44.92
C PHE C 1432 -9.52 12.47 45.98
N ASN C 1433 -9.40 11.17 45.72
CA ASN C 1433 -8.73 10.28 46.66
C ASN C 1433 -7.22 10.54 46.65
N GLY C 1434 -6.47 9.68 47.33
CA GLY C 1434 -5.03 9.85 47.32
C GLY C 1434 -4.39 9.26 46.08
N ASP C 1435 -4.03 10.13 45.13
CA ASP C 1435 -3.35 9.69 43.91
C ASP C 1435 -2.60 10.90 43.37
N GLU C 1436 -1.28 10.94 43.60
CA GLU C 1436 -0.48 12.07 43.17
C GLU C 1436 -0.16 11.98 41.68
N CYS C 1437 0.50 10.90 41.26
CA CYS C 1437 0.71 10.57 39.86
C CYS C 1437 0.48 9.09 39.64
N GLY C 1438 -0.52 8.56 40.33
CA GLY C 1438 -0.65 7.13 40.52
C GLY C 1438 -0.16 6.82 41.93
N VAL C 1439 -0.78 5.81 42.55
CA VAL C 1439 -0.49 5.51 43.95
C VAL C 1439 0.87 4.87 44.13
N SER C 1440 1.65 4.69 43.06
CA SER C 1440 2.93 4.03 43.15
C SER C 1440 4.08 5.01 42.93
N PRO C 1441 5.22 4.78 43.57
CA PRO C 1441 6.41 5.59 43.31
C PRO C 1441 6.89 5.40 41.88
N PRO C 1442 7.55 6.41 41.31
CA PRO C 1442 7.85 6.36 39.87
C PRO C 1442 8.92 5.34 39.54
N THR C 1443 9.13 5.17 38.24
CA THR C 1443 10.03 4.14 37.75
C THR C 1443 11.47 4.44 38.15
N GLY C 1444 12.26 3.38 38.28
CA GLY C 1444 13.67 3.52 38.55
C GLY C 1444 14.45 3.89 37.31
N ASN C 1445 15.73 4.17 37.53
CA ASN C 1445 16.71 4.56 36.51
C ASN C 1445 16.42 5.95 35.93
N ASP C 1446 15.31 6.58 36.32
CA ASP C 1446 15.06 7.97 35.99
C ASP C 1446 15.12 8.89 37.19
N GLU C 1447 14.89 8.35 38.39
CA GLU C 1447 15.04 9.16 39.60
C GLU C 1447 16.48 9.59 39.82
N ASP C 1448 17.42 8.99 39.09
CA ASP C 1448 18.78 9.53 39.04
C ASP C 1448 18.73 11.01 38.74
N GLN C 1449 19.37 11.80 39.60
CA GLN C 1449 19.38 13.25 39.37
C GLN C 1449 19.90 13.61 38.00
N SER C 1450 20.90 12.88 37.49
CA SER C 1450 21.44 13.19 36.18
C SER C 1450 20.44 12.94 35.07
N VAL C 1451 19.34 12.25 35.35
CA VAL C 1451 18.31 11.98 34.36
C VAL C 1451 17.06 12.82 34.60
N SER C 1452 16.55 12.81 35.82
CA SER C 1452 15.33 13.57 36.11
C SER C 1452 15.57 15.06 35.90
N TRP C 1453 16.74 15.56 36.30
CA TRP C 1453 17.06 16.95 36.07
C TRP C 1453 17.21 17.23 34.59
N PHE C 1454 17.77 16.29 33.83
CA PHE C 1454 17.84 16.45 32.38
C PHE C 1454 16.44 16.58 31.78
N LYS C 1455 15.50 15.75 32.23
CA LYS C 1455 14.14 15.84 31.75
C LYS C 1455 13.50 17.18 32.11
N GLU C 1456 13.73 17.64 33.34
CA GLU C 1456 13.23 18.94 33.76
C GLU C 1456 13.79 20.05 32.87
N TRP C 1457 15.10 19.99 32.62
CA TRP C 1457 15.73 20.98 31.76
C TRP C 1457 15.11 20.97 30.38
N GLY C 1458 14.87 19.78 29.83
CA GLY C 1458 14.28 19.71 28.50
C GLY C 1458 12.89 20.31 28.45
N GLU C 1459 12.05 19.96 29.43
CA GLU C 1459 10.70 20.50 29.43
C GLU C 1459 10.72 22.02 29.56
N GLN C 1460 11.54 22.53 30.48
CA GLN C 1460 11.62 23.98 30.65
C GLN C 1460 12.10 24.66 29.37
N PHE C 1461 13.14 24.10 28.75
CA PHE C 1461 13.68 24.66 27.52
C PHE C 1461 12.63 24.70 26.43
N CYS C 1462 11.89 23.61 26.26
CA CYS C 1462 10.92 23.58 25.17
C CYS C 1462 9.76 24.52 25.42
N ILE C 1463 9.30 24.61 26.68
CA ILE C 1463 8.22 25.56 26.98
C ILE C 1463 8.65 26.98 26.66
N GLU C 1464 9.83 27.38 27.14
CA GLU C 1464 10.22 28.76 26.88
C GLU C 1464 10.66 28.99 25.44
N ARG C 1465 11.06 27.93 24.72
CA ARG C 1465 11.28 28.08 23.29
C ARG C 1465 9.97 28.34 22.56
N LEU C 1466 8.91 27.63 22.92
CA LEU C 1466 7.60 27.96 22.37
C LEU C 1466 7.18 29.37 22.75
N ARG C 1467 7.57 29.81 23.95
CA ARG C 1467 7.28 31.18 24.36
C ARG C 1467 7.94 32.19 23.44
N TYR C 1468 9.25 32.01 23.19
CA TYR C 1468 9.94 32.91 22.28
C TYR C 1468 9.40 32.78 20.86
N GLU C 1469 8.95 31.60 20.48
CA GLU C 1469 8.31 31.43 19.18
C GLU C 1469 7.05 32.26 19.08
N GLN C 1470 6.25 32.28 20.13
CA GLN C 1470 5.06 33.11 20.13
C GLN C 1470 5.42 34.60 20.09
N ASN C 1471 6.47 34.98 20.80
CA ASN C 1471 6.87 36.38 20.79
C ASN C 1471 7.35 36.81 19.41
N ILE C 1472 8.09 35.95 18.71
CA ILE C 1472 8.53 36.31 17.38
C ILE C 1472 7.40 36.19 16.36
N ARG C 1473 6.39 35.37 16.63
CA ARG C 1473 5.12 35.51 15.92
C ARG C 1473 4.59 36.92 16.06
N GLU C 1474 4.49 37.39 17.30
CA GLU C 1474 3.99 38.73 17.58
C GLU C 1474 4.90 39.82 17.04
N ALA C 1475 6.13 39.48 16.64
CA ALA C 1475 7.02 40.44 16.02
C ALA C 1475 7.33 40.16 14.56
N CYS C 1476 6.98 38.99 14.02
CA CYS C 1476 7.21 38.72 12.61
C CYS C 1476 6.01 38.11 11.91
N THR C 1477 5.12 37.43 12.64
CA THR C 1477 3.82 37.11 12.08
C THR C 1477 2.87 38.29 12.26
N ILE C 1478 2.58 38.62 13.51
CA ILE C 1478 2.05 39.94 13.86
C ILE C 1478 3.23 40.89 13.91
N ASN C 1479 3.01 42.15 13.54
CA ASN C 1479 4.03 43.18 13.43
C ASN C 1479 5.04 42.85 12.34
N GLY C 1480 4.86 41.75 11.61
CA GLY C 1480 5.78 41.32 10.59
C GLY C 1480 5.06 41.01 9.29
N LYS C 1481 5.85 40.66 8.28
CA LYS C 1481 5.39 40.60 6.91
C LYS C 1481 5.83 39.27 6.32
N ASN C 1482 5.67 39.12 5.00
CA ASN C 1482 5.94 37.84 4.34
C ASN C 1482 7.40 37.43 4.49
N GLU C 1483 8.32 38.38 4.33
CA GLU C 1483 9.73 38.13 4.60
C GLU C 1483 10.10 38.41 6.04
N LYS C 1484 9.12 38.48 6.95
CA LYS C 1484 9.36 38.61 8.38
C LYS C 1484 10.19 39.84 8.70
N LYS C 1485 10.25 40.78 7.75
CA LYS C 1485 10.97 42.02 7.96
C LYS C 1485 10.18 42.94 8.87
N CYS C 1486 10.67 44.16 9.03
CA CYS C 1486 10.02 45.10 9.94
C CYS C 1486 9.96 46.46 9.27
N ILE C 1487 9.63 47.47 10.06
CA ILE C 1487 9.40 48.82 9.57
C ILE C 1487 10.59 49.30 8.76
N ASN C 1488 10.38 49.56 7.48
CA ASN C 1488 11.40 50.09 6.57
C ASN C 1488 12.66 49.22 6.55
N SER C 1489 12.47 47.92 6.67
CA SER C 1489 13.59 47.01 6.44
C SER C 1489 13.97 47.03 4.97
N LYS C 1490 15.21 47.39 4.69
CA LYS C 1490 15.63 47.58 3.30
C LYS C 1490 17.15 47.47 3.23
N SER C 1491 17.65 47.46 1.99
CA SER C 1491 19.08 47.30 1.72
C SER C 1491 19.68 48.66 1.40
N GLY C 1492 20.58 49.15 2.26
CA GLY C 1492 20.93 48.47 3.51
C GLY C 1492 21.81 47.23 3.38
N GLN C 1493 21.78 46.42 4.43
CA GLN C 1493 22.50 45.13 4.45
C GLN C 1493 21.52 44.02 4.05
N GLY C 1494 21.08 44.10 2.81
CA GLY C 1494 19.99 43.23 2.40
C GLY C 1494 18.69 43.66 3.08
N ASP C 1495 17.73 42.76 3.08
CA ASP C 1495 16.45 43.03 3.75
C ASP C 1495 16.49 42.60 5.21
N LYS C 1496 17.49 43.08 5.94
CA LYS C 1496 17.64 42.72 7.34
C LYS C 1496 16.67 43.52 8.20
N ILE C 1497 16.48 43.02 9.43
CA ILE C 1497 15.51 43.62 10.35
C ILE C 1497 16.04 44.97 10.83
N GLN C 1498 15.15 45.98 10.86
CA GLN C 1498 15.50 47.29 11.38
C GLN C 1498 15.45 47.37 12.89
N GLY C 1499 15.03 46.32 13.57
CA GLY C 1499 15.05 46.30 15.02
C GLY C 1499 13.82 45.72 15.68
N ALA C 1500 12.64 45.89 15.07
CA ALA C 1500 11.42 45.43 15.72
C ALA C 1500 11.46 43.94 16.00
N CYS C 1501 11.95 43.16 15.05
CA CYS C 1501 12.23 41.75 15.33
C CYS C 1501 13.51 41.58 16.14
N LYS C 1502 14.53 42.40 15.87
CA LYS C 1502 15.85 42.20 16.47
C LYS C 1502 15.76 42.00 17.98
N ARG C 1503 15.26 43.01 18.71
CA ARG C 1503 15.20 42.87 20.15
C ARG C 1503 14.12 41.90 20.60
N LYS C 1504 13.31 41.38 19.68
CA LYS C 1504 12.41 40.29 20.00
C LYS C 1504 12.99 38.92 19.63
N CYS C 1505 14.05 38.89 18.81
CA CYS C 1505 14.65 37.63 18.42
C CYS C 1505 16.12 37.51 18.79
N GLU C 1506 16.86 38.62 18.88
CA GLU C 1506 18.21 38.54 19.40
C GLU C 1506 18.23 38.00 20.83
N LYS C 1507 17.17 38.28 21.59
CA LYS C 1507 17.02 37.64 22.89
C LYS C 1507 16.93 36.13 22.72
N TYR C 1508 16.22 35.66 21.69
CA TYR C 1508 16.17 34.23 21.43
C TYR C 1508 17.55 33.70 21.09
N LYS C 1509 18.33 34.46 20.32
CA LYS C 1509 19.67 33.99 19.98
C LYS C 1509 20.55 33.87 21.22
N LYS C 1510 20.50 34.86 22.11
CA LYS C 1510 21.26 34.79 23.36
C LYS C 1510 20.80 33.60 24.19
N TYR C 1511 19.49 33.41 24.28
CA TYR C 1511 18.94 32.32 25.06
C TYR C 1511 19.38 30.97 24.53
N ILE C 1512 19.37 30.80 23.21
CA ILE C 1512 19.86 29.56 22.63
C ILE C 1512 21.35 29.40 22.88
N SER C 1513 22.10 30.50 22.86
CA SER C 1513 23.53 30.39 23.17
C SER C 1513 23.75 29.81 24.56
N GLU C 1514 23.09 30.39 25.56
CA GLU C 1514 23.32 29.93 26.93
C GLU C 1514 22.74 28.53 27.15
N LYS C 1515 21.56 28.26 26.61
CA LYS C 1515 20.98 26.94 26.79
C LYS C 1515 21.78 25.88 26.04
N LYS C 1516 22.42 26.24 24.92
CA LYS C 1516 23.34 25.32 24.28
C LYS C 1516 24.55 25.06 25.16
N GLN C 1517 25.09 26.11 25.77
CA GLN C 1517 26.21 25.91 26.67
C GLN C 1517 25.83 24.97 27.82
N GLU C 1518 24.55 24.97 28.18
CA GLU C 1518 24.11 24.03 29.22
C GLU C 1518 23.86 22.63 28.66
N TRP C 1519 23.26 22.53 27.49
CA TRP C 1519 22.82 21.24 26.94
C TRP C 1519 23.94 20.42 26.33
N ASP C 1520 24.95 21.07 25.74
CA ASP C 1520 26.03 20.35 25.09
C ASP C 1520 26.63 19.29 25.99
N LYS C 1521 26.83 19.61 27.26
CA LYS C 1521 27.51 18.72 28.19
C LYS C 1521 26.57 18.14 29.23
N GLN C 1522 25.28 18.51 29.20
CA GLN C 1522 24.27 17.66 29.80
C GLN C 1522 24.06 16.41 28.96
N LYS C 1523 23.96 16.59 27.65
CA LYS C 1523 23.72 15.47 26.75
C LYS C 1523 24.87 14.48 26.78
N THR C 1524 26.10 14.97 26.78
CA THR C 1524 27.24 14.06 26.77
C THR C 1524 27.22 13.15 27.99
N LYS C 1525 26.96 13.73 29.16
CA LYS C 1525 26.87 12.92 30.36
C LYS C 1525 25.72 11.93 30.28
N TYR C 1526 24.56 12.38 29.78
CA TYR C 1526 23.43 11.45 29.68
C TYR C 1526 23.74 10.29 28.76
N GLU C 1527 24.33 10.56 27.59
CA GLU C 1527 24.68 9.48 26.67
C GLU C 1527 25.67 8.52 27.31
N ASN C 1528 26.78 9.05 27.83
CA ASN C 1528 27.82 8.17 28.34
C ASN C 1528 27.35 7.42 29.58
N LYS C 1529 26.33 7.92 30.26
CA LYS C 1529 25.77 7.17 31.39
C LYS C 1529 24.75 6.13 30.92
N TYR C 1530 24.06 6.39 29.83
CA TYR C 1530 23.04 5.50 29.29
C TYR C 1530 23.31 5.10 27.86
N VAL C 1531 24.53 4.64 27.56
CA VAL C 1531 25.01 4.43 26.20
C VAL C 1531 23.97 3.66 25.38
N GLY C 1532 23.63 4.19 24.21
CA GLY C 1532 22.64 3.59 23.36
C GLY C 1532 21.34 4.35 23.26
N LYS C 1533 21.13 5.38 24.09
CA LYS C 1533 19.92 6.19 24.04
C LYS C 1533 20.32 7.63 23.77
N SER C 1534 19.50 8.34 23.01
CA SER C 1534 19.81 9.72 22.68
C SER C 1534 19.02 10.68 23.56
N ALA C 1535 19.58 11.88 23.74
CA ALA C 1535 18.92 12.88 24.57
C ALA C 1535 17.59 13.31 23.98
N SER C 1536 17.55 13.51 22.66
CA SER C 1536 16.29 13.84 22.01
C SER C 1536 15.28 12.72 22.21
N ASP C 1537 15.73 11.46 22.11
CA ASP C 1537 14.85 10.35 22.41
C ASP C 1537 14.30 10.46 23.82
N LEU C 1538 15.16 10.75 24.79
CA LEU C 1538 14.69 10.87 26.16
C LEU C 1538 13.64 11.95 26.31
N LEU C 1539 13.85 13.09 25.68
CA LEU C 1539 13.01 14.27 25.93
C LEU C 1539 11.70 14.25 25.17
N LYS C 1540 11.73 13.93 23.86
CA LYS C 1540 10.65 14.34 22.98
C LYS C 1540 9.31 13.71 23.35
N GLU C 1541 9.28 12.42 23.69
CA GLU C 1541 7.99 11.82 24.00
C GLU C 1541 7.59 11.97 25.45
N ASN C 1542 8.50 12.39 26.32
CA ASN C 1542 8.14 12.65 27.71
C ASN C 1542 7.43 13.97 27.89
N TYR C 1543 7.48 14.85 26.90
CA TYR C 1543 6.83 16.15 26.94
C TYR C 1543 6.28 16.47 25.56
N PRO C 1544 4.96 16.43 25.37
CA PRO C 1544 4.40 16.64 24.04
C PRO C 1544 4.70 18.01 23.45
N GLU C 1545 5.24 18.94 24.23
CA GLU C 1545 5.61 20.24 23.70
C GLU C 1545 6.99 20.27 23.07
N CYS C 1546 7.72 19.15 23.09
CA CYS C 1546 9.01 19.09 22.44
C CYS C 1546 8.93 18.59 21.01
N ILE C 1547 7.74 18.19 20.54
CA ILE C 1547 7.62 17.50 19.26
C ILE C 1547 8.12 18.37 18.12
N SER C 1548 8.09 19.68 18.29
CA SER C 1548 8.58 20.59 17.26
C SER C 1548 10.02 21.03 17.50
N ALA C 1549 10.74 20.37 18.40
CA ALA C 1549 12.10 20.76 18.73
C ALA C 1549 13.09 19.75 18.14
N ASN C 1550 14.12 20.27 17.48
CA ASN C 1550 15.19 19.46 16.91
C ASN C 1550 16.50 19.85 17.57
N PHE C 1551 16.82 19.17 18.67
CA PHE C 1551 17.99 19.53 19.44
C PHE C 1551 19.27 19.37 18.64
N ASP C 1552 19.25 18.52 17.61
CA ASP C 1552 20.37 18.46 16.70
C ASP C 1552 20.49 19.77 15.92
N PHE C 1553 19.39 20.24 15.35
CA PHE C 1553 19.46 21.42 14.50
C PHE C 1553 19.72 22.68 15.30
N ILE C 1554 18.96 22.87 16.38
CA ILE C 1554 19.10 24.11 17.13
C ILE C 1554 20.41 24.18 17.89
N PHE C 1555 21.08 23.04 18.08
CA PHE C 1555 22.36 23.01 18.79
C PHE C 1555 23.46 22.43 17.92
N ASN C 1556 23.48 22.74 16.63
CA ASN C 1556 24.54 22.25 15.77
C ASN C 1556 25.88 22.81 16.22
N ASP C 1557 26.88 21.93 16.27
CA ASP C 1557 28.26 22.33 16.57
C ASP C 1557 28.97 22.57 15.26
N ASN C 1558 28.62 23.68 14.62
CA ASN C 1558 29.12 23.96 13.28
C ASN C 1558 29.14 25.45 13.05
N ILE C 1559 30.34 25.99 12.77
CA ILE C 1559 30.48 27.43 12.59
C ILE C 1559 29.70 27.91 11.38
N GLU C 1560 29.66 27.09 10.32
CA GLU C 1560 28.85 27.46 9.17
C GLU C 1560 27.38 27.52 9.56
N TYR C 1561 26.93 26.61 10.44
CA TYR C 1561 25.56 26.67 10.91
C TYR C 1561 25.32 27.95 11.69
N LYS C 1562 26.27 28.32 12.55
CA LYS C 1562 26.12 29.53 13.33
C LYS C 1562 26.00 30.75 12.42
N THR C 1563 26.84 30.82 11.39
CA THR C 1563 26.82 31.98 10.51
C THR C 1563 25.55 32.02 9.65
N TYR C 1564 25.20 30.90 9.02
CA TYR C 1564 24.10 30.86 8.07
C TYR C 1564 22.74 30.81 8.73
N TYR C 1565 22.66 30.44 10.01
CA TYR C 1565 21.41 30.43 10.75
C TYR C 1565 21.64 31.21 12.04
N PRO C 1566 21.73 32.53 11.95
CA PRO C 1566 21.99 33.32 13.16
C PRO C 1566 20.93 33.13 14.22
N TYR C 1567 19.69 32.89 13.83
CA TYR C 1567 18.58 32.76 14.77
C TYR C 1567 18.09 31.31 14.85
N GLY C 1568 19.00 30.37 14.72
CA GLY C 1568 18.67 28.96 14.90
C GLY C 1568 17.59 28.52 13.93
N ASP C 1569 16.75 27.59 14.40
CA ASP C 1569 15.68 27.07 13.55
C ASP C 1569 14.66 28.15 13.20
N TYR C 1570 14.67 29.27 13.89
CA TYR C 1570 13.80 30.38 13.54
C TYR C 1570 14.46 31.38 12.61
N SER C 1571 15.59 31.02 12.00
CA SER C 1571 16.25 31.94 11.08
C SER C 1571 15.34 32.27 9.90
N SER C 1572 14.67 31.27 9.34
CA SER C 1572 13.80 31.51 8.21
C SER C 1572 12.53 32.27 8.57
N ILE C 1573 12.22 32.43 9.86
CA ILE C 1573 11.02 33.14 10.25
C ILE C 1573 11.45 34.39 11.00
N CYS C 1574 12.75 34.65 11.00
CA CYS C 1574 13.28 35.86 11.60
C CYS C 1574 13.90 36.78 10.56
N SER C 1575 14.86 36.29 9.80
CA SER C 1575 15.54 37.10 8.78
C SER C 1575 15.36 36.39 7.46
N CYS C 1576 14.59 36.97 6.56
CA CYS C 1576 14.30 36.37 5.27
C CYS C 1576 14.88 37.23 4.17
N GLU C 1577 15.70 36.62 3.32
CA GLU C 1577 16.21 37.27 2.12
C GLU C 1577 15.66 36.62 0.85
N GLN C 1578 14.38 36.21 0.87
CA GLN C 1578 13.72 35.65 -0.30
C GLN C 1578 14.43 34.42 -0.82
N VAL C 1579 14.39 33.33 -0.06
CA VAL C 1579 14.96 32.05 -0.47
C VAL C 1579 14.57 31.77 -1.90
N LYS C 1580 15.55 31.38 -2.71
CA LYS C 1580 15.37 31.35 -4.16
C LYS C 1580 16.45 30.43 -4.74
N TYR C 1581 16.03 29.38 -5.42
CA TYR C 1581 17.01 28.53 -6.08
C TYR C 1581 17.52 29.19 -7.35
N TYR C 1582 18.83 29.31 -7.44
CA TYR C 1582 19.47 29.95 -8.58
C TYR C 1582 20.08 28.89 -9.48
N LYS C 1583 19.82 29.01 -10.78
CA LYS C 1583 20.16 27.96 -11.73
C LYS C 1583 21.66 27.97 -11.99
N TYR C 1584 22.08 27.19 -12.99
CA TYR C 1584 23.47 26.79 -13.13
C TYR C 1584 24.45 27.96 -13.28
N ASN C 1585 23.97 29.13 -13.68
CA ASN C 1585 24.86 30.21 -14.11
C ASN C 1585 24.57 31.47 -13.31
N ASN C 1586 25.09 32.60 -13.80
CA ASN C 1586 24.66 33.97 -13.51
C ASN C 1586 24.59 34.24 -11.99
N ALA C 1587 25.78 34.26 -11.39
CA ALA C 1587 25.96 34.57 -9.97
C ALA C 1587 25.26 33.54 -9.09
N GLU C 1588 25.79 32.32 -9.16
CA GLU C 1588 25.19 31.20 -8.46
C GLU C 1588 25.27 31.39 -6.95
N LYS C 1589 24.11 31.37 -6.29
CA LYS C 1589 24.03 31.42 -4.84
C LYS C 1589 23.80 29.99 -4.38
N LYS C 1590 24.89 29.24 -4.29
CA LYS C 1590 24.88 27.83 -3.94
C LYS C 1590 25.54 27.56 -2.59
N ASN C 1591 26.80 27.96 -2.44
CA ASN C 1591 27.48 27.85 -1.15
C ASN C 1591 27.08 28.95 -0.19
N ASN C 1592 26.50 30.04 -0.70
CA ASN C 1592 26.19 31.19 0.13
C ASN C 1592 25.01 30.95 1.07
N LYS C 1593 24.43 29.76 1.07
CA LYS C 1593 23.41 29.37 2.04
C LYS C 1593 24.00 28.34 2.98
N SER C 1594 23.18 27.94 3.97
CA SER C 1594 23.64 26.95 4.93
C SER C 1594 24.01 25.66 4.21
N LEU C 1595 24.97 24.95 4.76
CA LEU C 1595 25.70 23.99 3.96
C LEU C 1595 25.46 22.57 4.48
N CYS C 1596 26.23 21.65 3.93
CA CYS C 1596 26.07 20.23 4.14
C CYS C 1596 27.41 19.62 4.49
N TYR C 1597 27.39 18.56 5.28
CA TYR C 1597 28.62 17.88 5.61
C TYR C 1597 29.18 17.19 4.37
N GLU C 1598 30.45 16.83 4.44
CA GLU C 1598 30.97 15.85 3.50
C GLU C 1598 30.37 14.50 3.86
N LYS C 1599 30.00 13.72 2.86
CA LYS C 1599 29.36 12.46 3.13
C LYS C 1599 30.33 11.51 3.82
N ASP C 1600 29.89 10.93 4.93
CA ASP C 1600 30.71 9.98 5.67
C ASP C 1600 30.60 8.61 5.01
N ASN C 1601 31.75 7.97 4.81
CA ASN C 1601 31.80 6.72 4.05
C ASN C 1601 31.51 5.50 4.90
N ASP C 1602 31.80 5.54 6.19
CA ASP C 1602 31.86 4.34 7.01
C ASP C 1602 30.61 4.07 7.83
N MET C 1603 29.52 4.80 7.62
CA MET C 1603 28.36 4.61 8.47
C MET C 1603 27.78 3.21 8.30
N THR C 1604 27.10 2.75 9.33
CA THR C 1604 26.53 1.43 9.38
C THR C 1604 25.04 1.49 9.12
N TRP C 1605 24.53 0.50 8.40
CA TRP C 1605 23.09 0.39 8.24
C TRP C 1605 22.42 0.31 9.59
N SER C 1606 21.40 1.12 9.79
CA SER C 1606 20.77 1.23 11.09
C SER C 1606 19.27 1.04 10.94
N LYS C 1607 18.65 0.52 12.00
CA LYS C 1607 17.22 0.32 12.03
C LYS C 1607 16.52 1.28 12.97
N LYS C 1608 17.23 2.26 13.49
CA LYS C 1608 16.59 3.30 14.27
C LYS C 1608 15.80 4.22 13.37
N TYR C 1609 14.79 4.86 13.96
CA TYR C 1609 13.97 5.88 13.29
C TYR C 1609 13.12 5.31 12.18
N ILE C 1610 12.98 3.98 12.09
CA ILE C 1610 11.98 3.43 11.19
C ILE C 1610 10.60 3.81 11.67
N LYS C 1611 9.74 4.23 10.75
CA LYS C 1611 8.42 4.68 11.12
C LYS C 1611 7.64 3.55 11.77
N LYS C 1612 6.60 3.92 12.50
CA LYS C 1612 5.71 2.97 13.14
C LYS C 1612 4.35 3.12 12.50
N LEU C 1613 3.86 2.04 11.91
CA LEU C 1613 2.60 2.10 11.18
C LEU C 1613 1.44 2.42 12.12
N GLU C 1614 0.45 3.13 11.58
CA GLU C 1614 -0.77 3.36 12.34
C GLU C 1614 -1.54 2.06 12.56
N ASN C 1615 -1.08 0.98 11.95
CA ASN C 1615 -1.48 -0.36 12.34
C ASN C 1615 -1.05 -0.62 13.78
N GLY C 1616 -0.10 0.17 14.26
CA GLY C 1616 0.51 -0.06 15.55
C GLY C 1616 1.71 -0.96 15.43
N ARG C 1617 1.80 -1.64 14.28
CA ARG C 1617 2.90 -2.53 13.98
C ARG C 1617 4.20 -1.75 13.81
N SER C 1618 5.27 -2.49 13.55
CA SER C 1618 6.55 -1.92 13.16
C SER C 1618 7.07 -2.67 11.94
N LEU C 1619 7.90 -2.00 11.15
CA LEU C 1619 8.44 -2.63 9.94
C LEU C 1619 9.27 -3.85 10.30
N GLU C 1620 10.12 -3.72 11.31
CA GLU C 1620 10.78 -4.87 11.91
C GLU C 1620 11.57 -5.67 10.89
N GLY C 1621 12.63 -5.08 10.35
CA GLY C 1621 13.50 -5.78 9.43
C GLY C 1621 14.08 -4.91 8.34
N VAL C 1622 13.57 -3.74 8.10
CA VAL C 1622 14.14 -2.85 7.10
C VAL C 1622 15.26 -2.06 7.76
N TYR C 1623 16.28 -1.73 6.97
CA TYR C 1623 17.47 -1.08 7.48
C TYR C 1623 17.77 0.13 6.62
N VAL C 1624 17.93 1.28 7.27
CA VAL C 1624 18.15 2.53 6.54
C VAL C 1624 19.56 2.53 5.97
N PRO C 1625 19.74 2.77 4.68
CA PRO C 1625 21.09 2.84 4.13
C PRO C 1625 21.85 3.97 4.75
N PRO C 1626 23.17 3.86 4.87
CA PRO C 1626 23.96 5.00 5.30
C PRO C 1626 23.81 6.17 4.37
N ARG C 1627 23.69 5.93 3.07
CA ARG C 1627 23.49 7.02 2.13
C ARG C 1627 22.24 7.80 2.43
N ARG C 1628 21.24 7.17 3.05
CA ARG C 1628 19.98 7.85 3.30
C ARG C 1628 19.91 8.43 4.70
N GLN C 1629 20.45 7.74 5.70
CA GLN C 1629 20.35 8.30 7.03
C GLN C 1629 21.21 9.53 7.21
N GLN C 1630 22.14 9.78 6.29
CA GLN C 1630 22.82 11.07 6.21
C GLN C 1630 22.39 11.85 4.98
N LEU C 1631 21.20 11.60 4.46
CA LEU C 1631 20.66 12.43 3.40
C LEU C 1631 20.55 13.85 3.92
N CYS C 1632 21.00 14.82 3.14
CA CYS C 1632 21.09 16.19 3.65
C CYS C 1632 19.81 16.94 3.30
N LEU C 1633 19.03 17.25 4.33
CA LEU C 1633 17.83 18.05 4.20
C LEU C 1633 17.73 19.13 5.27
N TYR C 1634 18.86 19.71 5.67
CA TYR C 1634 18.84 20.76 6.69
C TYR C 1634 18.09 21.99 6.22
N GLU C 1635 18.43 22.50 5.04
CA GLU C 1635 17.73 23.66 4.48
C GLU C 1635 16.23 23.56 4.64
N LEU C 1636 15.68 22.36 4.50
CA LEU C 1636 14.23 22.23 4.43
C LEU C 1636 13.58 22.56 5.78
N PHE C 1637 14.26 22.27 6.88
CA PHE C 1637 13.64 22.43 8.19
C PHE C 1637 13.29 23.88 8.55
N PRO C 1638 14.17 24.87 8.43
CA PRO C 1638 13.75 26.24 8.77
C PRO C 1638 12.60 26.71 7.91
N ILE C 1639 12.58 26.31 6.65
CA ILE C 1639 11.48 26.68 5.77
C ILE C 1639 10.19 26.05 6.26
N ILE C 1640 10.24 24.78 6.66
CA ILE C 1640 9.06 24.14 7.23
C ILE C 1640 8.57 24.87 8.47
N ILE C 1641 9.49 25.28 9.35
CA ILE C 1641 9.08 26.02 10.53
C ILE C 1641 8.43 27.34 10.13
N LYS C 1642 9.02 28.04 9.17
CA LYS C 1642 8.45 29.30 8.69
C LYS C 1642 7.02 29.12 8.20
N ASN C 1643 6.81 28.16 7.30
CA ASN C 1643 5.59 28.12 6.52
C ASN C 1643 4.43 27.47 7.25
N GLU C 1644 4.48 27.39 8.58
CA GLU C 1644 3.27 27.10 9.34
C GLU C 1644 2.17 28.09 9.02
N GLU C 1645 2.52 29.31 8.65
CA GLU C 1645 1.59 30.40 8.42
C GLU C 1645 1.54 30.77 6.95
N GLY C 1646 0.46 31.46 6.58
CA GLY C 1646 0.33 32.03 5.25
C GLY C 1646 0.51 31.02 4.13
N MET C 1647 -0.43 30.08 4.03
CA MET C 1647 -0.27 29.00 3.07
C MET C 1647 -0.35 29.52 1.64
N GLU C 1648 -0.05 28.62 0.70
CA GLU C 1648 0.03 28.88 -0.73
C GLU C 1648 1.25 29.72 -1.08
N LYS C 1649 1.94 30.23 -0.06
CA LYS C 1649 3.33 30.65 -0.19
C LYS C 1649 4.27 29.57 0.30
N ALA C 1650 3.77 28.69 1.17
CA ALA C 1650 4.54 27.56 1.64
C ALA C 1650 5.04 26.74 0.47
N LYS C 1651 4.18 26.44 -0.51
CA LYS C 1651 4.60 25.64 -1.63
C LYS C 1651 5.61 26.38 -2.50
N GLU C 1652 5.42 27.70 -2.66
CA GLU C 1652 6.36 28.48 -3.43
C GLU C 1652 7.76 28.39 -2.84
N GLU C 1653 7.88 28.59 -1.53
CA GLU C 1653 9.21 28.50 -0.92
C GLU C 1653 9.69 27.05 -0.85
N LEU C 1654 8.76 26.11 -0.72
CA LEU C 1654 9.13 24.71 -0.61
C LEU C 1654 9.79 24.22 -1.87
N LEU C 1655 9.25 24.59 -3.03
CA LEU C 1655 9.87 24.15 -4.28
C LEU C 1655 11.29 24.69 -4.39
N GLU C 1656 11.50 25.96 -4.04
CA GLU C 1656 12.83 26.54 -4.12
C GLU C 1656 13.80 25.82 -3.20
N THR C 1657 13.42 25.64 -1.94
CA THR C 1657 14.34 25.00 -1.01
C THR C 1657 14.53 23.53 -1.34
N LEU C 1658 13.52 22.89 -1.92
CA LEU C 1658 13.69 21.52 -2.38
C LEU C 1658 14.71 21.45 -3.49
N GLN C 1659 14.66 22.40 -4.42
CA GLN C 1659 15.65 22.43 -5.48
C GLN C 1659 17.05 22.63 -4.91
N ILE C 1660 17.21 23.56 -3.97
CA ILE C 1660 18.56 23.82 -3.46
C ILE C 1660 19.07 22.63 -2.67
N VAL C 1661 18.19 21.97 -1.90
CA VAL C 1661 18.58 20.78 -1.17
C VAL C 1661 19.03 19.68 -2.11
N ALA C 1662 18.22 19.40 -3.13
CA ALA C 1662 18.57 18.34 -4.07
C ALA C 1662 19.86 18.65 -4.79
N GLU C 1663 20.03 19.89 -5.22
CA GLU C 1663 21.24 20.29 -5.92
C GLU C 1663 22.48 20.05 -5.07
N ARG C 1664 22.46 20.56 -3.84
CA ARG C 1664 23.67 20.46 -3.04
C ARG C 1664 23.90 19.03 -2.54
N GLU C 1665 22.81 18.28 -2.33
CA GLU C 1665 22.95 16.87 -2.02
C GLU C 1665 23.63 16.11 -3.14
N ALA C 1666 23.22 16.36 -4.39
CA ALA C 1666 23.89 15.72 -5.51
C ALA C 1666 25.35 16.12 -5.58
N TYR C 1667 25.64 17.39 -5.33
CA TYR C 1667 27.02 17.84 -5.38
C TYR C 1667 27.88 17.08 -4.38
N TYR C 1668 27.44 17.04 -3.12
CA TYR C 1668 28.24 16.37 -2.10
C TYR C 1668 28.28 14.86 -2.31
N LEU C 1669 27.22 14.29 -2.86
CA LEU C 1669 27.22 12.85 -3.10
C LEU C 1669 28.22 12.48 -4.19
N TRP C 1670 28.25 13.27 -5.26
CA TRP C 1670 29.28 13.07 -6.27
C TRP C 1670 30.66 13.25 -5.69
N LYS C 1671 30.84 14.27 -4.86
CA LYS C 1671 32.12 14.45 -4.17
C LYS C 1671 32.48 13.25 -3.31
N GLN C 1672 31.48 12.55 -2.76
CA GLN C 1672 31.79 11.35 -1.99
C GLN C 1672 32.25 10.21 -2.88
N TYR C 1673 31.54 9.96 -3.97
CA TYR C 1673 31.84 8.76 -4.74
C TYR C 1673 32.98 8.96 -5.73
N ASN C 1674 32.86 9.93 -6.63
CA ASN C 1674 33.75 9.96 -7.79
C ASN C 1674 35.23 10.08 -7.47
N PRO C 1675 35.70 10.99 -6.62
CA PRO C 1675 37.15 11.11 -6.43
C PRO C 1675 37.78 9.91 -5.73
N THR C 1676 36.98 9.04 -5.12
CA THR C 1676 37.48 7.79 -4.55
C THR C 1676 37.49 6.75 -5.66
N GLY C 1677 38.62 6.66 -6.34
CA GLY C 1677 38.75 5.81 -7.52
C GLY C 1677 38.36 6.58 -8.76
N LYS C 1678 39.28 6.70 -9.71
CA LYS C 1678 39.08 7.58 -10.86
C LYS C 1678 38.52 6.87 -12.08
N GLY C 1679 38.03 5.64 -11.94
CA GLY C 1679 37.39 4.94 -13.04
C GLY C 1679 36.33 5.79 -13.70
N ILE C 1680 36.56 6.14 -14.97
CA ILE C 1680 35.69 7.07 -15.66
C ILE C 1680 34.26 6.57 -15.70
N ASP C 1681 34.06 5.25 -15.68
CA ASP C 1681 32.73 4.68 -15.64
C ASP C 1681 32.34 4.21 -14.24
N ASP C 1682 33.16 3.35 -13.64
CA ASP C 1682 32.77 2.73 -12.38
C ASP C 1682 32.44 3.77 -11.32
N ALA C 1683 33.35 4.73 -11.10
CA ALA C 1683 33.05 5.79 -10.16
C ALA C 1683 31.84 6.59 -10.60
N ASN C 1684 31.79 6.97 -11.87
CA ASN C 1684 30.67 7.77 -12.34
C ASN C 1684 29.37 6.99 -12.25
N LYS C 1685 29.37 5.72 -12.66
CA LYS C 1685 28.12 4.96 -12.62
C LYS C 1685 27.66 4.75 -11.19
N LYS C 1686 28.58 4.46 -10.27
CA LYS C 1686 28.19 4.30 -8.88
C LYS C 1686 27.63 5.60 -8.32
N ALA C 1687 28.28 6.72 -8.63
CA ALA C 1687 27.78 7.99 -8.13
C ALA C 1687 26.41 8.30 -8.69
N CYS C 1688 26.18 8.00 -9.97
CA CYS C 1688 24.89 8.27 -10.58
C CYS C 1688 23.81 7.39 -9.96
N CYS C 1689 24.12 6.14 -9.69
CA CYS C 1689 23.14 5.28 -9.02
C CYS C 1689 22.82 5.79 -7.62
N ALA C 1690 23.84 6.25 -6.90
CA ALA C 1690 23.59 6.82 -5.58
C ALA C 1690 22.71 8.05 -5.68
N ILE C 1691 22.93 8.88 -6.71
CA ILE C 1691 22.13 10.08 -6.87
C ILE C 1691 20.70 9.73 -7.24
N ARG C 1692 20.51 8.72 -8.08
CA ARG C 1692 19.15 8.23 -8.34
C ARG C 1692 18.47 7.83 -7.05
N GLY C 1693 19.19 7.07 -6.21
CA GLY C 1693 18.60 6.64 -4.95
C GLY C 1693 18.25 7.81 -4.05
N SER C 1694 19.14 8.80 -3.98
CA SER C 1694 18.87 9.96 -3.14
C SER C 1694 17.69 10.76 -3.67
N PHE C 1695 17.58 10.88 -4.99
CA PHE C 1695 16.46 11.59 -5.59
C PHE C 1695 15.15 10.88 -5.31
N TYR C 1696 15.15 9.55 -5.42
CA TYR C 1696 13.94 8.80 -5.14
C TYR C 1696 13.57 8.92 -3.67
N ASP C 1697 14.55 8.93 -2.78
CA ASP C 1697 14.25 9.12 -1.37
C ASP C 1697 13.66 10.50 -1.12
N LEU C 1698 14.17 11.53 -1.80
CA LEU C 1698 13.59 12.85 -1.69
C LEU C 1698 12.14 12.86 -2.17
N GLU C 1699 11.89 12.20 -3.29
CA GLU C 1699 10.54 12.07 -3.80
C GLU C 1699 9.63 11.41 -2.79
N ASP C 1700 10.11 10.37 -2.13
CA ASP C 1700 9.29 9.67 -1.16
C ASP C 1700 9.07 10.50 0.10
N ILE C 1701 10.04 11.32 0.48
CA ILE C 1701 9.82 12.23 1.60
C ILE C 1701 8.71 13.20 1.26
N ILE C 1702 8.74 13.76 0.05
CA ILE C 1702 7.68 14.67 -0.36
C ILE C 1702 6.33 13.97 -0.38
N LYS C 1703 6.28 12.81 -1.03
CA LYS C 1703 5.02 12.08 -1.17
C LYS C 1703 4.54 11.46 0.12
N GLY C 1704 5.35 11.47 1.17
CA GLY C 1704 4.94 10.87 2.42
C GLY C 1704 5.09 9.37 2.49
N ASN C 1705 5.78 8.77 1.52
CA ASN C 1705 6.00 7.33 1.50
C ASN C 1705 7.25 6.90 2.24
N ASP C 1706 8.00 7.83 2.82
CA ASP C 1706 9.30 7.48 3.39
C ASP C 1706 9.13 6.62 4.63
N LEU C 1707 10.05 5.67 4.78
CA LEU C 1707 10.01 4.74 5.91
C LEU C 1707 10.71 5.27 7.14
N VAL C 1708 11.40 6.40 7.06
CA VAL C 1708 12.21 6.91 8.15
C VAL C 1708 11.54 8.13 8.73
N HIS C 1709 11.19 8.06 10.01
CA HIS C 1709 10.77 9.22 10.77
C HIS C 1709 11.85 9.49 11.80
N ASP C 1710 12.88 10.19 11.38
CA ASP C 1710 13.99 10.54 12.27
C ASP C 1710 13.69 11.90 12.90
N GLU C 1711 14.72 12.50 13.50
CA GLU C 1711 14.53 13.79 14.15
C GLU C 1711 14.02 14.83 13.17
N TYR C 1712 14.41 14.74 11.89
CA TYR C 1712 14.01 15.70 10.87
C TYR C 1712 12.74 15.30 10.13
N THR C 1713 12.76 14.14 9.46
CA THR C 1713 11.69 13.82 8.53
C THR C 1713 10.35 13.63 9.23
N LYS C 1714 10.35 13.36 10.53
CA LYS C 1714 9.08 13.22 11.23
C LYS C 1714 8.32 14.54 11.26
N TYR C 1715 9.00 15.61 11.68
CA TYR C 1715 8.36 16.90 11.70
C TYR C 1715 8.10 17.41 10.28
N ILE C 1716 9.02 17.14 9.36
CA ILE C 1716 8.79 17.52 7.98
C ILE C 1716 7.54 16.83 7.44
N ASP C 1717 7.38 15.56 7.73
CA ASP C 1717 6.19 14.86 7.25
C ASP C 1717 4.93 15.45 7.86
N SER C 1718 4.95 15.69 9.18
CA SER C 1718 3.75 16.24 9.81
C SER C 1718 3.39 17.59 9.23
N LYS C 1719 4.36 18.48 9.11
CA LYS C 1719 4.03 19.80 8.60
C LYS C 1719 3.75 19.81 7.11
N LEU C 1720 4.28 18.86 6.34
CA LEU C 1720 3.85 18.74 4.96
C LEU C 1720 2.41 18.30 4.87
N ASN C 1721 1.99 17.41 5.79
CA ASN C 1721 0.58 17.08 5.86
C ASN C 1721 -0.24 18.32 6.19
N GLU C 1722 0.27 19.18 7.05
CA GLU C 1722 -0.43 20.44 7.32
C GLU C 1722 -0.52 21.30 6.07
N ILE C 1723 0.60 21.48 5.36
CA ILE C 1723 0.64 22.37 4.21
C ILE C 1723 -0.32 21.90 3.13
N PHE C 1724 -0.30 20.61 2.83
CA PHE C 1724 -1.14 20.09 1.76
C PHE C 1724 -2.49 19.60 2.24
N GLY C 1725 -2.80 19.75 3.52
CA GLY C 1725 -4.05 19.31 4.07
C GLY C 1725 -5.08 20.42 4.16
N SER C 1726 -6.21 20.09 4.78
CA SER C 1726 -7.31 21.01 4.98
C SER C 1726 -8.20 20.46 6.09
N SER C 1727 -9.31 21.14 6.35
CA SER C 1727 -10.22 20.68 7.40
C SER C 1727 -10.88 19.36 7.02
N ASN C 1728 -11.35 19.25 5.78
CA ASN C 1728 -12.13 18.09 5.34
C ASN C 1728 -11.29 17.06 4.61
N THR C 1729 -9.98 17.28 4.52
CA THR C 1729 -9.10 16.38 3.79
C THR C 1729 -8.65 15.25 4.71
N ASN C 1730 -8.89 14.02 4.29
CA ASN C 1730 -8.44 12.85 5.04
C ASN C 1730 -7.00 12.54 4.68
N ASP C 1731 -6.47 11.45 5.25
CA ASP C 1731 -5.08 11.09 4.99
C ASP C 1731 -4.86 10.70 3.53
N ILE C 1732 -5.80 9.94 2.96
CA ILE C 1732 -5.67 9.56 1.55
C ILE C 1732 -5.71 10.79 0.67
N ASP C 1733 -6.63 11.71 0.93
CA ASP C 1733 -6.70 12.92 0.12
C ASP C 1733 -5.42 13.75 0.26
N THR C 1734 -4.89 13.87 1.47
CA THR C 1734 -3.67 14.64 1.67
C THR C 1734 -2.49 14.00 0.94
N LYS C 1735 -2.36 12.68 1.05
CA LYS C 1735 -1.27 12.01 0.36
C LYS C 1735 -1.41 12.16 -1.14
N ARG C 1736 -2.64 12.08 -1.65
CA ARG C 1736 -2.88 12.30 -3.07
C ARG C 1736 -2.50 13.72 -3.47
N ALA C 1737 -2.81 14.70 -2.62
CA ALA C 1737 -2.45 16.07 -2.92
C ALA C 1737 -0.95 16.26 -2.99
N ARG C 1738 -0.21 15.69 -2.04
CA ARG C 1738 1.25 15.77 -2.11
C ARG C 1738 1.78 15.06 -3.35
N THR C 1739 1.22 13.89 -3.65
CA THR C 1739 1.71 13.10 -4.76
C THR C 1739 1.52 13.81 -6.09
N ASP C 1740 0.36 14.43 -6.29
CA ASP C 1740 0.15 15.07 -7.58
C ASP C 1740 0.62 16.51 -7.58
N TRP C 1741 1.00 17.05 -6.42
CA TRP C 1741 1.78 18.28 -6.44
C TRP C 1741 3.19 18.01 -6.91
N TRP C 1742 3.79 16.93 -6.45
CA TRP C 1742 5.15 16.57 -6.87
C TRP C 1742 5.13 16.11 -8.32
N GLU C 1743 4.39 15.05 -8.60
CA GLU C 1743 4.52 14.35 -9.87
C GLU C 1743 3.96 15.17 -11.02
N ASN C 1744 2.76 15.74 -10.84
CA ASN C 1744 2.10 16.49 -11.89
C ASN C 1744 2.60 17.93 -11.90
N GLU C 1745 2.50 18.56 -13.07
CA GLU C 1745 3.08 19.89 -13.23
C GLU C 1745 2.28 20.92 -12.47
N THR C 1746 2.49 20.99 -11.16
CA THR C 1746 1.85 21.99 -10.34
C THR C 1746 2.65 23.28 -10.25
N ILE C 1747 3.54 23.53 -11.19
CA ILE C 1747 4.26 24.80 -11.30
C ILE C 1747 4.10 25.32 -12.72
N THR C 1748 3.90 26.63 -12.84
CA THR C 1748 3.78 27.30 -14.13
C THR C 1748 4.96 28.25 -14.28
N ASN C 1749 5.64 28.16 -15.42
CA ASN C 1749 6.85 28.93 -15.65
C ASN C 1749 6.86 29.46 -17.09
N GLY C 1750 7.65 30.50 -17.30
CA GLY C 1750 7.87 31.00 -18.65
C GLY C 1750 8.64 30.06 -19.54
N THR C 1751 9.24 29.03 -18.97
CA THR C 1751 9.98 28.01 -19.71
C THR C 1751 9.04 26.85 -20.01
N ASP C 1752 9.61 25.75 -20.48
CA ASP C 1752 8.83 24.57 -20.85
C ASP C 1752 8.04 24.04 -19.66
N ARG C 1753 7.11 23.12 -19.92
CA ARG C 1753 6.23 22.56 -18.91
C ARG C 1753 7.07 21.64 -18.03
N LYS C 1754 7.76 22.23 -17.05
CA LYS C 1754 8.56 21.50 -16.11
C LYS C 1754 7.69 21.13 -14.91
N THR C 1755 7.67 19.86 -14.56
CA THR C 1755 7.01 19.42 -13.35
C THR C 1755 8.00 19.47 -12.19
N ILE C 1756 7.47 19.43 -10.96
CA ILE C 1756 8.31 19.58 -9.78
C ILE C 1756 9.39 18.50 -9.77
N ARG C 1757 9.02 17.28 -10.13
CA ARG C 1757 10.01 16.21 -10.26
C ARG C 1757 11.12 16.60 -11.22
N GLN C 1758 10.75 17.16 -12.37
CA GLN C 1758 11.75 17.54 -13.35
C GLN C 1758 12.66 18.65 -12.82
N LEU C 1759 12.08 19.62 -12.11
CA LEU C 1759 12.90 20.69 -11.55
C LEU C 1759 13.89 20.14 -10.55
N VAL C 1760 13.44 19.23 -9.69
CA VAL C 1760 14.34 18.65 -8.71
C VAL C 1760 15.45 17.87 -9.39
N TRP C 1761 15.11 17.09 -10.42
CA TRP C 1761 16.16 16.35 -11.12
C TRP C 1761 17.13 17.29 -11.82
N ASP C 1762 16.63 18.39 -12.35
CA ASP C 1762 17.53 19.36 -12.97
C ASP C 1762 18.46 19.97 -11.95
N ALA C 1763 17.96 20.21 -10.74
CA ALA C 1763 18.82 20.69 -9.67
C ALA C 1763 19.91 19.66 -9.35
N MET C 1764 19.54 18.38 -9.30
CA MET C 1764 20.52 17.32 -9.11
C MET C 1764 21.59 17.40 -10.19
N GLN C 1765 21.18 17.55 -11.44
CA GLN C 1765 22.13 17.64 -12.54
C GLN C 1765 23.04 18.85 -12.38
N SER C 1766 22.48 19.98 -11.96
CA SER C 1766 23.29 21.17 -11.78
C SER C 1766 24.36 20.96 -10.71
N GLY C 1767 23.98 20.30 -9.62
CA GLY C 1767 24.97 20.00 -8.59
C GLY C 1767 26.08 19.11 -9.10
N VAL C 1768 25.72 18.10 -9.89
CA VAL C 1768 26.74 17.23 -10.47
C VAL C 1768 27.64 18.04 -11.39
N ARG C 1769 27.08 18.96 -12.15
CA ARG C 1769 27.88 19.79 -13.03
C ARG C 1769 28.85 20.65 -12.23
N TYR C 1770 28.40 21.20 -11.11
CA TYR C 1770 29.31 21.97 -10.26
C TYR C 1770 30.48 21.12 -9.80
N ALA C 1771 30.18 19.90 -9.32
CA ALA C 1771 31.26 19.04 -8.83
C ALA C 1771 32.23 18.68 -9.96
N VAL C 1772 31.70 18.35 -11.13
CA VAL C 1772 32.55 17.97 -12.25
C VAL C 1772 33.39 19.15 -12.70
N GLU C 1773 32.82 20.35 -12.71
CA GLU C 1773 33.58 21.53 -13.04
C GLU C 1773 34.72 21.75 -12.05
N GLU C 1774 34.43 21.59 -10.77
CA GLU C 1774 35.49 21.75 -9.76
C GLU C 1774 36.61 20.74 -9.99
N LYS C 1775 36.27 19.50 -10.26
CA LYS C 1775 37.29 18.49 -10.53
C LYS C 1775 37.90 18.61 -11.93
N ASN C 1776 37.36 19.48 -12.78
CA ASN C 1776 37.78 19.61 -14.17
C ASN C 1776 37.70 18.26 -14.90
N GLU C 1777 36.67 17.49 -14.60
CA GLU C 1777 36.37 16.28 -15.32
C GLU C 1777 35.32 16.58 -16.38
N ASN C 1778 34.77 15.54 -16.99
CA ASN C 1778 33.73 15.68 -18.00
C ASN C 1778 32.40 15.24 -17.41
N PHE C 1779 31.34 15.97 -17.74
CA PHE C 1779 30.02 15.63 -17.25
C PHE C 1779 29.65 14.23 -17.74
N PRO C 1780 29.31 13.31 -16.85
CA PRO C 1780 29.04 11.94 -17.28
C PRO C 1780 27.82 11.86 -18.17
N LEU C 1781 27.85 10.90 -19.09
CA LEU C 1781 26.69 10.71 -19.98
C LEU C 1781 25.47 10.32 -19.17
N CYS C 1782 25.60 9.33 -18.30
CA CYS C 1782 24.61 9.15 -17.26
C CYS C 1782 24.58 10.39 -16.38
N MET C 1783 23.40 10.72 -15.87
CA MET C 1783 22.98 12.04 -15.41
C MET C 1783 22.64 12.97 -16.56
N GLY C 1784 22.84 12.53 -17.80
CA GLY C 1784 22.35 13.27 -18.93
C GLY C 1784 20.95 12.94 -19.34
N VAL C 1785 20.38 11.88 -18.77
CA VAL C 1785 19.03 11.48 -19.09
C VAL C 1785 18.06 12.52 -18.55
N GLU C 1786 17.17 13.01 -19.41
CA GLU C 1786 16.26 14.06 -19.00
C GLU C 1786 15.13 13.53 -18.12
N HIS C 1787 14.63 12.33 -18.41
CA HIS C 1787 13.52 11.76 -17.66
C HIS C 1787 14.01 10.57 -16.86
N ILE C 1788 13.56 10.49 -15.62
CA ILE C 1788 13.98 9.47 -14.66
C ILE C 1788 12.84 8.49 -14.47
N GLY C 1789 13.13 7.21 -14.60
CA GLY C 1789 12.11 6.19 -14.56
C GLY C 1789 11.41 6.07 -13.22
N ILE C 1790 10.47 5.13 -13.14
CA ILE C 1790 9.71 4.96 -11.92
C ILE C 1790 10.63 4.52 -10.79
N ALA C 1791 10.23 4.83 -9.58
CA ALA C 1791 10.94 4.44 -8.37
C ALA C 1791 10.35 3.12 -7.89
N LYS C 1792 11.19 2.10 -7.83
CA LYS C 1792 10.80 0.89 -7.12
C LYS C 1792 10.45 1.28 -5.68
N PRO C 1793 9.62 0.50 -5.00
CA PRO C 1793 9.24 0.86 -3.64
C PRO C 1793 10.47 1.00 -2.76
N GLN C 1794 10.38 1.92 -1.79
CA GLN C 1794 11.56 2.32 -1.04
C GLN C 1794 12.29 1.13 -0.46
N PHE C 1795 11.56 0.16 0.07
CA PHE C 1795 12.22 -1.01 0.64
C PHE C 1795 13.00 -1.76 -0.43
N ILE C 1796 12.45 -1.88 -1.64
CA ILE C 1796 13.16 -2.59 -2.69
C ILE C 1796 14.39 -1.82 -3.14
N ARG C 1797 14.28 -0.51 -3.24
CA ARG C 1797 15.46 0.27 -3.59
C ARG C 1797 16.55 0.10 -2.54
N TRP C 1798 16.17 0.11 -1.27
CA TRP C 1798 17.14 -0.08 -0.21
C TRP C 1798 17.72 -1.48 -0.22
N LEU C 1799 16.92 -2.46 -0.60
CA LEU C 1799 17.41 -3.83 -0.71
C LEU C 1799 18.45 -3.94 -1.80
N GLU C 1800 18.21 -3.32 -2.95
CA GLU C 1800 19.20 -3.32 -4.02
C GLU C 1800 20.46 -2.59 -3.58
N GLU C 1801 20.31 -1.48 -2.86
CA GLU C 1801 21.47 -0.77 -2.34
C GLU C 1801 22.26 -1.65 -1.39
N TRP C 1802 21.57 -2.34 -0.49
CA TRP C 1802 22.24 -3.22 0.45
C TRP C 1802 23.01 -4.29 -0.29
N THR C 1803 22.39 -4.90 -1.29
CA THR C 1803 23.05 -5.96 -2.02
C THR C 1803 24.29 -5.44 -2.76
N ASN C 1804 24.16 -4.29 -3.42
CA ASN C 1804 25.30 -3.75 -4.16
C ASN C 1804 26.44 -3.41 -3.22
N GLU C 1805 26.15 -2.74 -2.10
CA GLU C 1805 27.18 -2.42 -1.13
C GLU C 1805 27.81 -3.68 -0.57
N PHE C 1806 26.98 -4.65 -0.20
CA PHE C 1806 27.48 -5.90 0.33
C PHE C 1806 28.43 -6.56 -0.65
N CYS C 1807 28.07 -6.58 -1.93
CA CYS C 1807 28.89 -7.31 -2.88
C CYS C 1807 30.19 -6.59 -3.17
N GLU C 1808 30.15 -5.27 -3.30
CA GLU C 1808 31.41 -4.55 -3.52
C GLU C 1808 32.33 -4.69 -2.32
N LYS C 1809 31.80 -4.55 -1.10
CA LYS C 1809 32.65 -4.71 0.06
C LYS C 1809 33.08 -6.15 0.25
N TYR C 1810 32.27 -7.10 -0.20
CA TYR C 1810 32.66 -8.49 -0.10
C TYR C 1810 33.83 -8.79 -1.01
N THR C 1811 33.76 -8.35 -2.26
CA THR C 1811 34.91 -8.54 -3.14
C THR C 1811 36.13 -7.86 -2.57
N LYS C 1812 35.97 -6.63 -2.05
CA LYS C 1812 37.10 -5.92 -1.47
C LYS C 1812 37.74 -6.72 -0.32
N TYR C 1813 36.93 -7.10 0.67
CA TYR C 1813 37.47 -7.75 1.85
C TYR C 1813 38.00 -9.14 1.52
N PHE C 1814 37.30 -9.89 0.67
CA PHE C 1814 37.78 -11.23 0.38
C PHE C 1814 39.03 -11.20 -0.46
N GLU C 1815 39.16 -10.27 -1.40
CA GLU C 1815 40.43 -10.16 -2.12
C GLU C 1815 41.55 -9.76 -1.17
N ASP C 1816 41.25 -8.89 -0.21
CA ASP C 1816 42.25 -8.56 0.81
C ASP C 1816 42.70 -9.81 1.54
N MET C 1817 41.75 -10.59 2.06
CA MET C 1817 42.12 -11.79 2.82
C MET C 1817 42.78 -12.83 1.93
N LYS C 1818 42.36 -12.91 0.67
CA LYS C 1818 42.95 -13.82 -0.29
C LYS C 1818 44.42 -13.52 -0.50
N SER C 1819 44.74 -12.27 -0.83
CA SER C 1819 46.12 -11.92 -1.12
C SER C 1819 46.94 -11.65 0.12
N LYS C 1820 46.33 -11.66 1.31
CA LYS C 1820 47.07 -11.29 2.51
C LYS C 1820 47.15 -12.42 3.54
N CYS C 1821 46.03 -12.99 3.94
CA CYS C 1821 46.07 -13.99 5.01
C CYS C 1821 46.22 -15.40 4.51
N ASP C 1822 45.21 -15.89 3.80
CA ASP C 1822 45.28 -17.23 3.25
C ASP C 1822 46.23 -17.13 2.05
N PRO C 1823 46.89 -18.21 1.64
CA PRO C 1823 48.24 -18.07 1.11
C PRO C 1823 48.28 -17.15 -0.09
N PRO C 1824 49.10 -16.11 -0.03
CA PRO C 1824 49.32 -15.29 -1.22
C PRO C 1824 50.05 -16.09 -2.27
N LYS C 1825 50.35 -15.47 -3.41
CA LYS C 1825 51.00 -16.17 -4.50
C LYS C 1825 52.47 -16.44 -4.18
N ARG C 1826 52.85 -16.19 -2.92
CA ARG C 1826 54.24 -16.26 -2.49
C ARG C 1826 54.41 -17.07 -1.20
N ALA C 1827 53.87 -18.30 -1.16
CA ALA C 1827 54.23 -19.23 -0.10
C ALA C 1827 53.87 -18.72 1.29
N ASP C 1828 52.58 -18.75 1.65
CA ASP C 1828 52.03 -18.01 2.80
C ASP C 1828 53.02 -17.89 3.95
N THR C 1829 53.73 -18.96 4.28
CA THR C 1829 54.76 -18.88 5.31
C THR C 1829 55.75 -17.76 5.03
N CYS C 1830 56.02 -17.50 3.75
CA CYS C 1830 56.80 -16.34 3.31
C CYS C 1830 55.94 -15.37 2.49
N GLY C 1831 54.65 -15.29 2.81
CA GLY C 1831 53.73 -14.44 2.07
C GLY C 1831 53.75 -13.01 2.57
N ASP C 1832 52.67 -12.29 2.25
CA ASP C 1832 52.47 -10.90 2.68
C ASP C 1832 52.13 -10.79 4.14
N ASN C 1833 52.21 -11.87 4.91
CA ASN C 1833 51.83 -11.87 6.31
C ASN C 1833 52.94 -12.43 7.19
N SER C 1834 53.22 -11.72 8.28
CA SER C 1834 54.02 -12.24 9.38
C SER C 1834 53.17 -12.95 10.42
N ASN C 1835 51.99 -13.43 10.00
CA ASN C 1835 50.97 -14.02 10.85
C ASN C 1835 50.38 -13.02 11.83
N ILE C 1836 50.68 -11.74 11.68
CA ILE C 1836 50.11 -10.71 12.54
C ILE C 1836 49.30 -9.70 11.76
N GLU C 1837 49.59 -9.49 10.47
CA GLU C 1837 48.76 -8.62 9.63
C GLU C 1837 47.75 -9.41 8.82
N CYS C 1838 47.98 -10.70 8.60
CA CYS C 1838 46.91 -11.57 8.13
C CYS C 1838 45.74 -11.54 9.09
N LYS C 1839 46.04 -11.45 10.39
CA LYS C 1839 45.01 -11.24 11.40
C LYS C 1839 44.16 -10.03 11.07
N LYS C 1840 44.77 -8.96 10.55
CA LYS C 1840 44.00 -7.77 10.19
C LYS C 1840 42.96 -8.10 9.12
N ALA C 1841 43.39 -8.76 8.05
CA ALA C 1841 42.45 -9.07 6.96
C ALA C 1841 41.33 -9.98 7.44
N CYS C 1842 41.66 -11.03 8.19
CA CYS C 1842 40.60 -11.92 8.65
C CYS C 1842 39.69 -11.21 9.64
N ALA C 1843 40.25 -10.32 10.45
CA ALA C 1843 39.42 -9.55 11.35
C ALA C 1843 38.44 -8.68 10.60
N ASN C 1844 38.91 -7.97 9.58
CA ASN C 1844 38.01 -7.15 8.79
C ASN C 1844 36.90 -8.00 8.17
N TYR C 1845 37.27 -9.12 7.54
CA TYR C 1845 36.26 -9.93 6.89
C TYR C 1845 35.22 -10.42 7.89
N THR C 1846 35.68 -11.05 8.97
CA THR C 1846 34.74 -11.65 9.91
C THR C 1846 33.89 -10.60 10.60
N ASN C 1847 34.47 -9.43 10.89
CA ASN C 1847 33.71 -8.40 11.60
C ASN C 1847 32.72 -7.71 10.70
N TRP C 1848 33.07 -7.50 9.43
CA TRP C 1848 32.10 -6.95 8.50
C TRP C 1848 30.98 -7.93 8.19
N LEU C 1849 31.30 -9.22 8.15
CA LEU C 1849 30.30 -10.20 7.78
C LEU C 1849 29.21 -10.35 8.84
N ASN C 1850 29.57 -10.31 10.12
CA ASN C 1850 28.63 -10.70 11.17
C ASN C 1850 27.36 -9.87 11.18
N PRO C 1851 27.39 -8.53 11.22
CA PRO C 1851 26.13 -7.79 11.22
C PRO C 1851 25.35 -7.96 9.93
N LYS C 1852 26.05 -8.10 8.81
CA LYS C 1852 25.39 -8.23 7.52
C LYS C 1852 24.48 -9.45 7.50
N ARG C 1853 24.81 -10.48 8.27
CA ARG C 1853 23.97 -11.66 8.32
C ARG C 1853 22.62 -11.36 8.97
N ILE C 1854 22.63 -10.64 10.09
CA ILE C 1854 21.39 -10.24 10.73
C ILE C 1854 20.59 -9.32 9.83
N GLU C 1855 21.26 -8.36 9.20
CA GLU C 1855 20.55 -7.45 8.31
C GLU C 1855 19.90 -8.21 7.16
N TRP C 1856 20.62 -9.17 6.59
CA TRP C 1856 20.07 -9.94 5.49
C TRP C 1856 18.88 -10.77 5.94
N ASN C 1857 18.96 -11.36 7.13
CA ASN C 1857 17.82 -12.11 7.64
C ASN C 1857 16.60 -11.23 7.77
N GLY C 1858 16.77 -10.03 8.33
CA GLY C 1858 15.65 -9.13 8.48
C GLY C 1858 15.06 -8.72 7.15
N MET C 1859 15.91 -8.33 6.20
CA MET C 1859 15.40 -7.89 4.91
C MET C 1859 14.71 -9.01 4.16
N SER C 1860 15.25 -10.23 4.21
CA SER C 1860 14.59 -11.35 3.55
C SER C 1860 13.25 -11.64 4.20
N ASN C 1861 13.19 -11.58 5.53
CA ASN C 1861 11.92 -11.84 6.19
C ASN C 1861 10.89 -10.78 5.85
N TYR C 1862 11.33 -9.55 5.60
CA TYR C 1862 10.38 -8.53 5.19
C TYR C 1862 9.94 -8.74 3.74
N TYR C 1863 10.87 -9.07 2.86
CA TYR C 1863 10.51 -9.32 1.47
C TYR C 1863 9.48 -10.44 1.38
N ASN C 1864 9.70 -11.52 2.12
CA ASN C 1864 8.79 -12.66 2.06
C ASN C 1864 7.37 -12.30 2.46
N LYS C 1865 7.18 -11.27 3.26
CA LYS C 1865 5.83 -10.84 3.59
C LYS C 1865 5.38 -9.65 2.78
N ILE C 1866 6.22 -9.10 1.91
CA ILE C 1866 5.84 -7.90 1.19
C ILE C 1866 5.62 -8.13 -0.30
N TYR C 1867 6.19 -9.19 -0.89
CA TYR C 1867 6.14 -9.30 -2.34
C TYR C 1867 4.74 -9.62 -2.84
N ARG C 1868 4.47 -9.19 -4.07
CA ARG C 1868 3.20 -9.42 -4.75
C ARG C 1868 2.01 -8.97 -3.90
N LYS C 1869 2.17 -7.83 -3.26
CA LYS C 1869 1.11 -7.22 -2.48
C LYS C 1869 0.71 -5.88 -3.10
N SER C 1870 -0.58 -5.68 -3.24
CA SER C 1870 -1.10 -4.42 -3.73
C SER C 1870 -1.09 -3.40 -2.61
N ASN C 1871 -1.66 -2.22 -2.85
CA ASN C 1871 -1.83 -1.28 -1.76
C ASN C 1871 -2.77 -1.84 -0.70
N LYS C 1872 -3.85 -2.48 -1.13
CA LYS C 1872 -4.87 -2.96 -0.22
C LYS C 1872 -4.42 -4.15 0.61
N GLU C 1873 -3.35 -4.83 0.20
CA GLU C 1873 -2.88 -6.02 0.90
C GLU C 1873 -1.62 -5.79 1.71
N SER C 1874 -0.75 -4.89 1.28
CA SER C 1874 0.51 -4.69 1.99
C SER C 1874 0.25 -4.08 3.36
N GLU C 1875 1.10 -4.45 4.32
CA GLU C 1875 0.93 -3.95 5.69
C GLU C 1875 0.96 -2.43 5.71
N ASP C 1876 1.94 -1.84 5.05
CA ASP C 1876 1.92 -0.40 4.81
C ASP C 1876 1.18 -0.11 3.51
N GLY C 1877 0.84 1.16 3.32
CA GLY C 1877 -0.09 1.49 2.26
C GLY C 1877 0.46 1.42 0.86
N LYS C 1878 1.75 1.20 0.69
CA LYS C 1878 2.37 1.22 -0.63
C LYS C 1878 2.33 -0.17 -1.25
N ASP C 1879 2.32 -0.19 -2.58
CA ASP C 1879 2.15 -1.43 -3.32
C ASP C 1879 3.48 -1.96 -3.84
N TYR C 1880 3.56 -3.28 -3.90
CA TYR C 1880 4.73 -3.99 -4.38
C TYR C 1880 4.35 -4.97 -5.47
N SER C 1881 3.33 -4.64 -6.25
CA SER C 1881 2.88 -5.54 -7.30
C SER C 1881 3.98 -5.83 -8.31
N MET C 1882 4.88 -4.87 -8.54
CA MET C 1882 5.86 -5.04 -9.59
C MET C 1882 6.91 -6.09 -9.25
N ILE C 1883 7.01 -6.50 -8.00
CA ILE C 1883 8.03 -7.45 -7.57
C ILE C 1883 7.40 -8.82 -7.42
N MET C 1884 7.46 -9.62 -8.47
CA MET C 1884 7.06 -11.01 -8.42
C MET C 1884 8.32 -11.85 -8.47
N ALA C 1885 8.63 -12.49 -7.36
CA ALA C 1885 9.74 -13.41 -7.27
C ALA C 1885 9.54 -14.20 -5.99
N PRO C 1886 9.62 -15.52 -6.02
CA PRO C 1886 9.29 -16.29 -4.84
C PRO C 1886 10.13 -15.93 -3.63
N THR C 1887 11.42 -15.67 -3.83
CA THR C 1887 12.33 -15.38 -2.74
C THR C 1887 13.16 -14.16 -3.07
N VAL C 1888 13.66 -13.52 -2.01
CA VAL C 1888 14.49 -12.34 -2.18
C VAL C 1888 15.71 -12.66 -3.02
N ILE C 1889 16.22 -13.89 -2.89
CA ILE C 1889 17.39 -14.27 -3.69
C ILE C 1889 17.01 -14.30 -5.17
N ASP C 1890 15.83 -14.82 -5.50
CA ASP C 1890 15.41 -14.82 -6.90
C ASP C 1890 15.22 -13.40 -7.40
N TYR C 1891 14.67 -12.52 -6.58
CA TYR C 1891 14.50 -11.14 -7.02
C TYR C 1891 15.86 -10.50 -7.31
N LEU C 1892 16.79 -10.62 -6.37
CA LEU C 1892 18.11 -10.03 -6.56
C LEU C 1892 18.85 -10.73 -7.69
N ASN C 1893 18.47 -11.97 -8.00
CA ASN C 1893 19.09 -12.65 -9.12
C ASN C 1893 18.64 -12.02 -10.43
N LYS C 1894 17.35 -11.73 -10.54
CA LYS C 1894 16.87 -10.99 -11.69
C LYS C 1894 17.50 -9.61 -11.77
N ARG C 1895 17.74 -8.97 -10.63
CA ARG C 1895 18.12 -7.57 -10.61
C ARG C 1895 19.62 -7.34 -10.77
N CYS C 1896 20.44 -8.01 -9.98
CA CYS C 1896 21.89 -7.90 -10.04
C CYS C 1896 22.49 -8.67 -11.19
N HIS C 1897 21.65 -9.10 -12.13
CA HIS C 1897 22.12 -9.97 -13.21
C HIS C 1897 23.14 -9.27 -14.09
N GLY C 1898 22.99 -7.98 -14.34
CA GLY C 1898 23.79 -7.28 -15.31
C GLY C 1898 25.03 -6.64 -14.72
N GLU C 1899 25.59 -5.72 -15.50
CA GLU C 1899 26.72 -4.89 -15.08
C GLU C 1899 26.23 -3.46 -14.89
N ILE C 1900 26.62 -2.85 -13.77
CA ILE C 1900 26.05 -1.56 -13.39
C ILE C 1900 26.32 -0.53 -14.48
N ASN C 1901 25.30 0.26 -14.81
CA ASN C 1901 25.43 1.26 -15.86
C ASN C 1901 25.03 2.65 -15.43
N GLY C 1902 24.07 2.79 -14.52
CA GLY C 1902 23.61 4.09 -14.10
C GLY C 1902 22.11 4.23 -14.17
N ASN C 1903 21.47 3.44 -15.03
CA ASN C 1903 20.02 3.43 -15.15
C ASN C 1903 19.47 2.02 -14.96
N TYR C 1904 18.59 1.89 -13.97
CA TYR C 1904 17.72 0.74 -13.78
C TYR C 1904 18.49 -0.48 -13.33
N ILE C 1905 19.82 -0.42 -13.39
CA ILE C 1905 20.65 -1.49 -12.83
C ILE C 1905 21.71 -0.86 -11.94
N CYS C 1906 21.41 -0.79 -10.65
CA CYS C 1906 22.29 -0.13 -9.70
C CYS C 1906 23.03 -1.13 -8.83
N CYS C 1907 23.31 -2.32 -9.34
CA CYS C 1907 23.97 -3.35 -8.56
C CYS C 1907 24.50 -4.43 -9.48
N SER C 1908 25.63 -5.01 -9.08
CA SER C 1908 26.20 -6.13 -9.79
C SER C 1908 26.88 -7.03 -8.77
N CYS C 1909 26.99 -8.31 -9.11
CA CYS C 1909 27.52 -9.32 -8.19
C CYS C 1909 28.34 -10.30 -9.00
N LYS C 1910 29.65 -10.21 -8.91
CA LYS C 1910 30.54 -11.10 -9.64
C LYS C 1910 31.26 -12.00 -8.66
N ASN C 1911 31.27 -13.31 -8.96
CA ASN C 1911 32.11 -14.26 -8.25
C ASN C 1911 31.79 -14.33 -6.77
N ILE C 1912 30.61 -13.85 -6.39
CA ILE C 1912 30.25 -13.83 -4.98
C ILE C 1912 29.99 -15.24 -4.51
N GLY C 1913 30.28 -15.48 -3.24
CA GLY C 1913 30.03 -16.75 -2.60
C GLY C 1913 31.09 -17.80 -2.82
N ALA C 1914 31.10 -18.49 -3.96
CA ALA C 1914 31.98 -19.65 -4.03
C ALA C 1914 32.86 -19.74 -5.28
N TYR C 1915 32.34 -19.40 -6.44
CA TYR C 1915 33.08 -19.76 -7.63
C TYR C 1915 33.17 -18.58 -8.58
N ASN C 1916 34.20 -18.61 -9.40
CA ASN C 1916 34.54 -17.48 -10.27
C ASN C 1916 34.06 -17.72 -11.70
N THR C 1917 32.74 -17.78 -11.87
CA THR C 1917 32.10 -17.70 -13.17
C THR C 1917 30.76 -16.98 -13.02
N THR C 1918 30.07 -16.81 -14.15
CA THR C 1918 28.79 -16.13 -14.22
C THR C 1918 27.72 -17.11 -14.71
N SER C 1919 26.52 -16.58 -14.91
CA SER C 1919 25.39 -17.37 -15.36
C SER C 1919 25.50 -17.69 -16.85
N GLY C 1920 25.38 -18.97 -17.17
CA GLY C 1920 25.24 -20.02 -16.18
C GLY C 1920 26.33 -21.07 -16.30
N THR C 1921 26.97 -21.40 -15.18
CA THR C 1921 28.05 -22.37 -15.20
C THR C 1921 27.54 -23.80 -15.35
N VAL C 1922 26.45 -24.14 -14.66
CA VAL C 1922 25.80 -25.45 -14.78
C VAL C 1922 24.29 -25.20 -14.88
N ASN C 1923 23.77 -25.26 -16.10
CA ASN C 1923 22.34 -25.07 -16.32
C ASN C 1923 21.59 -26.40 -16.20
N LYS C 1924 20.36 -26.31 -15.71
CA LYS C 1924 19.47 -27.47 -15.69
C LYS C 1924 18.72 -27.66 -16.99
N LYS C 1925 18.94 -26.78 -17.98
CA LYS C 1925 18.31 -26.93 -19.29
C LYS C 1925 18.69 -28.24 -19.94
N LEU C 1926 19.91 -28.72 -19.71
CA LEU C 1926 20.41 -29.95 -20.32
C LEU C 1926 20.04 -31.21 -19.53
N GLN C 1927 19.60 -31.07 -18.28
CA GLN C 1927 19.21 -32.22 -17.47
C GLN C 1927 17.71 -32.27 -17.25
N LYS C 1928 17.12 -31.22 -16.67
CA LYS C 1928 15.68 -31.13 -16.54
C LYS C 1928 15.28 -29.69 -16.22
N LYS C 1929 14.53 -29.07 -17.12
CA LYS C 1929 14.15 -27.66 -16.97
C LYS C 1929 13.31 -27.47 -15.71
N GLU C 1930 13.54 -26.35 -15.01
CA GLU C 1930 14.48 -25.32 -15.44
C GLU C 1930 15.58 -25.08 -14.41
N THR C 1931 16.43 -24.09 -14.67
CA THR C 1931 17.41 -23.63 -13.71
C THR C 1931 16.80 -22.53 -12.85
N GLU C 1932 16.75 -22.77 -11.55
CA GLU C 1932 16.08 -21.89 -10.59
C GLU C 1932 17.13 -20.95 -10.01
N CYS C 1933 17.36 -19.81 -10.67
CA CYS C 1933 18.25 -18.80 -10.10
C CYS C 1933 17.53 -17.49 -9.79
N GLU C 1934 16.92 -16.76 -10.74
CA GLU C 1934 17.20 -16.68 -12.18
C GLU C 1934 17.51 -15.20 -12.50
N GLU C 1935 18.75 -14.83 -12.83
CA GLU C 1935 19.89 -15.74 -12.91
C GLU C 1935 20.87 -15.44 -11.76
N GLU C 1936 21.72 -16.42 -11.46
CA GLU C 1936 22.31 -16.53 -10.12
C GLU C 1936 23.24 -15.37 -9.79
N LYS C 1937 24.14 -15.00 -10.71
CA LYS C 1937 25.27 -14.13 -10.36
C LYS C 1937 26.02 -14.71 -9.17
N GLY C 1938 26.53 -15.93 -9.39
CA GLY C 1938 26.93 -16.77 -8.29
C GLY C 1938 25.65 -17.37 -7.75
N PRO C 1939 25.64 -18.65 -7.40
CA PRO C 1939 24.36 -19.27 -7.00
C PRO C 1939 23.84 -18.59 -5.74
N LEU C 1940 23.27 -17.40 -5.95
CA LEU C 1940 23.17 -16.37 -4.93
C LEU C 1940 22.41 -16.89 -3.72
N ASP C 1941 21.86 -18.10 -3.82
CA ASP C 1941 21.61 -18.86 -2.60
C ASP C 1941 22.84 -18.84 -1.72
N LEU C 1942 24.03 -18.79 -2.32
CA LEU C 1942 25.30 -18.67 -1.62
C LEU C 1942 25.29 -17.50 -0.65
N MET C 1943 24.39 -16.53 -0.85
CA MET C 1943 24.24 -15.49 0.15
C MET C 1943 24.03 -16.07 1.53
N ASN C 1944 23.21 -17.11 1.64
CA ASN C 1944 23.07 -17.77 2.93
C ASN C 1944 24.36 -18.48 3.33
N GLU C 1945 24.97 -19.20 2.38
CA GLU C 1945 26.21 -19.89 2.68
C GLU C 1945 27.33 -18.90 2.99
N VAL C 1946 27.43 -17.82 2.22
CA VAL C 1946 28.52 -16.89 2.47
C VAL C 1946 28.34 -16.19 3.82
N LEU C 1947 27.10 -15.90 4.20
CA LEU C 1947 26.84 -15.27 5.48
C LEU C 1947 26.98 -16.23 6.64
N ASN C 1948 26.83 -17.53 6.42
CA ASN C 1948 27.12 -18.53 7.44
C ASN C 1948 28.51 -19.10 7.33
N LYS C 1949 29.34 -18.53 6.45
CA LYS C 1949 30.73 -18.94 6.30
C LYS C 1949 30.85 -20.42 5.91
N MET C 1950 29.97 -20.86 5.03
CA MET C 1950 30.03 -22.21 4.50
C MET C 1950 30.33 -22.25 3.02
N ASP C 1951 30.60 -21.12 2.39
CA ASP C 1951 30.92 -21.11 0.98
C ASP C 1951 32.30 -21.72 0.74
N LYS C 1952 32.54 -22.12 -0.50
CA LYS C 1952 33.84 -22.68 -0.85
C LYS C 1952 34.94 -21.65 -0.68
N LYS C 1953 34.72 -20.43 -1.17
CA LYS C 1953 35.75 -19.41 -1.13
C LYS C 1953 36.27 -19.19 0.28
N TYR C 1954 35.37 -19.10 1.25
CA TYR C 1954 35.82 -18.97 2.63
C TYR C 1954 36.31 -20.29 3.20
N SER C 1955 35.74 -21.42 2.76
CA SER C 1955 36.17 -22.70 3.28
C SER C 1955 37.64 -22.95 2.98
N ALA C 1956 38.15 -22.36 1.91
CA ALA C 1956 39.59 -22.39 1.69
C ALA C 1956 40.32 -21.65 2.80
N HIS C 1957 39.70 -20.64 3.39
CA HIS C 1957 40.33 -19.74 4.34
C HIS C 1957 39.86 -20.00 5.76
N LYS C 1958 38.96 -20.96 5.96
CA LYS C 1958 38.27 -21.11 7.23
C LYS C 1958 39.24 -21.40 8.38
N MET C 1959 40.20 -22.29 8.14
CA MET C 1959 41.06 -22.79 9.22
C MET C 1959 41.80 -21.65 9.91
N LYS C 1960 42.70 -21.02 9.18
CA LYS C 1960 43.61 -20.09 9.84
C LYS C 1960 42.91 -18.83 10.24
N CYS C 1961 41.85 -18.46 9.52
CA CYS C 1961 41.02 -17.34 9.94
C CYS C 1961 40.49 -17.56 11.34
N THR C 1962 39.92 -18.72 11.60
CA THR C 1962 39.39 -19.00 12.93
C THR C 1962 40.51 -19.07 13.96
N GLU C 1963 41.62 -19.73 13.65
CA GLU C 1963 42.65 -19.86 14.68
C GLU C 1963 43.24 -18.50 15.04
N VAL C 1964 43.46 -17.63 14.06
CA VAL C 1964 44.03 -16.33 14.37
C VAL C 1964 42.97 -15.47 15.05
N TYR C 1965 41.69 -15.68 14.74
CA TYR C 1965 40.64 -15.01 15.48
C TYR C 1965 40.70 -15.38 16.96
N LEU C 1966 40.93 -16.65 17.25
CA LEU C 1966 41.04 -17.06 18.65
C LEU C 1966 42.26 -16.45 19.32
N GLU C 1967 43.39 -16.39 18.62
CA GLU C 1967 44.55 -15.73 19.20
C GLU C 1967 44.23 -14.26 19.51
N HIS C 1968 43.55 -13.59 18.60
CA HIS C 1968 43.15 -12.20 18.83
C HIS C 1968 42.24 -12.10 20.04
N VAL C 1969 41.27 -13.01 20.16
CA VAL C 1969 40.38 -12.99 21.31
C VAL C 1969 41.18 -13.12 22.59
N GLU C 1970 42.10 -14.08 22.61
CA GLU C 1970 42.89 -14.33 23.81
C GLU C 1970 43.66 -13.10 24.24
N GLU C 1971 44.43 -12.51 23.32
CA GLU C 1971 45.29 -11.40 23.72
C GLU C 1971 44.46 -10.15 24.02
N GLN C 1972 43.48 -9.84 23.17
CA GLN C 1972 42.63 -8.69 23.44
C GLN C 1972 41.88 -8.84 24.74
N LEU C 1973 41.61 -10.07 25.18
CA LEU C 1973 40.98 -10.29 26.46
C LEU C 1973 41.96 -10.12 27.62
N ASN C 1974 43.20 -10.55 27.42
CA ASN C 1974 44.23 -10.21 28.42
C ASN C 1974 44.38 -8.71 28.55
N GLU C 1975 44.01 -7.97 27.50
CA GLU C 1975 44.06 -6.51 27.59
C GLU C 1975 42.81 -5.94 28.25
N ILE C 1976 41.63 -6.45 27.90
CA ILE C 1976 40.40 -5.92 28.48
C ILE C 1976 40.35 -6.15 29.99
N ASP C 1977 40.78 -7.32 30.45
CA ASP C 1977 40.72 -7.61 31.87
C ASP C 1977 41.57 -6.63 32.67
N ASN C 1978 42.67 -6.16 32.09
CA ASN C 1978 43.53 -5.21 32.79
C ASN C 1978 43.18 -3.76 32.49
N ALA C 1979 42.19 -3.51 31.63
CA ALA C 1979 41.72 -2.15 31.34
C ALA C 1979 40.49 -1.78 32.13
N ILE C 1980 39.59 -2.74 32.36
CA ILE C 1980 38.49 -2.51 33.30
C ILE C 1980 39.04 -2.14 34.67
N LYS C 1981 39.98 -2.92 35.18
CA LYS C 1981 40.62 -2.60 36.43
C LYS C 1981 41.53 -1.39 36.29
N ASP C 1982 41.99 -1.09 35.07
CA ASP C 1982 42.78 0.12 34.85
C ASP C 1982 41.97 1.38 35.15
N TYR C 1983 40.92 1.60 34.37
CA TYR C 1983 40.25 2.89 34.48
C TYR C 1983 39.16 2.92 35.52
N LYS C 1984 38.55 1.78 35.87
CA LYS C 1984 37.78 1.78 37.11
C LYS C 1984 38.71 2.01 38.29
N LEU C 1985 39.85 1.33 38.30
CA LEU C 1985 40.98 1.61 39.19
C LEU C 1985 40.59 1.35 40.65
N TYR C 1986 39.31 1.12 40.87
CA TYR C 1986 38.73 0.78 42.15
C TYR C 1986 38.91 -0.70 42.44
N PRO C 1987 38.65 -1.60 41.46
CA PRO C 1987 38.80 -3.03 41.77
C PRO C 1987 40.25 -3.50 41.85
N LEU C 1988 41.10 -3.15 40.88
CA LEU C 1988 42.39 -3.83 40.79
C LEU C 1988 43.38 -3.08 39.89
N ASP C 1989 44.47 -3.73 39.52
CA ASP C 1989 45.70 -3.16 38.95
C ASP C 1989 45.47 -2.24 37.75
N ARG C 1990 46.53 -1.52 37.35
CA ARG C 1990 46.51 -0.58 36.23
C ARG C 1990 45.62 0.62 36.53
#